data_5OEV
#
_entry.id   5OEV
#
_cell.length_a   62.258
_cell.length_b   122.393
_cell.length_c   132.769
_cell.angle_alpha   90.000
_cell.angle_beta   97.610
_cell.angle_gamma   90.000
#
_symmetry.space_group_name_H-M   'P 1 21 1'
#
loop_
_entity.id
_entity.type
_entity.pdbx_description
1 polymer 'Glutathione synthetase-like effector 22 (Gpa-GSS22-apo)'
2 water water
#
_entity_poly.entity_id   1
_entity_poly.type   'polypeptide(L)'
_entity_poly.pdbx_seq_one_letter_code
;MNCDNAKFIIFFFFIIFLCANFAVCNELEDYVEKSVNSETKLHKLADFAIDWAHNNGLILRTKQFLNKSDVAEFAPVSLL
PSPFPRHAFEKAVAVHEALQLLYFRVACDYEFMMDAYKDVVNTDNHLRQLVNIIKDAHKQGIKQPTTLLIMRADYMLNTL
NSKGNDDEYELKQVEVNTGAIGGLGIDRRTTELHRQMLRKVGMDTSNSPANNGDSNMIESLFMAWEAFGNKNALFVFLSH
ERLQYKFELRNIQCQLEELSNGQMKVEYVSLKAGYEQLKLGEDYSLLLNGEIVGVVYSTISALGHQANAREMEARRTIEL
SNAIKAPSLAIAISSSKKIQQLLTTPGTLERFFPSATEADKVAAIRETFTGLWGLEKSDDQTERRIKDAIENPANYVLKS
NGECGGNNFYDEALAEKLRTMPQAERASHILMQKLIPMATKNYFLRPFHEPKLNVVVGELGVNGTLLGNLRDQSVRHNVQ
SGHLLRTKLREANEGGISVGTGVGDSPYLF
;
_entity_poly.pdbx_strand_id   A,B,C,D
#
# COMPACT_ATOMS: atom_id res chain seq x y z
N TYR A 31 18.90 -14.16 26.11
CA TYR A 31 17.58 -14.21 26.81
C TYR A 31 16.37 -14.15 25.89
N VAL A 32 16.50 -13.51 24.73
CA VAL A 32 15.37 -13.32 23.81
C VAL A 32 14.90 -14.66 23.25
N GLU A 33 15.84 -15.49 22.82
CA GLU A 33 15.54 -16.84 22.34
C GLU A 33 14.92 -17.73 23.42
N LYS A 34 15.45 -17.66 24.64
CA LYS A 34 14.89 -18.41 25.78
C LYS A 34 13.47 -17.96 26.13
N SER A 35 13.23 -16.65 26.05
CA SER A 35 11.92 -16.07 26.41
C SER A 35 10.78 -16.45 25.47
N VAL A 36 11.08 -16.60 24.18
CA VAL A 36 10.05 -16.85 23.16
C VAL A 36 10.13 -18.31 22.72
N ASN A 37 9.45 -19.19 23.44
CA ASN A 37 9.66 -20.65 23.25
C ASN A 37 8.70 -21.34 22.26
N SER A 38 7.94 -20.59 21.45
CA SER A 38 7.07 -21.17 20.42
C SER A 38 6.61 -20.10 19.41
N GLU A 39 6.21 -20.55 18.22
CA GLU A 39 5.62 -19.66 17.21
C GLU A 39 4.29 -19.06 17.68
N THR A 40 3.51 -19.82 18.44
CA THR A 40 2.25 -19.32 19.01
C THR A 40 2.51 -18.12 19.93
N LYS A 41 3.47 -18.26 20.83
CA LYS A 41 3.83 -17.17 21.75
C LYS A 41 4.39 -15.98 20.99
N LEU A 42 5.29 -16.23 20.03
CA LEU A 42 5.87 -15.18 19.20
C LEU A 42 4.80 -14.28 18.56
N HIS A 43 3.78 -14.90 17.98
CA HIS A 43 2.73 -14.18 17.28
C HIS A 43 1.79 -13.43 18.21
N LYS A 44 1.47 -14.03 19.37
CA LYS A 44 0.69 -13.32 20.41
C LYS A 44 1.42 -12.09 20.92
N LEU A 45 2.72 -12.20 21.15
CA LEU A 45 3.56 -11.09 21.58
C LEU A 45 3.64 -10.00 20.50
N ALA A 46 3.91 -10.40 19.27
CA ALA A 46 4.05 -9.45 18.15
C ALA A 46 2.73 -8.69 17.91
N ASP A 47 1.62 -9.42 17.97
CA ASP A 47 0.30 -8.83 17.74
C ASP A 47 -0.03 -7.80 18.84
N PHE A 48 0.28 -8.14 20.09
CA PHE A 48 0.17 -7.19 21.20
C PHE A 48 1.04 -5.95 20.95
N ALA A 49 2.29 -6.17 20.54
CA ALA A 49 3.24 -5.08 20.33
C ALA A 49 2.80 -4.10 19.24
N ILE A 50 2.30 -4.64 18.14
CA ILE A 50 1.86 -3.83 16.99
C ILE A 50 0.64 -2.97 17.35
N ASP A 51 -0.33 -3.57 18.04
CA ASP A 51 -1.48 -2.81 18.54
C ASP A 51 -1.06 -1.74 19.53
N TRP A 52 -0.17 -2.08 20.47
CA TRP A 52 0.31 -1.13 21.43
C TRP A 52 0.99 0.05 20.72
N ALA A 53 1.80 -0.25 19.71
CA ALA A 53 2.51 0.78 18.95
C ALA A 53 1.53 1.78 18.34
N HIS A 54 0.50 1.30 17.67
CA HIS A 54 -0.51 2.18 17.10
C HIS A 54 -1.31 2.96 18.14
N ASN A 55 -1.65 2.33 19.24
CA ASN A 55 -2.40 3.00 20.32
C ASN A 55 -1.59 4.06 21.06
N ASN A 56 -0.26 3.99 20.96
CA ASN A 56 0.61 4.89 21.70
C ASN A 56 1.49 5.79 20.86
N GLY A 57 1.18 5.93 19.58
CA GLY A 57 1.90 6.85 18.69
C GLY A 57 3.27 6.40 18.20
N LEU A 58 3.57 5.11 18.29
CA LEU A 58 4.85 4.57 17.80
C LEU A 58 4.66 4.22 16.33
N ILE A 59 4.58 5.28 15.52
CA ILE A 59 4.09 5.18 14.15
C ILE A 59 4.86 6.08 13.18
N LEU A 60 4.76 5.74 11.91
CA LEU A 60 5.33 6.52 10.82
C LEU A 60 4.31 6.59 9.70
N ARG A 61 4.46 7.59 8.83
CA ARG A 61 3.75 7.58 7.54
C ARG A 61 4.27 6.40 6.72
N THR A 62 3.41 5.89 5.84
CA THR A 62 3.74 4.72 5.02
C THR A 62 4.63 5.14 3.88
N LYS A 63 5.38 4.18 3.33
CA LYS A 63 6.24 4.47 2.17
C LYS A 63 5.41 4.86 0.93
N GLN A 64 4.23 4.28 0.79
CA GLN A 64 3.31 4.63 -0.32
C GLN A 64 2.83 6.08 -0.25
N PHE A 65 2.62 6.61 0.96
CA PHE A 65 2.05 7.94 1.14
C PHE A 65 2.85 8.75 2.15
N LEU A 66 4.09 9.10 1.80
CA LEU A 66 4.95 9.93 2.66
C LEU A 66 4.48 11.37 2.79
N ASN A 67 3.56 11.78 1.91
CA ASN A 67 2.97 13.12 1.95
C ASN A 67 1.59 13.16 2.64
N LYS A 68 1.10 12.03 3.15
CA LYS A 68 -0.25 11.95 3.72
C LYS A 68 -0.29 11.18 5.03
N SER A 69 -1.11 11.67 5.95
CA SER A 69 -1.27 11.05 7.25
C SER A 69 -2.54 10.20 7.37
N ASP A 70 -3.25 9.94 6.27
CA ASP A 70 -4.51 9.18 6.34
C ASP A 70 -4.30 7.77 6.88
N VAL A 71 -3.20 7.14 6.45
CA VAL A 71 -2.77 5.87 6.99
C VAL A 71 -1.41 6.02 7.64
N ALA A 72 -1.17 5.15 8.63
CA ALA A 72 0.10 5.05 9.32
C ALA A 72 0.45 3.58 9.46
N GLU A 73 1.76 3.33 9.58
CA GLU A 73 2.26 2.00 9.92
C GLU A 73 3.00 2.13 11.23
N PHE A 74 3.14 1.03 11.96
CA PHE A 74 3.97 1.04 13.17
C PHE A 74 5.45 1.21 12.79
N ALA A 75 6.18 1.90 13.67
CA ALA A 75 7.61 2.11 13.47
C ALA A 75 8.36 0.78 13.64
N PRO A 76 9.34 0.50 12.77
CA PRO A 76 10.01 -0.80 12.88
C PRO A 76 10.84 -0.90 14.16
N VAL A 77 10.62 -1.95 14.94
CA VAL A 77 11.27 -2.13 16.25
C VAL A 77 11.63 -3.58 16.51
N SER A 78 12.57 -3.79 17.42
CA SER A 78 12.81 -5.13 17.95
C SER A 78 11.64 -5.50 18.87
N LEU A 79 11.37 -6.80 18.97
CA LEU A 79 10.32 -7.30 19.86
C LEU A 79 10.63 -7.05 21.32
N LEU A 80 11.89 -7.28 21.68
CA LEU A 80 12.38 -7.11 23.05
C LEU A 80 13.63 -6.24 23.05
N PRO A 81 13.95 -5.61 24.19
CA PRO A 81 15.16 -4.79 24.26
C PRO A 81 16.42 -5.65 24.21
N SER A 82 17.36 -5.27 23.36
CA SER A 82 18.61 -6.00 23.17
C SER A 82 19.51 -5.85 24.40
N PRO A 83 20.16 -6.94 24.85
CA PRO A 83 21.19 -6.85 25.90
C PRO A 83 22.28 -5.83 25.60
N PHE A 84 22.64 -5.04 26.59
CA PHE A 84 23.68 -4.02 26.45
C PHE A 84 24.38 -3.84 27.80
N PRO A 85 25.73 -3.80 27.83
CA PRO A 85 26.39 -3.71 29.15
C PRO A 85 26.18 -2.35 29.83
N ARG A 86 25.84 -2.39 31.12
CA ARG A 86 25.58 -1.22 31.93
C ARG A 86 26.76 -0.23 31.94
N HIS A 87 27.97 -0.75 32.09
CA HIS A 87 29.17 0.09 32.18
C HIS A 87 29.36 0.97 30.92
N ALA A 88 29.21 0.38 29.74
CA ALA A 88 29.33 1.09 28.48
C ALA A 88 28.22 2.16 28.33
N PHE A 89 27.00 1.80 28.70
CA PHE A 89 25.87 2.71 28.68
C PHE A 89 26.09 3.94 29.58
N GLU A 90 26.47 3.69 30.83
CA GLU A 90 26.68 4.76 31.80
C GLU A 90 27.82 5.71 31.38
N LYS A 91 28.85 5.15 30.74
CA LYS A 91 29.96 5.91 30.20
C LYS A 91 29.52 6.84 29.05
N ALA A 92 28.71 6.31 28.13
CA ALA A 92 28.19 7.09 27.01
C ALA A 92 27.29 8.24 27.47
N VAL A 93 26.46 7.98 28.47
CA VAL A 93 25.61 9.00 29.08
C VAL A 93 26.44 10.08 29.79
N ALA A 94 27.42 9.63 30.59
CA ALA A 94 28.22 10.53 31.43
C ALA A 94 29.10 11.52 30.64
N VAL A 95 29.59 11.12 29.47
CA VAL A 95 30.44 11.98 28.65
C VAL A 95 29.65 13.00 27.79
N HIS A 96 28.33 12.83 27.70
CA HIS A 96 27.56 13.51 26.67
C HIS A 96 27.57 15.04 26.76
N GLU A 97 27.38 15.56 27.97
CA GLU A 97 27.37 17.01 28.19
C GLU A 97 28.71 17.67 27.84
N ALA A 98 29.81 17.00 28.18
CA ALA A 98 31.15 17.44 27.75
C ALA A 98 31.28 17.46 26.22
N LEU A 99 30.75 16.43 25.57
CA LEU A 99 30.77 16.32 24.11
C LEU A 99 29.96 17.45 23.43
N GLN A 100 28.82 17.81 24.02
CA GLN A 100 28.00 18.92 23.50
C GLN A 100 28.70 20.27 23.64
N LEU A 101 29.36 20.45 24.79
CA LEU A 101 30.16 21.65 25.04
C LEU A 101 31.31 21.76 24.04
N LEU A 102 31.98 20.64 23.76
CA LEU A 102 33.03 20.58 22.74
C LEU A 102 32.55 21.09 21.37
N TYR A 103 31.48 20.50 20.86
CA TYR A 103 30.99 20.85 19.53
C TYR A 103 30.40 22.26 19.46
N PHE A 104 29.83 22.73 20.56
CA PHE A 104 29.41 24.12 20.66
C PHE A 104 30.60 25.07 20.51
N ARG A 105 31.69 24.78 21.21
CA ARG A 105 32.91 25.59 21.11
C ARG A 105 33.57 25.52 19.74
N VAL A 106 33.51 24.35 19.10
CA VAL A 106 34.00 24.22 17.71
C VAL A 106 33.19 25.13 16.80
N ALA A 107 31.86 25.07 16.93
CA ALA A 107 30.96 25.91 16.14
C ALA A 107 31.18 27.42 16.34
N CYS A 108 31.55 27.83 17.55
CA CYS A 108 31.88 29.22 17.85
C CYS A 108 33.24 29.68 17.34
N ASP A 109 34.14 28.72 17.07
CA ASP A 109 35.49 29.03 16.62
C ASP A 109 35.51 29.14 15.09
N TYR A 110 35.19 30.34 14.61
CA TYR A 110 35.14 30.65 13.18
C TYR A 110 36.43 30.28 12.45
N GLU A 111 37.58 30.65 13.02
CA GLU A 111 38.87 30.39 12.40
C GLU A 111 39.19 28.89 12.27
N PHE A 112 38.88 28.11 13.31
CA PHE A 112 39.05 26.66 13.26
C PHE A 112 38.22 26.01 12.16
N MET A 113 36.96 26.43 12.03
CA MET A 113 36.06 25.87 11.03
C MET A 113 36.47 26.20 9.61
N MET A 114 36.81 27.47 9.36
CA MET A 114 37.30 27.89 8.03
C MET A 114 38.60 27.18 7.67
N ASP A 115 39.49 27.00 8.64
CA ASP A 115 40.72 26.23 8.47
C ASP A 115 40.43 24.77 8.09
N ALA A 116 39.49 24.16 8.81
CA ALA A 116 39.14 22.74 8.58
C ALA A 116 38.53 22.49 7.20
N TYR A 117 37.83 23.49 6.65
CA TYR A 117 37.15 23.36 5.36
C TYR A 117 37.92 23.96 4.15
N LYS A 118 39.11 24.55 4.37
CA LYS A 118 39.88 25.28 3.32
C LYS A 118 39.99 24.59 1.97
N ASP A 119 40.25 23.26 2.00
CA ASP A 119 40.54 22.48 0.80
C ASP A 119 39.29 21.86 0.20
N VAL A 120 38.46 21.23 1.04
CA VAL A 120 37.26 20.51 0.56
C VAL A 120 36.22 21.44 -0.10
N VAL A 121 36.20 22.72 0.29
CA VAL A 121 35.38 23.75 -0.38
C VAL A 121 35.67 23.89 -1.89
N ASN A 122 36.93 23.67 -2.30
CA ASN A 122 37.31 23.79 -3.70
C ASN A 122 36.91 22.59 -4.59
N THR A 123 36.50 21.47 -3.99
CA THR A 123 36.04 20.29 -4.76
C THR A 123 34.73 19.70 -4.21
N ASP A 124 33.82 20.58 -3.78
CA ASP A 124 32.50 20.17 -3.23
C ASP A 124 31.67 21.47 -3.19
N ASN A 125 30.88 21.67 -4.24
CA ASN A 125 30.10 22.88 -4.41
C ASN A 125 29.03 23.07 -3.35
N HIS A 126 28.48 21.96 -2.86
CA HIS A 126 27.44 21.98 -1.83
C HIS A 126 28.01 22.57 -0.53
N LEU A 127 29.12 22.00 -0.06
CA LEU A 127 29.87 22.50 1.11
C LEU A 127 30.34 23.94 0.95
N ARG A 128 30.77 24.31 -0.26
CA ARG A 128 31.22 25.66 -0.56
C ARG A 128 30.14 26.70 -0.29
N GLN A 129 28.93 26.41 -0.78
CA GLN A 129 27.77 27.28 -0.59
C GLN A 129 27.38 27.43 0.89
N LEU A 130 27.43 26.32 1.64
CA LEU A 130 27.14 26.36 3.08
C LEU A 130 28.15 27.21 3.83
N VAL A 131 29.43 27.03 3.50
CA VAL A 131 30.51 27.80 4.12
C VAL A 131 30.38 29.29 3.79
N ASN A 132 30.00 29.61 2.56
CA ASN A 132 29.78 31.01 2.14
C ASN A 132 28.64 31.68 2.89
N ILE A 133 27.60 30.92 3.23
CA ILE A 133 26.52 31.46 4.08
C ILE A 133 27.04 31.82 5.48
N ILE A 134 27.87 30.95 6.05
CA ILE A 134 28.49 31.21 7.36
C ILE A 134 29.42 32.43 7.29
N LYS A 135 30.18 32.54 6.20
CA LYS A 135 31.01 33.73 5.95
C LYS A 135 30.16 35.00 5.88
N ASP A 136 29.07 34.98 5.13
CA ASP A 136 28.16 36.12 5.03
C ASP A 136 27.56 36.50 6.39
N ALA A 137 27.15 35.50 7.17
CA ALA A 137 26.60 35.73 8.52
C ALA A 137 27.63 36.36 9.46
N HIS A 138 28.86 35.84 9.43
CA HIS A 138 29.96 36.37 10.23
C HIS A 138 30.36 37.81 9.84
N LYS A 139 30.39 38.10 8.53
CA LYS A 139 30.77 39.44 8.04
C LYS A 139 29.81 40.53 8.54
N GLN A 140 28.52 40.23 8.55
CA GLN A 140 27.50 41.19 8.97
C GLN A 140 27.34 41.32 10.48
N GLY A 141 28.04 40.48 11.26
CA GLY A 141 27.90 40.47 12.71
C GLY A 141 26.71 39.58 13.09
N ILE A 142 26.79 38.99 14.27
CA ILE A 142 25.76 38.04 14.70
C ILE A 142 24.50 38.82 15.14
N LYS A 143 23.42 38.67 14.40
CA LYS A 143 22.15 39.33 14.72
C LYS A 143 21.41 38.65 15.89
N GLN A 144 21.56 37.32 16.00
CA GLN A 144 20.95 36.55 17.08
C GLN A 144 22.01 35.69 17.79
N PRO A 145 22.38 36.05 19.04
CA PRO A 145 23.38 35.27 19.78
C PRO A 145 22.88 33.92 20.29
N THR A 146 21.59 33.83 20.65
CA THR A 146 21.04 32.60 21.19
C THR A 146 20.82 31.55 20.11
N THR A 147 21.31 30.34 20.38
CA THR A 147 21.16 29.22 19.47
C THR A 147 20.98 27.93 20.25
N LEU A 148 20.32 26.95 19.64
CA LEU A 148 20.07 25.66 20.29
C LEU A 148 20.77 24.57 19.51
N LEU A 149 21.78 23.96 20.15
CA LEU A 149 22.43 22.75 19.64
C LEU A 149 21.60 21.54 20.09
N ILE A 150 21.40 20.61 19.16
CA ILE A 150 20.76 19.33 19.43
C ILE A 150 21.73 18.25 18.94
N MET A 151 22.07 17.28 19.80
CA MET A 151 23.08 16.30 19.43
C MET A 151 22.63 14.87 19.67
N ARG A 152 22.87 14.01 18.69
CA ARG A 152 22.92 12.57 18.90
C ARG A 152 24.36 12.10 18.66
N ALA A 153 24.96 11.48 19.66
CA ALA A 153 26.26 10.82 19.52
C ALA A 153 26.04 9.31 19.40
N ASP A 154 26.62 8.69 18.38
CA ASP A 154 26.47 7.25 18.14
C ASP A 154 27.73 6.49 18.58
N TYR A 155 27.51 5.35 19.22
CA TYR A 155 28.56 4.50 19.74
C TYR A 155 28.35 3.05 19.33
N MET A 156 29.43 2.29 19.25
CA MET A 156 29.36 0.85 19.10
C MET A 156 30.22 0.18 20.17
N LEU A 157 29.92 -1.07 20.44
CA LEU A 157 30.63 -1.88 21.42
C LEU A 157 31.67 -2.74 20.73
N ASN A 158 32.93 -2.37 20.85
CA ASN A 158 34.03 -3.14 20.28
C ASN A 158 34.44 -4.31 21.20
N THR A 159 34.43 -5.54 20.65
CA THR A 159 34.88 -6.74 21.37
C THR A 159 36.36 -7.03 21.10
N LEU A 160 36.84 -6.62 19.92
CA LEU A 160 38.25 -6.68 19.54
C LEU A 160 39.01 -5.52 20.20
N TYR A 169 34.28 -5.59 26.61
CA TYR A 169 33.75 -4.67 25.59
C TYR A 169 34.31 -3.28 25.86
N GLU A 170 34.55 -2.49 24.81
CA GLU A 170 34.88 -1.08 24.97
C GLU A 170 33.97 -0.19 24.11
N LEU A 171 33.58 0.93 24.69
CA LEU A 171 32.69 1.90 24.05
C LEU A 171 33.48 2.76 23.08
N LYS A 172 33.04 2.79 21.83
CA LYS A 172 33.72 3.56 20.77
C LYS A 172 32.76 4.49 20.04
N GLN A 173 33.08 5.79 20.02
CA GLN A 173 32.30 6.79 19.31
C GLN A 173 32.50 6.61 17.80
N VAL A 174 31.39 6.49 17.06
CA VAL A 174 31.42 6.30 15.60
C VAL A 174 30.79 7.42 14.77
N GLU A 175 29.92 8.23 15.38
CA GLU A 175 29.28 9.35 14.68
C GLU A 175 28.77 10.40 15.65
N VAL A 176 28.82 11.67 15.23
CA VAL A 176 28.23 12.78 15.95
C VAL A 176 27.31 13.51 14.96
N ASN A 177 26.07 13.76 15.39
CA ASN A 177 25.04 14.37 14.56
C ASN A 177 24.56 15.63 15.29
N THR A 178 24.83 16.79 14.73
CA THR A 178 24.34 18.07 15.25
C THR A 178 23.39 18.78 14.27
N GLY A 179 22.90 18.05 13.27
CA GLY A 179 22.15 18.65 12.16
C GLY A 179 20.66 18.49 12.39
N ALA A 180 20.03 17.65 11.55
CA ALA A 180 18.60 17.36 11.63
C ALA A 180 18.40 16.13 12.52
N ILE A 181 17.88 16.32 13.72
CA ILE A 181 17.60 15.26 14.67
C ILE A 181 16.12 15.38 15.03
N GLY A 183 13.42 11.99 16.17
CA GLY A 183 12.50 10.92 16.59
C GLY A 183 12.60 10.56 18.08
N LEU A 184 12.74 11.58 18.92
CA LEU A 184 12.93 11.37 20.36
C LEU A 184 11.67 10.81 21.06
N GLY A 185 10.49 11.23 20.60
CA GLY A 185 9.23 10.62 21.00
C GLY A 185 9.11 9.14 20.63
N ILE A 186 9.57 8.79 19.44
CA ILE A 186 9.63 7.41 18.97
C ILE A 186 10.58 6.55 19.86
N ASP A 187 11.71 7.13 20.26
CA ASP A 187 12.68 6.43 21.11
C ASP A 187 12.06 6.14 22.48
N ARG A 188 11.41 7.16 23.07
CA ARG A 188 10.72 6.96 24.36
C ARG A 188 9.67 5.86 24.28
N ARG A 189 8.83 5.92 23.24
CA ARG A 189 7.76 4.93 23.06
C ARG A 189 8.30 3.51 22.83
N THR A 190 9.49 3.41 22.22
CA THR A 190 10.16 2.13 22.03
C THR A 190 10.59 1.55 23.39
N THR A 191 11.17 2.39 24.25
CA THR A 191 11.47 2.00 25.62
C THR A 191 10.21 1.52 26.34
N GLU A 192 9.13 2.28 26.24
CA GLU A 192 7.86 1.93 26.89
C GLU A 192 7.26 0.62 26.36
N LEU A 193 7.28 0.44 25.04
CA LEU A 193 6.88 -0.85 24.44
C LEU A 193 7.70 -1.99 25.03
N HIS A 194 9.02 -1.80 25.10
CA HIS A 194 9.90 -2.85 25.58
C HIS A 194 9.67 -3.25 27.04
N ARG A 195 9.26 -2.29 27.88
CA ARG A 195 8.86 -2.60 29.24
C ARG A 195 7.59 -3.46 29.28
N GLN A 196 6.61 -3.13 28.43
CA GLN A 196 5.41 -3.96 28.30
C GLN A 196 5.76 -5.39 27.89
N MET A 197 6.65 -5.53 26.92
CA MET A 197 7.05 -6.84 26.39
C MET A 197 7.87 -7.63 27.41
N LEU A 198 8.77 -6.96 28.14
CA LEU A 198 9.48 -7.57 29.24
C LEU A 198 8.52 -8.19 30.29
N ARG A 199 7.47 -7.44 30.65
CA ARG A 199 6.45 -7.98 31.58
C ARG A 199 5.73 -9.19 31.00
N LYS A 200 5.42 -9.14 29.70
CA LYS A 200 4.78 -10.27 29.02
C LYS A 200 5.59 -11.57 29.05
N VAL A 201 6.92 -11.49 29.09
CA VAL A 201 7.78 -12.69 29.21
C VAL A 201 8.37 -12.88 30.61
N GLY A 202 7.82 -12.20 31.61
CA GLY A 202 8.24 -12.33 33.00
C GLY A 202 9.65 -11.88 33.34
N MET A 203 10.17 -10.90 32.60
CA MET A 203 11.51 -10.35 32.86
C MET A 203 11.38 -9.06 33.68
N ASP A 204 12.41 -8.76 34.45
CA ASP A 204 12.48 -7.58 35.31
C ASP A 204 12.69 -6.31 34.46
N THR A 205 11.83 -5.31 34.62
CA THR A 205 11.90 -4.06 33.87
C THR A 205 12.87 -3.02 34.45
N SER A 206 13.44 -3.26 35.64
CA SER A 206 14.35 -2.28 36.25
C SER A 206 15.66 -2.10 35.49
N ASN A 207 16.04 -3.07 34.67
CA ASN A 207 17.20 -2.98 33.78
C ASN A 207 16.95 -2.23 32.46
N SER A 208 15.71 -1.79 32.23
CA SER A 208 15.37 -0.89 31.11
C SER A 208 15.46 0.56 31.60
N PRO A 209 16.49 1.31 31.18
CA PRO A 209 16.65 2.66 31.74
C PRO A 209 15.64 3.70 31.22
N ALA A 210 15.38 4.70 32.05
CA ALA A 210 14.45 5.79 31.74
C ALA A 210 14.89 6.51 30.46
N ASN A 211 13.91 6.85 29.62
CA ASN A 211 14.18 7.45 28.31
C ASN A 211 13.22 8.61 28.05
N ASN A 212 13.60 9.81 28.46
CA ASN A 212 12.68 10.98 28.36
C ASN A 212 13.26 12.15 27.56
N GLY A 213 13.96 11.80 26.50
CA GLY A 213 14.61 12.80 25.63
C GLY A 213 13.68 13.83 25.01
N ASP A 214 12.48 13.37 24.66
CA ASP A 214 11.45 14.23 24.09
C ASP A 214 11.00 15.35 25.03
N SER A 215 10.89 15.09 26.33
CA SER A 215 10.57 16.15 27.30
C SER A 215 11.63 17.25 27.32
N ASN A 216 12.90 16.86 27.40
CA ASN A 216 14.00 17.85 27.33
C ASN A 216 13.99 18.64 26.02
N MET A 217 13.75 17.95 24.90
CA MET A 217 13.67 18.60 23.59
C MET A 217 12.59 19.69 23.55
N ILE A 218 11.40 19.32 24.00
CA ILE A 218 10.26 20.22 24.01
C ILE A 218 10.51 21.41 24.93
N GLU A 219 11.01 21.17 26.14
CA GLU A 219 11.39 22.23 27.05
C GLU A 219 12.46 23.15 26.46
N SER A 220 13.44 22.57 25.77
CA SER A 220 14.52 23.35 25.18
C SER A 220 14.03 24.24 24.05
N LEU A 221 13.15 23.69 23.20
CA LEU A 221 12.56 24.45 22.10
C LEU A 221 11.64 25.56 22.63
N PHE A 222 10.88 25.26 23.69
CA PHE A 222 10.03 26.27 24.34
C PHE A 222 10.84 27.41 24.95
N MET A 223 11.91 27.03 25.64
CA MET A 223 12.86 28.01 26.21
C MET A 223 13.46 28.89 25.13
N ALA A 224 13.83 28.30 24.01
CA ALA A 224 14.35 29.05 22.86
C ALA A 224 13.32 30.06 22.37
N TRP A 225 12.07 29.63 22.25
CA TRP A 225 10.99 30.53 21.82
C TRP A 225 10.73 31.68 22.82
N GLU A 226 10.72 31.36 24.11
CA GLU A 226 10.59 32.41 25.15
C GLU A 226 11.74 33.42 25.09
N ALA A 227 12.96 32.94 24.85
CA ALA A 227 14.15 33.80 24.75
C ALA A 227 14.11 34.80 23.60
N PHE A 228 13.36 34.51 22.52
CA PHE A 228 13.23 35.45 21.42
C PHE A 228 12.51 36.75 21.87
N GLY A 229 11.55 36.61 22.79
CA GLY A 229 10.95 37.76 23.46
C GLY A 229 9.76 38.39 22.73
N ASN A 230 9.00 37.58 22.00
CA ASN A 230 7.83 38.05 21.27
C ASN A 230 6.80 36.93 21.20
N LYS A 231 5.75 37.03 21.99
CA LYS A 231 4.70 35.99 22.03
C LYS A 231 3.88 35.82 20.74
N ASN A 232 3.95 36.79 19.82
CA ASN A 232 3.34 36.65 18.48
C ASN A 232 4.29 36.12 17.41
N ALA A 233 5.56 35.88 17.76
CA ALA A 233 6.53 35.34 16.82
C ALA A 233 6.25 33.86 16.58
N LEU A 234 6.39 33.45 15.33
CA LEU A 234 6.11 32.08 14.91
C LEU A 234 7.20 31.11 15.37
N PHE A 235 6.79 29.88 15.65
CA PHE A 235 7.69 28.73 15.74
C PHE A 235 7.57 27.97 14.42
N VAL A 236 8.68 27.81 13.71
CA VAL A 236 8.67 27.19 12.39
C VAL A 236 9.45 25.85 12.38
N PHE A 237 8.74 24.79 12.00
CA PHE A 237 9.37 23.53 11.63
C PHE A 237 9.87 23.63 10.19
N LEU A 238 11.18 23.76 10.00
CA LEU A 238 11.77 23.66 8.67
C LEU A 238 11.85 22.16 8.32
N SER A 239 11.02 21.72 7.38
CA SER A 239 10.80 20.30 7.13
C SER A 239 10.33 19.98 5.72
N HIS A 240 10.66 18.77 5.26
CA HIS A 240 10.21 18.27 3.96
C HIS A 240 8.71 17.99 3.97
N GLU A 241 8.09 18.12 2.79
CA GLU A 241 6.70 17.73 2.58
C GLU A 241 6.54 16.20 2.64
N ARG A 242 7.55 15.46 2.17
CA ARG A 242 7.61 14.02 2.26
C ARG A 242 8.51 13.60 3.43
N LEU A 243 7.91 13.06 4.50
CA LEU A 243 8.63 12.68 5.70
C LEU A 243 7.88 11.63 6.54
N GLN A 244 8.59 10.58 6.93
CA GLN A 244 8.00 9.51 7.74
C GLN A 244 7.60 9.97 9.14
N TYR A 245 8.36 10.94 9.67
CA TYR A 245 8.25 11.42 11.04
C TYR A 245 7.28 12.57 11.27
N LYS A 246 6.32 12.80 10.37
CA LYS A 246 5.36 13.89 10.56
C LYS A 246 4.58 13.79 11.86
N PHE A 247 4.19 12.57 12.24
CA PHE A 247 3.44 12.37 13.49
C PHE A 247 4.23 12.84 14.73
N GLU A 248 5.53 12.55 14.74
CA GLU A 248 6.45 13.02 15.78
C GLU A 248 6.47 14.54 15.88
N LEU A 249 6.59 15.23 14.73
CA LEU A 249 6.59 16.69 14.71
C LEU A 249 5.28 17.28 15.22
N ARG A 250 4.15 16.66 14.85
CA ARG A 250 2.86 17.13 15.32
C ARG A 250 2.72 17.01 16.81
N ASN A 251 3.27 15.94 17.37
CA ASN A 251 3.33 15.77 18.82
C ASN A 251 4.10 16.90 19.49
N ILE A 252 5.23 17.28 18.91
CA ILE A 252 6.00 18.43 19.40
C ILE A 252 5.17 19.72 19.34
N GLN A 253 4.50 19.95 18.21
CA GLN A 253 3.60 21.10 18.06
C GLN A 253 2.57 21.15 19.18
N CYS A 254 1.86 20.04 19.43
CA CYS A 254 0.80 20.01 20.47
C CYS A 254 1.33 20.31 21.86
N GLN A 255 2.48 19.73 22.20
CA GLN A 255 3.13 19.98 23.49
C GLN A 255 3.58 21.43 23.64
N LEU A 256 4.18 22.00 22.59
CA LEU A 256 4.58 23.41 22.58
C LEU A 256 3.37 24.35 22.72
N GLU A 257 2.28 24.04 22.02
CA GLU A 257 1.03 24.80 22.15
C GLU A 257 0.46 24.73 23.58
N GLU A 258 0.52 23.55 24.20
CA GLU A 258 0.10 23.39 25.61
C GLU A 258 0.96 24.21 26.56
N LEU A 259 2.28 24.08 26.44
CA LEU A 259 3.22 24.84 27.29
C LEU A 259 3.06 26.35 27.19
N SER A 260 2.75 26.85 26.01
CA SER A 260 2.54 28.28 25.79
C SER A 260 1.10 28.76 26.10
N ASN A 261 0.22 27.87 26.56
CA ASN A 261 -1.19 28.16 26.82
C ASN A 261 -1.90 28.69 25.57
N GLY A 262 -1.63 28.05 24.44
CA GLY A 262 -2.22 28.43 23.15
C GLY A 262 -1.65 29.67 22.45
N GLN A 263 -0.63 30.31 23.03
CA GLN A 263 -0.08 31.55 22.46
C GLN A 263 0.90 31.34 21.31
N MET A 264 1.60 30.22 21.28
CA MET A 264 2.60 29.96 20.24
C MET A 264 1.93 29.54 18.94
N LYS A 265 2.15 30.32 17.89
CA LYS A 265 1.68 29.98 16.55
C LYS A 265 2.73 29.15 15.81
N VAL A 266 2.35 27.93 15.42
CA VAL A 266 3.27 26.96 14.80
C VAL A 266 3.00 26.85 13.30
N GLU A 267 4.07 26.90 12.50
CA GLU A 267 3.98 26.68 11.04
C GLU A 267 5.04 25.71 10.54
N TYR A 268 4.78 25.14 9.37
CA TYR A 268 5.67 24.21 8.70
C TYR A 268 6.01 24.79 7.33
N VAL A 269 7.28 24.73 6.96
CA VAL A 269 7.73 25.18 5.65
C VAL A 269 8.97 24.41 5.24
N SER A 270 9.08 24.11 3.95
CA SER A 270 10.30 23.51 3.40
C SER A 270 11.19 24.65 2.90
N LEU A 271 12.45 24.33 2.56
CA LEU A 271 13.34 25.28 1.92
C LEU A 271 12.86 25.68 0.51
N LYS A 272 12.22 24.74 -0.22
CA LYS A 272 11.69 25.04 -1.56
C LYS A 272 10.57 26.07 -1.49
N ALA A 273 9.54 25.77 -0.67
CA ALA A 273 8.46 26.74 -0.42
C ALA A 273 8.99 28.02 0.25
N GLY A 274 9.99 27.87 1.11
CA GLY A 274 10.65 28.98 1.78
C GLY A 274 11.27 30.01 0.86
N TYR A 275 11.75 29.59 -0.31
CA TYR A 275 12.29 30.54 -1.30
C TYR A 275 11.29 31.65 -1.66
N GLU A 276 10.02 31.28 -1.83
CA GLU A 276 8.96 32.24 -2.11
C GLU A 276 8.41 32.93 -0.86
N GLN A 277 8.29 32.18 0.23
CA GLN A 277 7.55 32.64 1.41
C GLN A 277 8.40 33.27 2.52
N LEU A 278 9.72 33.09 2.50
CA LEU A 278 10.61 33.65 3.54
C LEU A 278 11.35 34.87 3.02
N LYS A 279 11.38 35.92 3.83
CA LYS A 279 12.11 37.15 3.49
C LYS A 279 12.77 37.75 4.72
N LEU A 280 13.83 38.50 4.46
CA LEU A 280 14.57 39.22 5.49
C LEU A 280 13.95 40.61 5.61
N GLY A 281 13.44 40.95 6.79
CA GLY A 281 12.90 42.29 7.04
C GLY A 281 14.02 43.33 7.14
N GLU A 282 13.66 44.61 7.05
CA GLU A 282 14.66 45.68 7.17
C GLU A 282 15.36 45.77 8.54
N ASP A 283 14.69 45.25 9.57
CA ASP A 283 15.28 45.06 10.91
C ASP A 283 15.93 43.66 11.13
N TYR A 284 16.19 42.93 10.03
CA TYR A 284 16.71 41.55 10.05
C TYR A 284 15.79 40.48 10.68
N SER A 285 14.50 40.80 10.83
CA SER A 285 13.50 39.78 11.18
C SER A 285 13.37 38.77 10.06
N LEU A 286 13.15 37.52 10.42
CA LEU A 286 12.75 36.50 9.46
C LEU A 286 11.23 36.59 9.34
N LEU A 287 10.75 36.82 8.12
CA LEU A 287 9.33 36.94 7.84
C LEU A 287 8.86 35.75 7.02
N LEU A 288 7.86 35.02 7.52
CA LEU A 288 7.20 33.95 6.79
C LEU A 288 5.83 34.48 6.38
N ASN A 289 5.68 34.78 5.09
CA ASN A 289 4.48 35.44 4.55
C ASN A 289 4.13 36.71 5.35
N GLY A 290 5.15 37.52 5.64
CA GLY A 290 4.99 38.76 6.38
C GLY A 290 4.95 38.71 7.91
N GLU A 291 4.94 37.51 8.51
CA GLU A 291 4.89 37.35 9.97
C GLU A 291 6.26 36.99 10.56
N ILE A 292 6.60 37.62 11.68
CA ILE A 292 7.91 37.43 12.32
C ILE A 292 8.09 35.99 12.79
N VAL A 293 9.25 35.40 12.52
CA VAL A 293 9.59 34.05 12.95
C VAL A 293 10.59 34.14 14.12
N GLY A 294 10.24 33.54 15.25
CA GLY A 294 11.08 33.55 16.45
C GLY A 294 12.07 32.40 16.52
N VAL A 295 11.63 31.20 16.10
CA VAL A 295 12.48 30.01 16.11
C VAL A 295 12.28 29.22 14.82
N VAL A 296 13.40 28.75 14.25
CA VAL A 296 13.41 27.82 13.14
C VAL A 296 14.05 26.52 13.63
N TYR A 297 13.23 25.49 13.77
CA TYR A 297 13.70 24.15 14.14
C TYR A 297 13.82 23.32 12.88
N SER A 298 15.04 22.90 12.55
CA SER A 298 15.33 22.22 11.29
C SER A 298 15.37 20.69 11.42
N THR A 299 14.58 20.03 10.57
CA THR A 299 14.74 18.60 10.29
C THR A 299 15.20 18.35 8.83
N ILE A 300 15.74 19.38 8.19
CA ILE A 300 16.35 19.25 6.85
C ILE A 300 17.88 19.36 7.07
N SER A 301 18.55 18.22 6.91
CA SER A 301 19.99 18.09 7.16
C SER A 301 20.82 19.04 6.27
N ALA A 302 21.70 19.82 6.89
CA ALA A 302 22.56 20.75 6.17
C ALA A 302 23.56 20.00 5.26
N LEU A 303 24.23 19.00 5.82
CA LEU A 303 25.16 18.15 5.07
C LEU A 303 24.50 17.07 4.22
N GLY A 304 23.39 16.51 4.68
CA GLY A 304 22.72 15.39 4.02
C GLY A 304 21.84 15.71 2.81
N HIS A 305 21.14 16.85 2.86
CA HIS A 305 20.20 17.25 1.80
C HIS A 305 20.91 18.04 0.71
N GLN A 306 20.98 17.49 -0.49
CA GLN A 306 21.59 18.18 -1.64
C GLN A 306 20.61 19.24 -2.17
N ALA A 307 20.76 20.46 -1.67
CA ALA A 307 19.84 21.56 -1.94
C ALA A 307 20.13 22.22 -3.29
N ASN A 308 19.08 22.59 -4.03
CA ASN A 308 19.21 23.40 -5.25
C ASN A 308 19.45 24.89 -4.90
N ALA A 309 19.66 25.72 -5.91
CA ALA A 309 19.99 27.13 -5.69
C ALA A 309 18.95 27.91 -4.88
N ARG A 310 17.66 27.65 -5.15
CA ARG A 310 16.56 28.30 -4.45
C ARG A 310 16.51 27.91 -2.97
N GLU A 311 16.65 26.62 -2.71
CA GLU A 311 16.74 26.09 -1.34
C GLU A 311 17.91 26.71 -0.56
N MET A 312 19.05 26.86 -1.23
CA MET A 312 20.24 27.48 -0.63
C MET A 312 20.00 28.94 -0.27
N GLU A 313 19.31 29.68 -1.13
CA GLU A 313 18.96 31.09 -0.83
C GLU A 313 18.01 31.20 0.36
N ALA A 314 17.03 30.30 0.47
CA ALA A 314 16.15 30.25 1.63
C ALA A 314 16.94 30.00 2.92
N ARG A 315 17.92 29.10 2.86
CA ARG A 315 18.80 28.81 3.99
C ARG A 315 19.61 30.05 4.41
N ARG A 316 20.13 30.77 3.41
CA ARG A 316 20.87 32.01 3.63
C ARG A 316 20.01 33.07 4.32
N THR A 317 18.78 33.23 3.84
CA THR A 317 17.82 34.17 4.45
C THR A 317 17.59 33.86 5.94
N ILE A 318 17.43 32.58 6.26
CA ILE A 318 17.27 32.13 7.65
C ILE A 318 18.51 32.48 8.49
N GLU A 319 19.70 32.15 7.96
CA GLU A 319 20.95 32.36 8.70
C GLU A 319 21.30 33.83 8.94
N LEU A 320 20.94 34.72 8.03
CA LEU A 320 21.19 36.16 8.20
C LEU A 320 20.15 36.86 9.07
N SER A 321 19.05 36.19 9.39
CA SER A 321 17.97 36.75 10.22
C SER A 321 18.29 36.72 11.71
N ASN A 322 17.43 37.36 12.50
CA ASN A 322 17.55 37.35 13.96
C ASN A 322 16.72 36.24 14.65
N ALA A 323 16.21 35.29 13.86
CA ALA A 323 15.48 34.16 14.41
C ALA A 323 16.47 33.27 15.16
N ILE A 324 16.02 32.67 16.25
CA ILE A 324 16.81 31.68 16.96
C ILE A 324 16.79 30.39 16.14
N LYS A 325 17.97 29.88 15.82
CA LYS A 325 18.09 28.70 14.95
C LYS A 325 18.38 27.44 15.79
N ALA A 326 17.60 26.40 15.54
CA ALA A 326 17.70 25.13 16.23
C ALA A 326 17.90 24.00 15.21
N PRO A 327 19.12 23.76 14.74
CA PRO A 327 20.34 24.49 15.07
C PRO A 327 20.72 25.50 14.00
N SER A 328 21.71 26.33 14.32
CA SER A 328 22.34 27.18 13.31
C SER A 328 23.17 26.32 12.35
N LEU A 329 23.52 26.91 11.21
CA LEU A 329 24.24 26.19 10.16
C LEU A 329 25.67 25.81 10.62
N ALA A 330 26.32 26.74 11.33
CA ALA A 330 27.64 26.48 11.88
C ALA A 330 27.64 25.29 12.84
N ILE A 331 26.62 25.21 13.70
CA ILE A 331 26.46 24.06 14.61
C ILE A 331 26.29 22.79 13.81
N ALA A 332 25.44 22.85 12.78
CA ALA A 332 25.16 21.68 11.94
C ALA A 332 26.41 21.14 11.23
N ILE A 333 27.24 22.01 10.65
CA ILE A 333 28.46 21.55 9.96
C ILE A 333 29.69 21.41 10.87
N SER A 334 29.55 21.72 12.17
CA SER A 334 30.63 21.48 13.12
C SER A 334 30.91 19.98 13.33
N SER A 335 29.97 19.11 12.98
CA SER A 335 30.14 17.67 13.19
C SER A 335 30.22 16.85 11.88
N SER A 336 30.78 17.44 10.82
CA SER A 336 31.13 16.64 9.64
C SER A 336 32.21 15.62 10.01
N LYS A 337 32.35 14.61 9.16
CA LYS A 337 33.36 13.56 9.35
C LYS A 337 34.76 14.14 9.43
N LYS A 338 35.02 15.18 8.63
CA LYS A 338 36.31 15.86 8.61
C LYS A 338 36.69 16.42 9.98
N ILE A 339 35.76 17.14 10.61
CA ILE A 339 35.99 17.74 11.92
C ILE A 339 36.09 16.65 13.01
N GLN A 340 35.23 15.64 12.95
CA GLN A 340 35.34 14.47 13.84
C GLN A 340 36.75 13.88 13.84
N GLN A 341 37.32 13.72 12.64
CA GLN A 341 38.69 13.21 12.48
C GLN A 341 39.73 14.19 13.04
N LEU A 342 39.60 15.48 12.71
CA LEU A 342 40.50 16.52 13.21
C LEU A 342 40.54 16.62 14.75
N LEU A 343 39.39 16.42 15.40
CA LEU A 343 39.31 16.46 16.86
C LEU A 343 40.02 15.29 17.57
N THR A 344 40.36 14.22 16.85
CA THR A 344 41.15 13.11 17.39
C THR A 344 42.66 13.31 17.34
N THR A 345 43.14 14.32 16.61
CA THR A 345 44.58 14.52 16.45
C THR A 345 45.19 15.09 17.74
N PRO A 346 46.48 14.80 18.01
CA PRO A 346 47.13 15.21 19.26
C PRO A 346 47.02 16.71 19.58
N GLY A 347 46.58 17.03 20.80
CA GLY A 347 46.49 18.41 21.28
C GLY A 347 45.22 19.18 20.90
N THR A 348 44.38 18.60 20.04
CA THR A 348 43.26 19.34 19.45
C THR A 348 42.07 19.47 20.42
N LEU A 349 41.76 18.42 21.18
CA LEU A 349 40.77 18.53 22.26
C LEU A 349 41.15 19.61 23.27
N GLU A 350 42.45 19.69 23.58
CA GLU A 350 42.97 20.64 24.57
C GLU A 350 42.83 22.10 24.14
N ARG A 351 42.80 22.37 22.83
CA ARG A 351 42.49 23.71 22.30
C ARG A 351 41.10 24.20 22.73
N PHE A 352 40.13 23.28 22.78
CA PHE A 352 38.75 23.61 23.17
C PHE A 352 38.46 23.45 24.66
N PHE A 353 39.33 22.69 25.35
CA PHE A 353 39.31 22.60 26.81
C PHE A 353 40.68 23.04 27.37
N PRO A 354 41.02 24.35 27.24
CA PRO A 354 42.36 24.83 27.61
C PRO A 354 42.70 24.76 29.11
N SER A 355 41.69 24.92 29.96
CA SER A 355 41.87 24.93 31.42
C SER A 355 42.15 23.53 31.98
N ALA A 356 43.00 23.46 33.01
CA ALA A 356 43.30 22.21 33.72
C ALA A 356 42.11 21.66 34.50
N THR A 357 41.19 22.54 34.90
CA THR A 357 39.94 22.15 35.55
C THR A 357 39.04 21.27 34.65
N GLU A 358 39.22 21.36 33.33
CA GLU A 358 38.48 20.55 32.36
C GLU A 358 39.26 19.33 31.82
N ALA A 359 40.35 18.95 32.50
CA ALA A 359 41.15 17.79 32.06
C ALA A 359 40.38 16.46 32.13
N ASP A 360 39.46 16.34 33.09
CA ASP A 360 38.55 15.18 33.18
C ASP A 360 37.65 15.02 31.94
N LYS A 361 37.17 16.14 31.39
CA LYS A 361 36.34 16.14 30.17
C LYS A 361 37.13 15.66 28.95
N VAL A 362 38.37 16.13 28.83
CA VAL A 362 39.28 15.74 27.76
C VAL A 362 39.52 14.22 27.79
N ALA A 363 39.89 13.71 28.96
CA ALA A 363 40.17 12.27 29.13
C ALA A 363 38.96 11.39 28.87
N ALA A 364 37.79 11.80 29.34
CA ALA A 364 36.56 11.03 29.16
C ALA A 364 36.14 10.95 27.68
N ILE A 365 36.27 12.05 26.95
CA ILE A 365 35.98 12.06 25.52
C ILE A 365 37.00 11.21 24.75
N ARG A 366 38.29 11.45 25.00
CA ARG A 366 39.37 10.77 24.29
C ARG A 366 39.34 9.25 24.43
N GLU A 367 38.99 8.74 25.60
CA GLU A 367 38.92 7.29 25.81
C GLU A 367 37.79 6.62 25.02
N THR A 368 36.81 7.39 24.51
CA THR A 368 35.79 6.85 23.59
C THR A 368 36.17 6.92 22.11
N PHE A 369 37.28 7.56 21.77
CA PHE A 369 37.72 7.69 20.37
C PHE A 369 38.11 6.34 19.78
N THR A 370 37.65 6.12 18.54
CA THR A 370 38.17 5.06 17.68
C THR A 370 39.55 5.49 17.16
N GLY A 371 40.48 4.54 17.13
CA GLY A 371 41.81 4.79 16.63
C GLY A 371 41.75 5.15 15.16
N LEU A 372 42.37 6.27 14.84
CA LEU A 372 42.31 6.87 13.50
C LEU A 372 43.65 7.56 13.27
N TRP A 373 44.29 7.26 12.13
CA TRP A 373 45.62 7.80 11.83
C TRP A 373 45.65 8.16 10.34
N GLY A 374 45.53 9.45 10.01
CA GLY A 374 45.59 9.91 8.62
C GLY A 374 47.00 9.82 8.10
N LEU A 375 47.17 9.26 6.89
CA LEU A 375 48.50 8.95 6.35
C LEU A 375 49.10 10.09 5.52
N GLU A 376 48.45 11.27 5.50
CA GLU A 376 49.13 12.52 5.11
C GLU A 376 50.25 12.95 6.08
N LYS A 377 50.08 12.64 7.36
CA LYS A 377 51.11 12.92 8.38
C LYS A 377 52.17 11.81 8.36
N SER A 378 53.44 12.20 8.50
CA SER A 378 54.55 11.26 8.58
C SER A 378 55.29 11.41 9.93
N ASP A 379 54.52 11.76 10.98
CA ASP A 379 55.02 11.80 12.35
C ASP A 379 55.26 10.38 12.88
N ASP A 380 56.00 10.28 13.98
CA ASP A 380 56.46 8.99 14.50
C ASP A 380 55.33 8.02 14.88
N GLN A 381 54.27 8.57 15.46
CA GLN A 381 53.13 7.77 15.89
C GLN A 381 52.40 7.14 14.71
N THR A 382 52.23 7.88 13.63
CA THR A 382 51.66 7.33 12.36
C THR A 382 52.55 6.31 11.69
N GLU A 383 53.86 6.52 11.71
CA GLU A 383 54.80 5.62 11.04
C GLU A 383 54.87 4.25 11.74
N ARG A 384 55.02 4.28 13.06
CA ARG A 384 55.02 3.02 13.85
C ARG A 384 53.67 2.30 13.77
N ARG A 385 52.61 3.08 13.59
CA ARG A 385 51.28 2.55 13.35
C ARG A 385 51.15 1.81 12.03
N ILE A 386 51.74 2.35 10.97
CA ILE A 386 51.79 1.72 9.66
C ILE A 386 52.51 0.38 9.77
N LYS A 387 53.64 0.35 10.47
CA LYS A 387 54.39 -0.90 10.66
C LYS A 387 53.59 -1.97 11.44
N ASP A 388 52.93 -1.54 12.52
CA ASP A 388 52.09 -2.45 13.30
C ASP A 388 50.92 -3.00 12.45
N ALA A 389 50.34 -2.17 11.61
CA ALA A 389 49.27 -2.59 10.69
C ALA A 389 49.76 -3.56 9.61
N ILE A 390 51.01 -3.43 9.18
CA ILE A 390 51.59 -4.38 8.22
C ILE A 390 51.78 -5.76 8.88
N GLU A 391 52.27 -5.76 10.13
CA GLU A 391 52.50 -6.99 10.89
C GLU A 391 51.24 -7.60 11.52
N ASN A 392 50.23 -6.79 11.80
CA ASN A 392 48.99 -7.25 12.46
C ASN A 392 47.75 -6.70 11.74
N PRO A 393 47.61 -7.01 10.43
CA PRO A 393 46.57 -6.37 9.61
C PRO A 393 45.13 -6.70 9.98
N ALA A 394 44.92 -7.82 10.68
CA ALA A 394 43.60 -8.20 11.20
C ALA A 394 43.00 -7.16 12.17
N ASN A 395 43.85 -6.36 12.82
CA ASN A 395 43.40 -5.35 13.78
C ASN A 395 43.01 -3.99 13.18
N TYR A 396 43.21 -3.81 11.87
CA TYR A 396 43.01 -2.51 11.22
C TYR A 396 42.08 -2.57 10.00
N VAL A 397 41.64 -1.38 9.57
CA VAL A 397 40.98 -1.19 8.27
C VAL A 397 41.64 0.01 7.60
N LEU A 398 41.84 -0.07 6.29
CA LEU A 398 42.40 1.02 5.47
C LEU A 398 41.36 1.49 4.45
N LYS A 399 41.06 2.79 4.42
CA LYS A 399 40.01 3.36 3.56
C LYS A 399 40.57 4.40 2.59
N ASN A 408 37.73 0.00 0.84
CA ASN A 408 38.05 -0.70 2.08
C ASN A 408 38.98 -1.89 1.86
N PHE A 409 40.14 -1.85 2.50
CA PHE A 409 41.12 -2.95 2.45
C PHE A 409 41.19 -3.65 3.81
N TYR A 410 41.29 -4.97 3.76
CA TYR A 410 41.33 -5.81 4.95
C TYR A 410 42.44 -6.83 4.86
N ASP A 411 42.87 -7.29 6.03
CA ASP A 411 43.83 -8.41 6.19
C ASP A 411 45.04 -8.31 5.23
N GLU A 412 45.26 -9.32 4.39
CA GLU A 412 46.47 -9.35 3.56
C GLU A 412 46.52 -8.23 2.51
N ALA A 413 45.35 -7.84 1.99
CA ALA A 413 45.25 -6.74 1.03
C ALA A 413 45.63 -5.38 1.64
N LEU A 414 45.24 -5.17 2.90
CA LEU A 414 45.61 -3.95 3.64
C LEU A 414 47.12 -3.88 3.83
N ALA A 415 47.71 -5.00 4.27
CA ALA A 415 49.15 -5.10 4.51
C ALA A 415 49.93 -4.87 3.22
N GLU A 416 49.48 -5.49 2.13
CA GLU A 416 50.10 -5.32 0.82
C GLU A 416 50.01 -3.87 0.33
N LYS A 417 48.86 -3.23 0.53
CA LYS A 417 48.67 -1.85 0.11
C LYS A 417 49.59 -0.89 0.86
N LEU A 418 49.72 -1.09 2.18
CA LEU A 418 50.62 -0.28 3.00
C LEU A 418 52.10 -0.45 2.63
N ARG A 419 52.50 -1.67 2.26
CA ARG A 419 53.88 -1.94 1.83
C ARG A 419 54.31 -1.21 0.56
N THR A 420 53.38 -1.06 -0.39
CA THR A 420 53.72 -0.56 -1.74
C THR A 420 53.04 0.73 -2.21
N MET A 421 52.17 1.34 -1.40
CA MET A 421 51.54 2.61 -1.73
C MET A 421 52.53 3.77 -1.55
N PRO A 422 52.73 4.61 -2.59
CA PRO A 422 53.50 5.85 -2.41
C PRO A 422 52.76 6.91 -1.58
N GLU A 425 49.89 8.80 -3.10
CA GLU A 425 48.66 8.06 -2.77
C GLU A 425 48.29 8.08 -1.28
N ARG A 426 49.25 8.38 -0.40
CA ARG A 426 49.05 8.27 1.05
C ARG A 426 48.09 9.30 1.65
N ALA A 427 48.17 10.54 1.18
CA ALA A 427 47.39 11.66 1.75
C ALA A 427 45.87 11.47 1.71
N SER A 428 45.38 10.72 0.70
CA SER A 428 43.95 10.42 0.59
C SER A 428 43.50 9.20 1.42
N HIS A 429 44.43 8.34 1.83
CA HIS A 429 44.09 7.16 2.66
C HIS A 429 44.15 7.43 4.15
N ILE A 430 43.31 6.72 4.89
CA ILE A 430 43.21 6.82 6.34
C ILE A 430 43.21 5.41 6.94
N LEU A 431 44.05 5.20 7.96
CA LEU A 431 44.15 3.93 8.66
C LEU A 431 43.30 4.02 9.93
N MET A 432 42.54 2.96 10.22
CA MET A 432 41.68 2.95 11.40
C MET A 432 41.71 1.61 12.12
N GLN A 433 41.41 1.68 13.41
CA GLN A 433 41.19 0.53 14.26
C GLN A 433 39.98 -0.24 13.75
N LYS A 434 40.10 -1.56 13.59
CA LYS A 434 38.95 -2.37 13.18
C LYS A 434 38.05 -2.58 14.38
N LEU A 435 36.76 -2.31 14.21
CA LEU A 435 35.79 -2.52 15.28
C LEU A 435 34.92 -3.74 15.00
N ILE A 436 34.81 -4.63 15.99
CA ILE A 436 33.96 -5.82 15.92
C ILE A 436 32.80 -5.68 16.91
N PRO A 437 31.56 -5.47 16.41
CA PRO A 437 30.45 -5.24 17.35
C PRO A 437 30.01 -6.49 18.11
N MET A 438 29.55 -6.31 19.34
CA MET A 438 28.92 -7.39 20.13
C MET A 438 27.68 -7.88 19.37
N ALA A 439 27.57 -9.20 19.22
CA ALA A 439 26.45 -9.82 18.56
C ALA A 439 25.52 -10.41 19.60
N THR A 440 24.22 -10.32 19.34
CA THR A 440 23.20 -10.95 20.16
C THR A 440 22.11 -11.48 19.23
N LYS A 441 20.98 -11.92 19.79
CA LYS A 441 19.85 -12.39 18.98
C LYS A 441 18.56 -11.64 19.32
N ASN A 442 17.76 -11.34 18.32
CA ASN A 442 16.48 -10.67 18.52
C ASN A 442 15.51 -10.92 17.35
N TYR A 443 14.25 -10.58 17.58
CA TYR A 443 13.21 -10.61 16.54
C TYR A 443 12.91 -9.17 16.09
N PHE A 444 12.80 -8.96 14.78
CA PHE A 444 12.38 -7.66 14.24
C PHE A 444 10.91 -7.66 13.89
N LEU A 445 10.23 -6.58 14.28
CA LEU A 445 8.88 -6.29 13.84
C LEU A 445 8.93 -5.19 12.79
N ARG A 446 8.58 -5.54 11.56
CA ARG A 446 8.44 -4.60 10.45
C ARG A 446 7.09 -4.86 9.79
N PRO A 447 6.38 -3.79 9.36
CA PRO A 447 5.06 -3.99 8.73
C PRO A 447 5.06 -5.04 7.63
N PHE A 448 4.16 -6.03 7.74
CA PHE A 448 3.98 -7.11 6.77
C PHE A 448 5.17 -8.09 6.60
N HIS A 449 6.10 -8.12 7.56
CA HIS A 449 7.22 -9.08 7.54
C HIS A 449 7.03 -10.02 8.71
N GLU A 450 7.09 -11.32 8.44
CA GLU A 450 7.00 -12.31 9.51
C GLU A 450 8.23 -12.19 10.39
N PRO A 451 8.06 -12.13 11.71
CA PRO A 451 9.22 -11.99 12.60
C PRO A 451 10.03 -13.31 12.64
N LYS A 452 11.36 -13.17 12.56
CA LYS A 452 12.29 -14.30 12.59
C LYS A 452 13.43 -13.98 13.57
N LEU A 453 13.99 -15.04 14.17
CA LEU A 453 15.14 -14.89 15.05
C LEU A 453 16.40 -14.73 14.18
N ASN A 454 17.15 -13.65 14.42
CA ASN A 454 18.39 -13.39 13.69
C ASN A 454 19.50 -12.99 14.62
N VAL A 455 20.74 -13.21 14.17
CA VAL A 455 21.90 -12.65 14.84
C VAL A 455 21.95 -11.16 14.47
N VAL A 456 22.08 -10.31 15.48
CA VAL A 456 21.99 -8.86 15.29
C VAL A 456 23.12 -8.12 16.01
N VAL A 457 23.42 -6.93 15.50
CA VAL A 457 24.38 -6.00 16.09
C VAL A 457 23.75 -4.62 16.12
N GLY A 458 24.24 -3.75 17.00
CA GLY A 458 23.65 -2.43 17.16
C GLY A 458 24.62 -1.28 17.33
N GLU A 459 24.06 -0.08 17.40
CA GLU A 459 24.74 1.13 17.82
C GLU A 459 23.88 1.79 18.87
N LEU A 460 24.53 2.38 19.87
CA LEU A 460 23.84 3.17 20.90
C LEU A 460 23.86 4.64 20.48
N GLY A 461 22.69 5.27 20.51
CA GLY A 461 22.57 6.71 20.32
C GLY A 461 22.29 7.39 21.64
N VAL A 462 22.98 8.49 21.93
CA VAL A 462 22.77 9.29 23.15
C VAL A 462 22.41 10.71 22.73
N ASN A 463 21.32 11.23 23.27
CA ASN A 463 20.76 12.54 22.87
C ASN A 463 20.88 13.60 23.95
N GLY A 464 20.81 14.85 23.51
CA GLY A 464 20.77 15.97 24.44
C GLY A 464 20.60 17.29 23.71
N THR A 465 20.50 18.37 24.48
CA THR A 465 20.44 19.72 23.94
C THR A 465 21.34 20.67 24.71
N LEU A 466 21.75 21.73 24.03
CA LEU A 466 22.55 22.78 24.65
C LEU A 466 22.08 24.12 24.09
N LEU A 467 21.71 25.03 24.99
CA LEU A 467 21.31 26.38 24.64
C LEU A 467 22.42 27.33 25.06
N GLY A 468 23.00 28.03 24.08
CA GLY A 468 24.17 28.85 24.30
C GLY A 468 24.13 30.17 23.55
N ASN A 469 25.15 30.99 23.83
CA ASN A 469 25.30 32.32 23.26
C ASN A 469 26.55 32.29 22.37
N LEU A 470 26.34 32.52 21.06
CA LEU A 470 27.41 32.50 20.07
C LEU A 470 28.45 33.64 20.21
N ARG A 471 28.07 34.78 20.82
CA ARG A 471 28.97 35.92 20.96
C ARG A 471 30.04 35.69 22.04
N ASP A 472 29.62 35.31 23.26
CA ASP A 472 30.56 35.11 24.38
C ASP A 472 30.81 33.65 24.76
N GLN A 473 30.20 32.71 24.03
CA GLN A 473 30.38 31.26 24.26
C GLN A 473 29.87 30.76 25.63
N SER A 474 28.97 31.51 26.26
CA SER A 474 28.35 31.09 27.51
C SER A 474 27.24 30.08 27.23
N VAL A 475 26.97 29.25 28.24
CA VAL A 475 26.04 28.14 28.12
C VAL A 475 25.01 28.22 29.25
N ARG A 476 23.74 28.38 28.87
CA ARG A 476 22.61 28.49 29.78
C ARG A 476 22.02 27.11 30.16
N HIS A 477 22.14 26.14 29.25
CA HIS A 477 21.48 24.84 29.40
C HIS A 477 22.32 23.81 28.64
N ASN A 478 22.69 22.74 29.35
CA ASN A 478 23.47 21.64 28.74
C ASN A 478 23.06 20.33 29.41
N VAL A 479 22.19 19.58 28.74
CA VAL A 479 21.56 18.40 29.35
C VAL A 479 21.62 17.21 28.40
N GLN A 480 22.05 16.07 28.93
CA GLN A 480 21.85 14.79 28.27
C GLN A 480 20.45 14.34 28.64
N SER A 481 19.69 13.94 27.65
CA SER A 481 18.39 13.30 27.88
C SER A 481 17.98 12.53 26.64
N GLY A 482 17.65 11.26 26.84
CA GLY A 482 17.22 10.39 25.76
C GLY A 482 18.35 9.55 25.19
N HIS A 483 17.99 8.35 24.75
CA HIS A 483 18.89 7.44 24.06
C HIS A 483 18.08 6.51 23.16
N LEU A 484 18.79 5.67 22.42
CA LEU A 484 18.17 4.63 21.60
C LEU A 484 19.21 3.58 21.26
N LEU A 485 18.73 2.42 20.84
CA LEU A 485 19.54 1.48 20.09
C LEU A 485 19.00 1.43 18.66
N ARG A 486 19.89 1.35 17.70
CA ARG A 486 19.57 1.09 16.30
C ARG A 486 20.24 -0.27 16.00
N THR A 487 19.44 -1.25 15.62
CA THR A 487 19.88 -2.66 15.53
C THR A 487 19.67 -3.22 14.13
N LYS A 488 20.66 -3.97 13.64
CA LYS A 488 20.69 -4.50 12.27
C LYS A 488 21.07 -5.98 12.27
N LEU A 489 20.76 -6.66 11.17
CA LEU A 489 21.31 -8.00 10.89
C LEU A 489 22.82 -7.90 10.77
N ARG A 490 23.54 -8.89 11.32
CA ARG A 490 25.01 -8.91 11.24
C ARG A 490 25.52 -9.09 9.79
N THR A 501 19.08 -0.19 6.99
CA THR A 501 18.64 0.79 7.97
C THR A 501 18.46 0.19 9.36
N GLY A 502 17.97 -1.05 9.44
CA GLY A 502 17.76 -1.70 10.74
C GLY A 502 16.51 -1.19 11.44
N VAL A 503 16.35 -1.55 12.71
CA VAL A 503 15.13 -1.23 13.46
C VAL A 503 15.46 -0.44 14.73
N GLY A 504 14.45 0.22 15.28
CA GLY A 504 14.54 0.88 16.57
C GLY A 504 14.54 -0.15 17.69
N ASP A 505 15.22 0.18 18.77
CA ASP A 505 15.50 -0.78 19.84
C ASP A 505 15.83 0.03 21.10
N SER A 506 15.91 -0.63 22.25
CA SER A 506 16.33 0.02 23.49
C SER A 506 17.12 -0.98 24.34
N PRO A 507 17.99 -0.49 25.23
CA PRO A 507 18.92 -1.41 25.91
C PRO A 507 18.31 -2.13 27.10
N TYR A 508 18.70 -3.40 27.26
CA TYR A 508 18.46 -4.15 28.49
C TYR A 508 19.81 -4.30 29.19
N LEU A 509 20.00 -3.54 30.27
CA LEU A 509 21.32 -3.40 30.88
C LEU A 509 21.75 -4.62 31.70
N PHE A 510 22.99 -5.06 31.52
CA PHE A 510 23.56 -6.17 32.32
C PHE A 510 24.97 -5.82 32.81
N TYR B 31 -10.52 -34.92 -8.83
CA TYR B 31 -9.25 -34.73 -9.59
C TYR B 31 -8.39 -33.58 -9.08
N VAL B 32 -8.99 -32.56 -8.48
CA VAL B 32 -8.25 -31.38 -8.01
C VAL B 32 -7.29 -31.76 -6.88
N GLU B 33 -7.79 -32.52 -5.91
CA GLU B 33 -6.95 -33.02 -4.83
C GLU B 33 -5.83 -33.94 -5.30
N LYS B 34 -6.13 -34.83 -6.24
CA LYS B 34 -5.11 -35.73 -6.84
C LYS B 34 -4.04 -34.93 -7.62
N SER B 35 -4.46 -33.88 -8.31
CA SER B 35 -3.55 -33.07 -9.15
C SER B 35 -2.54 -32.26 -8.36
N VAL B 36 -2.94 -31.77 -7.18
CA VAL B 36 -2.10 -30.90 -6.35
C VAL B 36 -1.55 -31.71 -5.17
N ASN B 37 -0.45 -32.42 -5.38
CA ASN B 37 0.00 -33.42 -4.37
C ASN B 37 1.04 -32.89 -3.36
N SER B 38 1.26 -31.58 -3.26
CA SER B 38 2.12 -30.99 -2.25
C SER B 38 1.86 -29.48 -2.07
N GLU B 39 2.28 -28.95 -0.92
CA GLU B 39 2.22 -27.51 -0.65
C GLU B 39 3.11 -26.72 -1.63
N THR B 40 4.28 -27.28 -1.99
CA THR B 40 5.17 -26.65 -2.94
C THR B 40 4.51 -26.46 -4.30
N LYS B 41 3.85 -27.51 -4.79
CA LYS B 41 3.16 -27.46 -6.08
C LYS B 41 1.99 -26.48 -6.01
N LEU B 42 1.21 -26.54 -4.93
CA LEU B 42 0.09 -25.63 -4.72
C LEU B 42 0.50 -24.16 -4.90
N HIS B 43 1.59 -23.78 -4.24
CA HIS B 43 2.05 -22.39 -4.27
C HIS B 43 2.64 -21.98 -5.62
N LYS B 44 3.35 -22.88 -6.28
CA LYS B 44 3.85 -22.61 -7.65
C LYS B 44 2.70 -22.40 -8.63
N LEU B 45 1.66 -23.22 -8.52
CA LEU B 45 0.46 -23.07 -9.35
C LEU B 45 -0.28 -21.78 -9.06
N ALA B 46 -0.49 -21.48 -7.78
CA ALA B 46 -1.23 -20.28 -7.38
C ALA B 46 -0.49 -19.02 -7.80
N ASP B 47 0.83 -19.02 -7.65
CA ASP B 47 1.67 -17.86 -8.01
C ASP B 47 1.60 -17.61 -9.53
N PHE B 48 1.67 -18.69 -10.31
CA PHE B 48 1.47 -18.59 -11.76
C PHE B 48 0.09 -18.02 -12.09
N ALA B 49 -0.95 -18.54 -11.44
CA ALA B 49 -2.33 -18.11 -11.69
C ALA B 49 -2.57 -16.63 -11.41
N ILE B 50 -2.03 -16.16 -10.30
CA ILE B 50 -2.20 -14.77 -9.86
C ILE B 50 -1.51 -13.80 -10.83
N ASP B 51 -0.29 -14.13 -11.25
CA ASP B 51 0.41 -13.34 -12.26
C ASP B 51 -0.34 -13.34 -13.59
N TRP B 52 -0.81 -14.52 -14.01
CA TRP B 52 -1.57 -14.61 -15.24
C TRP B 52 -2.83 -13.74 -15.18
N ALA B 53 -3.52 -13.77 -14.04
CA ALA B 53 -4.74 -12.99 -13.85
C ALA B 53 -4.48 -11.50 -14.06
N HIS B 54 -3.44 -10.97 -13.41
CA HIS B 54 -3.07 -9.57 -13.59
C HIS B 54 -2.63 -9.22 -15.02
N ASN B 55 -1.88 -10.11 -15.65
CA ASN B 55 -1.40 -9.88 -17.02
C ASN B 55 -2.52 -9.94 -18.06
N ASN B 56 -3.63 -10.57 -17.71
CA ASN B 56 -4.71 -10.78 -18.67
C ASN B 56 -6.04 -10.12 -18.30
N GLY B 57 -6.02 -9.18 -17.37
CA GLY B 57 -7.21 -8.39 -17.02
C GLY B 57 -8.24 -9.07 -16.15
N LEU B 58 -7.86 -10.15 -15.46
CA LEU B 58 -8.76 -10.86 -14.56
C LEU B 58 -8.65 -10.19 -13.19
N ILE B 59 -9.21 -8.99 -13.10
CA ILE B 59 -8.92 -8.07 -12.00
C ILE B 59 -10.14 -7.28 -11.52
N LEU B 60 -10.04 -6.76 -10.31
CA LEU B 60 -11.04 -5.89 -9.70
C LEU B 60 -10.32 -4.73 -9.02
N ARG B 61 -11.02 -3.63 -8.81
CA ARG B 61 -10.57 -2.57 -7.91
C ARG B 61 -10.48 -3.13 -6.49
N THR B 62 -9.56 -2.56 -5.71
CA THR B 62 -9.30 -3.03 -4.36
C THR B 62 -10.40 -2.56 -3.42
N LYS B 63 -10.55 -3.25 -2.31
CA LYS B 63 -11.51 -2.88 -1.26
C LYS B 63 -11.16 -1.52 -0.65
N GLN B 64 -9.87 -1.21 -0.52
CA GLN B 64 -9.41 0.09 -0.01
C GLN B 64 -9.79 1.25 -0.92
N PHE B 65 -9.77 1.04 -2.24
CA PHE B 65 -10.01 2.08 -3.21
C PHE B 65 -11.00 1.66 -4.28
N LEU B 66 -12.26 1.49 -3.89
CA LEU B 66 -13.33 1.13 -4.85
C LEU B 66 -13.66 2.24 -5.85
N ASN B 67 -13.20 3.46 -5.55
CA ASN B 67 -13.39 4.62 -6.42
C ASN B 67 -12.17 4.94 -7.31
N LYS B 68 -11.11 4.13 -7.24
CA LYS B 68 -9.86 4.41 -7.96
C LYS B 68 -9.27 3.17 -8.62
N SER B 69 -8.72 3.38 -9.81
CA SER B 69 -8.12 2.30 -10.57
C SER B 69 -6.58 2.23 -10.48
N ASP B 70 -5.97 3.02 -9.59
CA ASP B 70 -4.49 3.08 -9.53
C ASP B 70 -3.87 1.73 -9.19
N VAL B 71 -4.51 1.03 -8.25
CA VAL B 71 -4.17 -0.34 -7.91
C VAL B 71 -5.34 -1.26 -8.19
N ALA B 72 -5.02 -2.52 -8.48
CA ALA B 72 -6.00 -3.56 -8.72
C ALA B 72 -5.56 -4.83 -8.01
N GLU B 73 -6.54 -5.68 -7.69
CA GLU B 73 -6.30 -7.02 -7.16
C GLU B 73 -6.86 -8.02 -8.16
N PHE B 74 -6.39 -9.25 -8.13
CA PHE B 74 -6.96 -10.29 -8.99
C PHE B 74 -8.38 -10.66 -8.53
N ALA B 75 -9.23 -11.02 -9.47
CA ALA B 75 -10.59 -11.46 -9.21
C ALA B 75 -10.58 -12.83 -8.52
N PRO B 76 -11.41 -13.02 -7.49
CA PRO B 76 -11.41 -14.30 -6.80
C PRO B 76 -11.89 -15.46 -7.68
N VAL B 77 -11.06 -16.51 -7.77
CA VAL B 77 -11.34 -17.65 -8.65
C VAL B 77 -10.90 -18.96 -8.00
N SER B 78 -11.46 -20.06 -8.50
CA SER B 78 -10.93 -21.37 -8.16
C SER B 78 -9.61 -21.57 -8.90
N LEU B 79 -8.72 -22.38 -8.31
CA LEU B 79 -7.43 -22.71 -8.92
C LEU B 79 -7.59 -23.51 -10.20
N LEU B 80 -8.50 -24.47 -10.17
CA LEU B 80 -8.78 -25.34 -11.30
C LEU B 80 -10.28 -25.36 -11.58
N PRO B 81 -10.66 -25.73 -12.83
CA PRO B 81 -12.07 -25.79 -13.14
C PRO B 81 -12.76 -26.97 -12.44
N SER B 82 -13.90 -26.70 -11.82
CA SER B 82 -14.65 -27.72 -11.09
C SER B 82 -15.29 -28.73 -12.06
N PRO B 83 -15.25 -30.04 -11.73
CA PRO B 83 -15.93 -31.06 -12.54
C PRO B 83 -17.42 -30.77 -12.71
N PHE B 84 -17.94 -30.95 -13.92
CA PHE B 84 -19.34 -30.72 -14.23
C PHE B 84 -19.77 -31.69 -15.34
N PRO B 85 -20.92 -32.37 -15.20
CA PRO B 85 -21.28 -33.35 -16.24
C PRO B 85 -21.64 -32.70 -17.59
N ARG B 86 -21.10 -33.26 -18.66
CA ARG B 86 -21.30 -32.76 -20.01
C ARG B 86 -22.77 -32.69 -20.41
N HIS B 87 -23.53 -33.75 -20.10
CA HIS B 87 -24.95 -33.82 -20.45
C HIS B 87 -25.77 -32.67 -19.87
N ALA B 88 -25.56 -32.37 -18.59
CA ALA B 88 -26.26 -31.27 -17.92
C ALA B 88 -25.87 -29.91 -18.53
N PHE B 89 -24.59 -29.73 -18.81
CA PHE B 89 -24.08 -28.51 -19.45
C PHE B 89 -24.70 -28.27 -20.83
N GLU B 90 -24.67 -29.30 -21.68
CA GLU B 90 -25.20 -29.20 -23.04
C GLU B 90 -26.72 -28.91 -23.03
N LYS B 91 -27.42 -29.49 -22.07
CA LYS B 91 -28.86 -29.24 -21.88
C LYS B 91 -29.15 -27.79 -21.48
N ALA B 92 -28.37 -27.25 -20.55
CA ALA B 92 -28.50 -25.85 -20.11
C ALA B 92 -28.24 -24.86 -21.24
N VAL B 93 -27.22 -25.15 -22.05
CA VAL B 93 -26.91 -24.34 -23.23
C VAL B 93 -28.02 -24.42 -24.27
N ALA B 94 -28.48 -25.63 -24.56
CA ALA B 94 -29.46 -25.89 -25.63
C ALA B 94 -30.83 -25.25 -25.39
N VAL B 95 -31.25 -25.16 -24.14
CA VAL B 95 -32.55 -24.57 -23.79
C VAL B 95 -32.53 -23.02 -23.74
N HIS B 96 -31.34 -22.41 -23.77
CA HIS B 96 -31.22 -21.01 -23.37
C HIS B 96 -31.97 -20.03 -24.28
N GLU B 97 -31.85 -20.20 -25.60
CA GLU B 97 -32.51 -19.32 -26.55
C GLU B 97 -34.04 -19.38 -26.43
N ALA B 98 -34.58 -20.58 -26.19
CA ALA B 98 -36.01 -20.75 -25.89
C ALA B 98 -36.41 -19.98 -24.62
N LEU B 99 -35.56 -20.07 -23.60
CA LEU B 99 -35.80 -19.39 -22.32
C LEU B 99 -35.79 -17.85 -22.48
N GLN B 100 -34.89 -17.33 -23.32
CA GLN B 100 -34.84 -15.89 -23.60
C GLN B 100 -36.08 -15.40 -24.35
N LEU B 101 -36.52 -16.22 -25.32
CA LEU B 101 -37.75 -15.94 -26.06
C LEU B 101 -38.95 -15.92 -25.13
N LEU B 102 -39.02 -16.88 -24.21
CA LEU B 102 -40.08 -16.92 -23.18
C LEU B 102 -40.17 -15.62 -22.39
N TYR B 103 -39.06 -15.20 -21.79
CA TYR B 103 -39.06 -14.02 -20.92
C TYR B 103 -39.27 -12.72 -21.71
N PHE B 104 -38.81 -12.69 -22.96
CA PHE B 104 -39.12 -11.57 -23.85
C PHE B 104 -40.64 -11.45 -24.07
N ARG B 105 -41.30 -12.57 -24.36
CA ARG B 105 -42.76 -12.58 -24.54
C ARG B 105 -43.53 -12.24 -23.26
N VAL B 106 -43.02 -12.67 -22.12
CA VAL B 106 -43.60 -12.28 -20.82
C VAL B 106 -43.50 -10.76 -20.65
N ALA B 107 -42.32 -10.20 -20.92
CA ALA B 107 -42.10 -8.75 -20.86
C ALA B 107 -43.00 -7.93 -21.79
N CYS B 108 -43.32 -8.49 -22.96
CA CYS B 108 -44.25 -7.86 -23.90
C CYS B 108 -45.72 -7.96 -23.49
N ASP B 109 -46.05 -8.92 -22.62
CA ASP B 109 -47.43 -9.16 -22.20
C ASP B 109 -47.75 -8.30 -20.97
N TYR B 110 -48.13 -7.06 -21.22
CA TYR B 110 -48.46 -6.09 -20.17
C TYR B 110 -49.51 -6.61 -19.18
N GLU B 111 -50.57 -7.21 -19.70
CA GLU B 111 -51.65 -7.72 -18.87
C GLU B 111 -51.22 -8.86 -17.94
N PHE B 112 -50.41 -9.79 -18.45
CA PHE B 112 -49.85 -10.87 -17.64
C PHE B 112 -48.99 -10.34 -16.48
N MET B 113 -48.14 -9.36 -16.77
CA MET B 113 -47.25 -8.79 -15.75
C MET B 113 -48.02 -8.04 -14.66
N MET B 114 -48.96 -7.19 -15.06
CA MET B 114 -49.81 -6.46 -14.10
C MET B 114 -50.64 -7.41 -13.24
N ASP B 115 -51.15 -8.48 -13.85
CA ASP B 115 -51.86 -9.55 -13.14
C ASP B 115 -50.95 -10.22 -12.10
N ALA B 116 -49.73 -10.55 -12.51
CA ALA B 116 -48.77 -11.22 -11.62
C ALA B 116 -48.34 -10.37 -10.41
N TYR B 117 -48.35 -9.05 -10.57
CA TYR B 117 -47.93 -8.12 -9.51
C TYR B 117 -49.08 -7.48 -8.69
N LYS B 118 -50.34 -7.80 -9.02
CA LYS B 118 -51.53 -7.19 -8.36
C LYS B 118 -51.47 -7.12 -6.82
N ASP B 119 -50.98 -8.19 -6.19
CA ASP B 119 -50.96 -8.31 -4.73
C ASP B 119 -49.65 -7.82 -4.12
N VAL B 120 -48.53 -8.26 -4.68
CA VAL B 120 -47.21 -7.97 -4.08
C VAL B 120 -46.85 -6.47 -4.09
N VAL B 121 -47.40 -5.71 -5.03
CA VAL B 121 -47.28 -4.23 -5.03
C VAL B 121 -47.81 -3.57 -3.74
N ASN B 122 -48.83 -4.15 -3.12
CA ASN B 122 -49.40 -3.61 -1.87
C ASN B 122 -48.58 -3.88 -0.61
N THR B 123 -47.58 -4.78 -0.67
CA THR B 123 -46.71 -5.10 0.48
C THR B 123 -45.22 -5.10 0.12
N ASP B 124 -44.82 -4.20 -0.79
CA ASP B 124 -43.44 -4.06 -1.26
C ASP B 124 -43.36 -2.73 -2.02
N ASN B 125 -42.96 -1.67 -1.31
CA ASN B 125 -42.95 -0.32 -1.87
C ASN B 125 -41.97 -0.15 -3.03
N HIS B 126 -40.86 -0.88 -2.98
CA HIS B 126 -39.84 -0.82 -4.02
C HIS B 126 -40.40 -1.35 -5.35
N LEU B 127 -40.99 -2.54 -5.32
CA LEU B 127 -41.68 -3.13 -6.48
C LEU B 127 -42.84 -2.28 -6.99
N ARG B 128 -43.60 -1.67 -6.06
CA ARG B 128 -44.72 -0.81 -6.42
C ARG B 128 -44.27 0.37 -7.29
N GLN B 129 -43.19 1.02 -6.89
CA GLN B 129 -42.62 2.14 -7.66
C GLN B 129 -42.13 1.72 -9.05
N LEU B 130 -41.50 0.56 -9.14
CA LEU B 130 -41.04 0.04 -10.44
C LEU B 130 -42.23 -0.25 -11.36
N VAL B 131 -43.26 -0.88 -10.82
CA VAL B 131 -44.48 -1.18 -11.58
C VAL B 131 -45.18 0.09 -12.04
N ASN B 132 -45.21 1.13 -11.19
CA ASN B 132 -45.79 2.42 -11.55
C ASN B 132 -45.05 3.12 -12.70
N ILE B 133 -43.73 2.95 -12.76
CA ILE B 133 -42.96 3.44 -13.90
C ILE B 133 -43.38 2.74 -15.20
N ILE B 134 -43.54 1.43 -15.15
CA ILE B 134 -44.01 0.65 -16.32
C ILE B 134 -45.42 1.07 -16.72
N LYS B 135 -46.29 1.31 -15.74
CA LYS B 135 -47.63 1.86 -16.00
C LYS B 135 -47.57 3.21 -16.72
N ASP B 136 -46.74 4.12 -16.21
CA ASP B 136 -46.56 5.43 -16.83
C ASP B 136 -46.02 5.32 -18.27
N ALA B 137 -45.04 4.45 -18.48
CA ALA B 137 -44.47 4.20 -19.82
C ALA B 137 -45.52 3.66 -20.79
N HIS B 138 -46.31 2.69 -20.34
CA HIS B 138 -47.38 2.10 -21.15
C HIS B 138 -48.51 3.10 -21.47
N LYS B 139 -48.88 3.93 -20.51
CA LYS B 139 -49.95 4.95 -20.72
C LYS B 139 -49.60 5.94 -21.84
N GLN B 140 -48.34 6.38 -21.87
CA GLN B 140 -47.88 7.35 -22.86
C GLN B 140 -47.57 6.76 -24.24
N GLY B 141 -47.63 5.43 -24.37
CA GLY B 141 -47.27 4.74 -25.61
C GLY B 141 -45.78 4.49 -25.63
N ILE B 142 -45.36 3.37 -26.22
CA ILE B 142 -43.95 3.00 -26.22
C ILE B 142 -43.21 3.87 -27.24
N LYS B 143 -42.29 4.70 -26.74
CA LYS B 143 -41.49 5.59 -27.59
C LYS B 143 -40.37 4.86 -28.33
N GLN B 144 -39.82 3.81 -27.73
CA GLN B 144 -38.76 3.01 -28.36
C GLN B 144 -39.12 1.52 -28.36
N PRO B 145 -39.44 0.96 -29.54
CA PRO B 145 -39.78 -0.46 -29.64
C PRO B 145 -38.58 -1.41 -29.47
N THR B 146 -37.40 -1.01 -29.91
CA THR B 146 -36.21 -1.87 -29.83
C THR B 146 -35.67 -1.90 -28.41
N THR B 147 -35.43 -3.12 -27.92
CA THR B 147 -34.86 -3.35 -26.60
C THR B 147 -33.90 -4.54 -26.65
N LEU B 148 -32.93 -4.55 -25.74
CA LEU B 148 -31.99 -5.64 -25.63
C LEU B 148 -32.18 -6.34 -24.29
N LEU B 149 -32.62 -7.59 -24.36
CA LEU B 149 -32.68 -8.49 -23.21
C LEU B 149 -31.30 -9.13 -23.05
N ILE B 150 -30.84 -9.17 -21.81
CA ILE B 150 -29.60 -9.84 -21.44
C ILE B 150 -29.96 -10.80 -20.31
N MET B 151 -29.63 -12.08 -20.46
CA MET B 151 -30.08 -13.08 -19.48
C MET B 151 -28.92 -13.93 -19.00
N ARG B 152 -28.87 -14.12 -17.68
CA ARG B 152 -28.15 -15.23 -17.07
C ARG B 152 -29.17 -16.15 -16.40
N ALA B 153 -29.22 -17.41 -16.84
CA ALA B 153 -30.02 -18.45 -16.17
C ALA B 153 -29.10 -19.29 -15.29
N ASP B 154 -29.46 -19.48 -14.02
CA ASP B 154 -28.68 -20.24 -13.06
C ASP B 154 -29.27 -21.62 -12.85
N TYR B 155 -28.38 -22.62 -12.82
CA TYR B 155 -28.73 -24.02 -12.66
C TYR B 155 -27.89 -24.66 -11.57
N MET B 156 -28.48 -25.67 -10.93
CA MET B 156 -27.75 -26.49 -9.97
C MET B 156 -27.95 -27.96 -10.36
N LEU B 157 -27.00 -28.78 -9.91
CA LEU B 157 -27.01 -30.21 -10.15
C LEU B 157 -27.60 -30.94 -8.97
N ASN B 158 -28.83 -31.44 -9.13
CA ASN B 158 -29.48 -32.24 -8.09
C ASN B 158 -29.03 -33.71 -8.15
N THR B 159 -28.54 -34.23 -7.02
CA THR B 159 -28.10 -35.64 -6.92
C THR B 159 -29.20 -36.61 -6.46
N GLU B 168 -27.38 -40.05 -12.40
CA GLU B 168 -26.64 -39.63 -11.22
C GLU B 168 -26.89 -38.15 -10.88
N TYR B 169 -27.04 -37.30 -11.87
CA TYR B 169 -27.29 -35.86 -11.63
C TYR B 169 -28.38 -35.38 -12.58
N GLU B 170 -29.21 -34.44 -12.12
CA GLU B 170 -30.18 -33.80 -13.01
C GLU B 170 -30.07 -32.26 -12.92
N LEU B 171 -30.22 -31.62 -14.07
CA LEU B 171 -30.12 -30.18 -14.20
C LEU B 171 -31.42 -29.53 -13.74
N LYS B 172 -31.31 -28.60 -12.79
CA LYS B 172 -32.46 -27.86 -12.26
C LYS B 172 -32.23 -26.35 -12.35
N GLN B 173 -33.16 -25.65 -12.98
CA GLN B 173 -33.16 -24.18 -13.03
C GLN B 173 -33.52 -23.63 -11.65
N VAL B 174 -32.66 -22.76 -11.11
CA VAL B 174 -32.87 -22.16 -9.79
C VAL B 174 -33.06 -20.63 -9.79
N GLU B 175 -32.61 -19.95 -10.84
CA GLU B 175 -32.76 -18.50 -10.94
C GLU B 175 -32.66 -18.03 -12.39
N VAL B 176 -33.40 -16.98 -12.72
CA VAL B 176 -33.30 -16.28 -14.01
C VAL B 176 -33.06 -14.81 -13.69
N ASN B 177 -32.06 -14.22 -14.33
CA ASN B 177 -31.63 -12.85 -14.10
C ASN B 177 -31.70 -12.12 -15.45
N THR B 178 -32.61 -11.17 -15.55
CA THR B 178 -32.73 -10.33 -16.75
C THR B 178 -32.46 -8.86 -16.45
N GLY B 179 -31.88 -8.58 -15.27
CA GLY B 179 -31.59 -7.21 -14.84
C GLY B 179 -30.16 -6.82 -15.15
N ALA B 180 -29.34 -6.66 -14.11
CA ALA B 180 -27.96 -6.18 -14.25
C ALA B 180 -27.01 -7.35 -14.38
N ILE B 181 -26.47 -7.56 -15.57
CA ILE B 181 -25.57 -8.67 -15.86
C ILE B 181 -24.32 -8.05 -16.45
N GLY B 182 -23.21 -8.40 -15.84
CA GLY B 182 -21.89 -7.95 -16.30
C GLY B 182 -20.90 -9.04 -15.96
N GLY B 183 -19.60 -8.76 -16.08
CA GLY B 183 -18.60 -9.75 -15.77
C GLY B 183 -18.35 -10.80 -16.84
N LEU B 184 -18.83 -10.60 -18.07
CA LEU B 184 -18.66 -11.62 -19.12
C LEU B 184 -17.19 -11.76 -19.59
N GLY B 185 -16.46 -10.63 -19.63
CA GLY B 185 -15.02 -10.66 -19.84
C GLY B 185 -14.25 -11.41 -18.75
N ILE B 186 -14.66 -11.23 -17.50
CA ILE B 186 -14.12 -11.96 -16.35
C ILE B 186 -14.38 -13.47 -16.47
N ASP B 187 -15.57 -13.86 -16.93
CA ASP B 187 -15.92 -15.28 -17.11
C ASP B 187 -15.02 -15.90 -18.18
N ARG B 188 -14.86 -15.22 -19.32
CA ARG B 188 -13.98 -15.72 -20.39
C ARG B 188 -12.54 -15.89 -19.90
N ARG B 189 -12.02 -14.89 -19.21
CA ARG B 189 -10.65 -14.93 -18.67
C ARG B 189 -10.47 -16.05 -17.61
N THR B 190 -11.53 -16.35 -16.87
CA THR B 190 -11.51 -17.45 -15.92
C THR B 190 -11.40 -18.80 -16.63
N THR B 191 -12.17 -18.97 -17.72
CA THR B 191 -12.01 -20.14 -18.59
C THR B 191 -10.59 -20.27 -19.11
N GLU B 192 -10.04 -19.15 -19.61
CA GLU B 192 -8.68 -19.14 -20.16
C GLU B 192 -7.62 -19.45 -19.10
N LEU B 193 -7.75 -18.86 -17.91
CA LEU B 193 -6.88 -19.21 -16.79
C LEU B 193 -6.93 -20.71 -16.50
N HIS B 194 -8.15 -21.26 -16.45
CA HIS B 194 -8.31 -22.67 -16.14
C HIS B 194 -7.70 -23.62 -17.17
N ARG B 195 -7.69 -23.24 -18.43
CA ARG B 195 -6.97 -23.99 -19.46
C ARG B 195 -5.45 -23.99 -19.21
N GLN B 196 -4.90 -22.84 -18.84
CA GLN B 196 -3.50 -22.73 -18.46
C GLN B 196 -3.16 -23.66 -17.28
N MET B 197 -4.02 -23.66 -16.27
CA MET B 197 -3.84 -24.47 -15.07
C MET B 197 -4.00 -25.97 -15.34
N LEU B 198 -4.97 -26.31 -16.17
CA LEU B 198 -5.11 -27.69 -16.65
C LEU B 198 -3.83 -28.22 -17.32
N ARG B 199 -3.21 -27.40 -18.19
CA ARG B 199 -1.93 -27.77 -18.81
C ARG B 199 -0.83 -27.94 -17.76
N LYS B 200 -0.80 -27.07 -16.76
CA LYS B 200 0.19 -27.17 -15.68
C LYS B 200 0.12 -28.47 -14.88
N VAL B 201 -1.07 -29.08 -14.78
CA VAL B 201 -1.23 -30.38 -14.09
C VAL B 201 -1.43 -31.55 -15.07
N GLY B 202 -1.11 -31.35 -16.35
CA GLY B 202 -1.15 -32.39 -17.36
C GLY B 202 -2.52 -32.93 -17.73
N MET B 203 -3.56 -32.12 -17.58
CA MET B 203 -4.94 -32.52 -17.92
C MET B 203 -5.29 -32.00 -19.32
N ASP B 204 -6.18 -32.72 -20.00
CA ASP B 204 -6.65 -32.36 -21.35
C ASP B 204 -7.58 -31.14 -21.29
N THR B 205 -7.27 -30.12 -22.08
CA THR B 205 -8.05 -28.88 -22.12
C THR B 205 -9.29 -28.92 -23.02
N SER B 206 -9.47 -29.99 -23.80
CA SER B 206 -10.63 -30.09 -24.71
C SER B 206 -11.99 -30.20 -23.99
N ASN B 207 -11.96 -30.62 -22.73
CA ASN B 207 -13.16 -30.68 -21.87
C ASN B 207 -13.48 -29.36 -21.16
N SER B 208 -12.67 -28.32 -21.38
CA SER B 208 -12.99 -26.95 -20.97
C SER B 208 -13.69 -26.23 -22.15
N PRO B 209 -15.03 -26.03 -22.05
CA PRO B 209 -15.73 -25.52 -23.23
C PRO B 209 -15.51 -24.03 -23.51
N ALA B 210 -15.62 -23.68 -24.79
CA ALA B 210 -15.58 -22.33 -25.31
C ALA B 210 -16.47 -21.38 -24.52
N ASN B 211 -15.94 -20.19 -24.22
CA ASN B 211 -16.62 -19.21 -23.38
C ASN B 211 -16.38 -17.84 -24.04
N ASN B 212 -17.30 -17.45 -24.93
CA ASN B 212 -17.17 -16.29 -25.78
C ASN B 212 -18.29 -15.24 -25.50
N GLY B 213 -18.87 -15.23 -24.29
CA GLY B 213 -20.03 -14.42 -24.02
C GLY B 213 -19.79 -12.93 -24.14
N ASP B 214 -18.58 -12.49 -23.81
CA ASP B 214 -18.21 -11.08 -23.99
C ASP B 214 -18.26 -10.58 -25.44
N SER B 215 -17.84 -11.41 -26.39
CA SER B 215 -17.93 -11.05 -27.81
C SER B 215 -19.38 -10.84 -28.25
N ASN B 216 -20.28 -11.77 -27.88
CA ASN B 216 -21.70 -11.62 -28.17
C ASN B 216 -22.29 -10.38 -27.52
N MET B 217 -21.92 -10.12 -26.27
CA MET B 217 -22.38 -8.92 -25.54
C MET B 217 -22.01 -7.64 -26.26
N ILE B 218 -20.74 -7.53 -26.62
CA ILE B 218 -20.22 -6.36 -27.33
C ILE B 218 -20.90 -6.17 -28.69
N GLU B 219 -21.02 -7.25 -29.47
CA GLU B 219 -21.73 -7.21 -30.74
C GLU B 219 -23.20 -6.81 -30.56
N SER B 220 -23.84 -7.32 -29.52
CA SER B 220 -25.25 -7.04 -29.26
C SER B 220 -25.47 -5.59 -28.86
N LEU B 221 -24.57 -5.07 -28.01
CA LEU B 221 -24.62 -3.67 -27.60
C LEU B 221 -24.35 -2.74 -28.77
N PHE B 222 -23.40 -3.12 -29.63
CA PHE B 222 -23.10 -2.36 -30.85
C PHE B 222 -24.29 -2.34 -31.82
N MET B 223 -24.90 -3.50 -32.02
CA MET B 223 -26.12 -3.64 -32.84
C MET B 223 -27.25 -2.77 -32.30
N ALA B 224 -27.41 -2.75 -30.98
CA ALA B 224 -28.42 -1.89 -30.33
C ALA B 224 -28.14 -0.43 -30.64
N TRP B 225 -26.88 -0.02 -30.53
CA TRP B 225 -26.49 1.36 -30.81
C TRP B 225 -26.70 1.74 -32.29
N GLU B 226 -26.34 0.85 -33.22
CA GLU B 226 -26.61 1.08 -34.65
C GLU B 226 -28.11 1.23 -34.93
N ALA B 227 -28.92 0.41 -34.27
CA ALA B 227 -30.38 0.44 -34.44
C ALA B 227 -31.05 1.76 -34.01
N PHE B 228 -30.41 2.50 -33.09
CA PHE B 228 -30.95 3.80 -32.67
C PHE B 228 -30.94 4.80 -33.83
N GLY B 229 -29.92 4.72 -34.70
CA GLY B 229 -29.89 5.46 -35.97
C GLY B 229 -29.31 6.86 -35.87
N ASN B 230 -28.37 7.05 -34.95
CA ASN B 230 -27.72 8.36 -34.77
C ASN B 230 -26.30 8.14 -34.27
N LYS B 231 -25.33 8.32 -35.16
CA LYS B 231 -23.92 8.13 -34.83
C LYS B 231 -23.34 9.11 -33.80
N ASN B 232 -24.04 10.21 -33.52
CA ASN B 232 -23.65 11.14 -32.42
C ASN B 232 -24.34 10.86 -31.09
N ALA B 233 -25.24 9.87 -31.06
CA ALA B 233 -25.94 9.50 -29.83
C ALA B 233 -24.99 8.75 -28.91
N LEU B 234 -25.08 9.04 -27.62
CA LEU B 234 -24.21 8.45 -26.62
C LEU B 234 -24.57 6.99 -26.33
N PHE B 235 -23.55 6.21 -26.00
CA PHE B 235 -23.71 4.94 -25.30
C PHE B 235 -23.43 5.18 -23.83
N VAL B 236 -24.40 4.88 -22.97
CA VAL B 236 -24.28 5.12 -21.52
C VAL B 236 -24.25 3.85 -20.70
N PHE B 237 -23.18 3.68 -19.93
CA PHE B 237 -23.12 2.70 -18.84
C PHE B 237 -23.83 3.27 -17.62
N LEU B 238 -25.03 2.79 -17.32
CA LEU B 238 -25.69 3.13 -16.06
C LEU B 238 -25.04 2.25 -14.97
N SER B 239 -24.26 2.86 -14.08
CA SER B 239 -23.38 2.13 -13.17
C SER B 239 -23.04 2.91 -11.89
N HIS B 240 -22.74 2.20 -10.82
CA HIS B 240 -22.34 2.79 -9.53
C HIS B 240 -20.97 3.45 -9.60
N GLU B 241 -20.78 4.52 -8.83
CA GLU B 241 -19.53 5.29 -8.85
C GLU B 241 -18.39 4.51 -8.16
N ARG B 242 -18.75 3.79 -7.10
CA ARG B 242 -17.83 2.85 -6.42
C ARG B 242 -18.20 1.44 -6.89
N LEU B 243 -17.28 0.83 -7.64
CA LEU B 243 -17.55 -0.50 -8.23
C LEU B 243 -16.26 -1.27 -8.48
N GLN B 244 -16.25 -2.54 -8.05
CA GLN B 244 -15.14 -3.43 -8.26
C GLN B 244 -14.86 -3.70 -9.74
N TYR B 245 -15.91 -3.72 -10.54
CA TYR B 245 -15.88 -4.19 -11.95
C TYR B 245 -15.64 -3.08 -12.98
N LYS B 246 -15.06 -1.95 -12.56
CA LYS B 246 -14.81 -0.85 -13.49
C LYS B 246 -13.93 -1.25 -14.67
N PHE B 247 -12.92 -2.07 -14.42
CA PHE B 247 -12.01 -2.54 -15.47
C PHE B 247 -12.74 -3.30 -16.58
N GLU B 248 -13.70 -4.14 -16.20
CA GLU B 248 -14.54 -4.89 -17.14
C GLU B 248 -15.32 -3.92 -18.04
N LEU B 249 -15.94 -2.89 -17.44
CA LEU B 249 -16.70 -1.92 -18.22
C LEU B 249 -15.82 -1.15 -19.20
N ARG B 250 -14.62 -0.78 -18.76
CA ARG B 250 -13.70 -0.06 -19.64
C ARG B 250 -13.28 -0.90 -20.83
N ASN B 251 -13.12 -2.20 -20.60
CA ASN B 251 -12.85 -3.13 -21.70
C ASN B 251 -13.99 -3.14 -22.73
N ILE B 252 -15.23 -3.13 -22.26
CA ILE B 252 -16.38 -3.04 -23.15
C ILE B 252 -16.36 -1.72 -23.93
N GLN B 253 -16.11 -0.61 -23.24
CA GLN B 253 -15.94 0.69 -23.89
C GLN B 253 -14.92 0.64 -25.03
N CYS B 254 -13.73 0.13 -24.77
CA CYS B 254 -12.65 0.08 -25.79
C CYS B 254 -13.04 -0.74 -27.01
N GLN B 255 -13.67 -1.90 -26.78
CA GLN B 255 -14.14 -2.76 -27.88
C GLN B 255 -15.25 -2.10 -28.70
N LEU B 256 -16.20 -1.45 -28.02
CA LEU B 256 -17.27 -0.69 -28.70
C LEU B 256 -16.71 0.47 -29.53
N GLU B 257 -15.73 1.18 -28.97
CA GLU B 257 -15.04 2.26 -29.70
C GLU B 257 -14.32 1.73 -30.95
N GLU B 258 -13.67 0.57 -30.83
CA GLU B 258 -13.02 -0.09 -31.98
C GLU B 258 -14.03 -0.48 -33.06
N LEU B 259 -15.10 -1.17 -32.66
CA LEU B 259 -16.16 -1.59 -33.60
C LEU B 259 -16.81 -0.44 -34.36
N SER B 260 -16.97 0.70 -33.69
CA SER B 260 -17.56 1.89 -34.31
C SER B 260 -16.55 2.76 -35.08
N ASN B 261 -15.28 2.34 -35.14
CA ASN B 261 -14.20 3.13 -35.75
C ASN B 261 -14.07 4.53 -35.12
N GLY B 262 -14.14 4.57 -33.79
CA GLY B 262 -14.05 5.82 -33.03
C GLY B 262 -15.27 6.73 -33.02
N GLN B 263 -16.37 6.33 -33.65
CA GLN B 263 -17.57 7.18 -33.73
C GLN B 263 -18.44 7.17 -32.47
N MET B 264 -18.45 6.06 -31.73
CA MET B 264 -19.31 5.94 -30.55
C MET B 264 -18.75 6.69 -29.36
N LYS B 265 -19.49 7.67 -28.86
CA LYS B 265 -19.12 8.38 -27.64
C LYS B 265 -19.72 7.66 -26.42
N VAL B 266 -18.84 7.23 -25.51
CA VAL B 266 -19.23 6.45 -24.34
C VAL B 266 -19.17 7.29 -23.07
N GLU B 267 -20.22 7.22 -22.24
CA GLU B 267 -20.26 7.90 -20.94
C GLU B 267 -20.77 6.99 -19.84
N TYR B 268 -20.48 7.37 -18.59
CA TYR B 268 -20.85 6.66 -17.39
C TYR B 268 -21.70 7.58 -16.53
N VAL B 269 -22.76 7.05 -15.94
CA VAL B 269 -23.56 7.82 -14.99
C VAL B 269 -24.25 6.86 -14.03
N SER B 270 -24.38 7.26 -12.76
CA SER B 270 -25.20 6.53 -11.79
C SER B 270 -26.62 7.09 -11.81
N LEU B 271 -27.55 6.39 -11.17
CA LEU B 271 -28.90 6.94 -10.96
C LEU B 271 -28.91 8.16 -10.04
N LYS B 272 -28.00 8.20 -9.06
CA LYS B 272 -27.90 9.36 -8.14
C LYS B 272 -27.47 10.61 -8.92
N ALA B 273 -26.34 10.51 -9.60
CA ALA B 273 -25.88 11.60 -10.48
C ALA B 273 -26.87 11.88 -11.61
N GLY B 274 -27.50 10.83 -12.11
CA GLY B 274 -28.53 10.92 -13.15
C GLY B 274 -29.72 11.78 -12.80
N TYR B 275 -30.09 11.84 -11.52
CA TYR B 275 -31.18 12.73 -11.09
C TYR B 275 -30.96 14.19 -11.53
N GLU B 276 -29.73 14.67 -11.41
CA GLU B 276 -29.36 16.03 -11.87
C GLU B 276 -29.04 16.10 -13.36
N GLN B 277 -28.38 15.08 -13.88
CA GLN B 277 -27.78 15.14 -15.23
C GLN B 277 -28.63 14.56 -16.37
N LEU B 278 -29.68 13.78 -16.06
CA LEU B 278 -30.56 13.18 -17.07
C LEU B 278 -31.87 13.95 -17.15
N LYS B 279 -32.30 14.24 -18.37
CA LYS B 279 -33.58 14.88 -18.62
C LYS B 279 -34.26 14.31 -19.85
N LEU B 280 -35.57 14.44 -19.87
CA LEU B 280 -36.40 14.05 -21.00
C LEU B 280 -36.53 15.26 -21.92
N GLY B 281 -36.07 15.12 -23.17
CA GLY B 281 -36.21 16.19 -24.16
C GLY B 281 -37.65 16.32 -24.62
N GLU B 282 -37.97 17.44 -25.28
CA GLU B 282 -39.33 17.67 -25.79
C GLU B 282 -39.76 16.67 -26.89
N ASP B 283 -38.78 16.08 -27.58
CA ASP B 283 -39.01 14.95 -28.50
C ASP B 283 -38.87 13.55 -27.85
N TYR B 284 -38.90 13.48 -26.52
CA TYR B 284 -38.69 12.26 -25.74
C TYR B 284 -37.28 11.63 -25.84
N SER B 285 -36.29 12.39 -26.31
CA SER B 285 -34.90 11.98 -26.24
C SER B 285 -34.45 11.93 -24.78
N LEU B 286 -33.60 10.97 -24.46
CA LEU B 286 -32.88 10.98 -23.20
C LEU B 286 -31.66 11.86 -23.38
N LEU B 287 -31.56 12.89 -22.55
CA LEU B 287 -30.45 13.83 -22.60
C LEU B 287 -29.58 13.67 -21.37
N LEU B 288 -28.29 13.41 -21.59
CA LEU B 288 -27.31 13.37 -20.51
C LEU B 288 -26.46 14.63 -20.66
N ASN B 289 -26.67 15.60 -19.75
CA ASN B 289 -26.03 16.91 -19.84
C ASN B 289 -26.24 17.56 -21.22
N GLY B 290 -27.48 17.47 -21.72
CA GLY B 290 -27.84 18.04 -23.02
C GLY B 290 -27.57 17.22 -24.27
N GLU B 291 -26.88 16.08 -24.16
CA GLU B 291 -26.55 15.23 -25.33
C GLU B 291 -27.46 14.01 -25.41
N ILE B 292 -27.91 13.69 -26.63
CA ILE B 292 -28.84 12.58 -26.87
C ILE B 292 -28.18 11.25 -26.50
N VAL B 293 -28.92 10.40 -25.78
CA VAL B 293 -28.44 9.07 -25.40
C VAL B 293 -29.17 8.03 -26.26
N GLY B 294 -28.39 7.20 -26.98
CA GLY B 294 -28.93 6.16 -27.86
C GLY B 294 -29.17 4.84 -27.16
N VAL B 295 -28.25 4.45 -26.27
CA VAL B 295 -28.34 3.21 -25.52
C VAL B 295 -27.98 3.43 -24.05
N VAL B 296 -28.78 2.85 -23.17
CA VAL B 296 -28.49 2.79 -21.73
C VAL B 296 -28.30 1.33 -21.36
N TYR B 297 -27.06 0.95 -21.07
CA TYR B 297 -26.73 -0.39 -20.62
C TYR B 297 -26.61 -0.35 -19.10
N SER B 298 -27.48 -1.09 -18.42
CA SER B 298 -27.55 -1.06 -16.95
C SER B 298 -26.76 -2.18 -16.27
N THR B 299 -25.89 -1.81 -15.34
CA THR B 299 -25.34 -2.72 -14.33
C THR B 299 -25.83 -2.39 -12.91
N ILE B 300 -26.92 -1.60 -12.81
CA ILE B 300 -27.56 -1.32 -11.53
C ILE B 300 -28.88 -2.11 -11.50
N SER B 301 -28.91 -3.17 -10.69
CA SER B 301 -30.05 -4.10 -10.62
C SER B 301 -31.37 -3.42 -10.26
N ALA B 302 -32.40 -3.64 -11.08
CA ALA B 302 -33.72 -3.05 -10.83
C ALA B 302 -34.34 -3.62 -9.55
N LEU B 303 -34.32 -4.95 -9.41
CA LEU B 303 -34.82 -5.63 -8.20
C LEU B 303 -33.85 -5.60 -7.01
N GLY B 304 -32.55 -5.67 -7.27
CA GLY B 304 -31.52 -5.78 -6.22
C GLY B 304 -31.12 -4.49 -5.50
N HIS B 305 -31.07 -3.37 -6.22
CA HIS B 305 -30.61 -2.09 -5.67
C HIS B 305 -31.79 -1.33 -5.06
N GLN B 306 -31.75 -1.14 -3.73
CA GLN B 306 -32.78 -0.37 -3.03
C GLN B 306 -32.58 1.12 -3.27
N ALA B 307 -33.25 1.64 -4.30
CA ALA B 307 -33.07 3.02 -4.77
C ALA B 307 -33.85 4.02 -3.93
N ASN B 308 -33.26 5.17 -3.65
CA ASN B 308 -33.99 6.30 -3.02
C ASN B 308 -34.89 7.02 -4.03
N ALA B 309 -35.66 8.00 -3.58
CA ALA B 309 -36.62 8.72 -4.43
C ALA B 309 -36.00 9.36 -5.67
N ARG B 310 -34.82 9.97 -5.51
CA ARG B 310 -34.11 10.62 -6.61
C ARG B 310 -33.65 9.62 -7.68
N GLU B 311 -33.06 8.51 -7.22
CA GLU B 311 -32.68 7.40 -8.09
C GLU B 311 -33.86 6.83 -8.88
N MET B 312 -35.00 6.70 -8.21
CA MET B 312 -36.25 6.23 -8.84
C MET B 312 -36.75 7.17 -9.93
N GLU B 313 -36.65 8.49 -9.70
CA GLU B 313 -37.03 9.49 -10.71
C GLU B 313 -36.10 9.43 -11.94
N ALA B 314 -34.81 9.25 -11.71
CA ALA B 314 -33.86 9.07 -12.81
C ALA B 314 -34.21 7.84 -13.65
N ARG B 315 -34.59 6.75 -12.99
CA ARG B 315 -35.02 5.52 -13.67
C ARG B 315 -36.27 5.76 -14.52
N ARG B 316 -37.23 6.49 -13.96
CA ARG B 316 -38.45 6.88 -14.68
C ARG B 316 -38.15 7.69 -15.94
N THR B 317 -37.25 8.68 -15.81
CA THR B 317 -36.82 9.49 -16.96
C THR B 317 -36.25 8.62 -18.09
N ILE B 318 -35.41 7.64 -17.73
CA ILE B 318 -34.84 6.72 -18.70
C ILE B 318 -35.95 5.89 -19.39
N GLU B 319 -36.86 5.35 -18.59
CA GLU B 319 -37.93 4.49 -19.13
C GLU B 319 -38.93 5.20 -20.04
N LEU B 320 -39.21 6.47 -19.78
CA LEU B 320 -40.12 7.26 -20.64
C LEU B 320 -39.45 7.79 -21.92
N SER B 321 -38.12 7.70 -22.00
CA SER B 321 -37.37 8.21 -23.16
C SER B 321 -37.39 7.23 -24.34
N ASN B 322 -36.85 7.70 -25.48
CA ASN B 322 -36.72 6.86 -26.68
C ASN B 322 -35.37 6.16 -26.81
N ALA B 323 -34.56 6.19 -25.74
CA ALA B 323 -33.29 5.45 -25.74
C ALA B 323 -33.57 3.98 -25.76
N ILE B 324 -32.72 3.22 -26.46
CA ILE B 324 -32.79 1.77 -26.42
C ILE B 324 -32.22 1.33 -25.07
N LYS B 325 -33.01 0.56 -24.32
CA LYS B 325 -32.65 0.14 -22.97
C LYS B 325 -32.14 -1.29 -22.98
N ALA B 326 -30.99 -1.49 -22.35
CA ALA B 326 -30.34 -2.79 -22.26
C ALA B 326 -30.10 -3.12 -20.77
N PRO B 327 -31.11 -3.65 -20.06
CA PRO B 327 -32.46 -3.92 -20.54
C PRO B 327 -33.46 -2.85 -20.13
N SER B 328 -34.67 -2.93 -20.68
CA SER B 328 -35.78 -2.14 -20.18
C SER B 328 -36.22 -2.66 -18.82
N LEU B 329 -36.98 -1.86 -18.10
CA LEU B 329 -37.44 -2.18 -16.76
C LEU B 329 -38.43 -3.34 -16.78
N ALA B 330 -39.31 -3.38 -17.78
CA ALA B 330 -40.24 -4.50 -17.96
C ALA B 330 -39.51 -5.83 -18.14
N ILE B 331 -38.45 -5.82 -18.95
CA ILE B 331 -37.61 -7.01 -19.14
C ILE B 331 -36.98 -7.40 -17.80
N ALA B 332 -36.45 -6.42 -17.08
CA ALA B 332 -35.80 -6.64 -15.79
C ALA B 332 -36.71 -7.29 -14.76
N ILE B 333 -37.94 -6.80 -14.62
CA ILE B 333 -38.87 -7.38 -13.64
C ILE B 333 -39.72 -8.54 -14.18
N SER B 334 -39.53 -8.92 -15.44
CA SER B 334 -40.17 -10.12 -15.98
C SER B 334 -39.65 -11.41 -15.34
N SER B 335 -38.47 -11.37 -14.71
CA SER B 335 -37.86 -12.54 -14.09
C SER B 335 -37.75 -12.46 -12.55
N SER B 336 -38.70 -11.80 -11.90
CA SER B 336 -38.80 -11.91 -10.43
C SER B 336 -39.17 -13.35 -10.05
N LYS B 337 -38.93 -13.70 -8.79
CA LYS B 337 -39.25 -15.02 -8.26
C LYS B 337 -40.72 -15.37 -8.46
N LYS B 338 -41.59 -14.37 -8.30
CA LYS B 338 -43.04 -14.55 -8.47
C LYS B 338 -43.41 -15.05 -9.88
N ILE B 339 -42.83 -14.40 -10.90
CA ILE B 339 -43.10 -14.78 -12.28
C ILE B 339 -42.46 -16.13 -12.62
N GLN B 340 -41.24 -16.37 -12.14
CA GLN B 340 -40.60 -17.69 -12.27
C GLN B 340 -41.51 -18.82 -11.77
N GLN B 341 -42.12 -18.60 -10.61
CA GLN B 341 -43.07 -19.56 -10.02
C GLN B 341 -44.34 -19.70 -10.87
N LEU B 342 -44.93 -18.59 -11.29
CA LEU B 342 -46.12 -18.59 -12.15
C LEU B 342 -45.93 -19.33 -13.48
N LEU B 343 -44.73 -19.20 -14.07
CA LEU B 343 -44.41 -19.90 -15.33
C LEU B 343 -44.32 -21.43 -15.22
N THR B 344 -44.21 -21.96 -14.00
CA THR B 344 -44.21 -23.41 -13.77
C THR B 344 -45.60 -24.03 -13.61
N THR B 345 -46.64 -23.21 -13.49
CA THR B 345 -47.99 -23.72 -13.27
C THR B 345 -48.56 -24.33 -14.57
N PRO B 346 -49.46 -25.32 -14.45
CA PRO B 346 -49.98 -26.04 -15.63
C PRO B 346 -50.58 -25.14 -16.73
N GLY B 347 -50.13 -25.33 -17.97
CA GLY B 347 -50.64 -24.60 -19.12
C GLY B 347 -50.03 -23.21 -19.38
N THR B 348 -49.20 -22.72 -18.47
CA THR B 348 -48.73 -21.34 -18.52
C THR B 348 -47.62 -21.14 -19.56
N LEU B 349 -46.68 -22.08 -19.65
CA LEU B 349 -45.70 -22.06 -20.75
C LEU B 349 -46.37 -22.05 -22.12
N GLU B 350 -47.44 -22.82 -22.26
CA GLU B 350 -48.17 -22.95 -23.53
C GLU B 350 -48.86 -21.65 -23.97
N ARG B 351 -49.23 -20.79 -23.03
CA ARG B 351 -49.73 -19.44 -23.35
C ARG B 351 -48.70 -18.62 -24.15
N PHE B 352 -47.42 -18.75 -23.80
CA PHE B 352 -46.34 -18.01 -24.48
C PHE B 352 -45.72 -18.76 -25.65
N PHE B 353 -45.94 -20.07 -25.73
CA PHE B 353 -45.59 -20.88 -26.90
C PHE B 353 -46.86 -21.58 -27.44
N PRO B 354 -47.81 -20.80 -28.00
CA PRO B 354 -49.12 -21.37 -28.41
C PRO B 354 -49.05 -22.34 -29.60
N SER B 355 -48.10 -22.13 -30.51
CA SER B 355 -47.95 -22.96 -31.71
C SER B 355 -47.38 -24.36 -31.41
N ALA B 356 -47.86 -25.36 -32.14
CA ALA B 356 -47.34 -26.74 -32.04
C ALA B 356 -45.90 -26.88 -32.53
N THR B 357 -45.48 -25.99 -33.43
CA THR B 357 -44.08 -25.93 -33.90
C THR B 357 -43.09 -25.62 -32.78
N GLU B 358 -43.56 -24.98 -31.70
CA GLU B 358 -42.73 -24.66 -30.53
C GLU B 358 -42.90 -25.64 -29.35
N ALA B 359 -43.48 -26.82 -29.58
CA ALA B 359 -43.69 -27.81 -28.52
C ALA B 359 -42.38 -28.35 -27.93
N ASP B 360 -41.33 -28.44 -28.77
CA ASP B 360 -39.98 -28.82 -28.32
C ASP B 360 -39.40 -27.83 -27.29
N LYS B 361 -39.66 -26.53 -27.47
CA LYS B 361 -39.19 -25.48 -26.57
C LYS B 361 -39.89 -25.59 -25.20
N VAL B 362 -41.20 -25.86 -25.21
CA VAL B 362 -41.99 -26.05 -24.00
C VAL B 362 -41.43 -27.23 -23.19
N ALA B 363 -41.26 -28.38 -23.84
CA ALA B 363 -40.77 -29.59 -23.19
C ALA B 363 -39.36 -29.44 -22.62
N ALA B 364 -38.47 -28.79 -23.38
CA ALA B 364 -37.09 -28.59 -22.94
C ALA B 364 -36.99 -27.68 -21.71
N ILE B 365 -37.78 -26.62 -21.68
CA ILE B 365 -37.82 -25.72 -20.53
C ILE B 365 -38.41 -26.42 -19.31
N ARG B 366 -39.58 -27.05 -19.50
CA ARG B 366 -40.30 -27.72 -18.40
C ARG B 366 -39.48 -28.81 -17.70
N GLU B 367 -38.66 -29.51 -18.47
CA GLU B 367 -37.72 -30.51 -17.96
C GLU B 367 -36.71 -29.97 -16.92
N THR B 368 -36.41 -28.67 -16.93
CA THR B 368 -35.44 -28.08 -16.02
C THR B 368 -36.11 -27.59 -14.70
N PHE B 369 -37.45 -27.55 -14.63
CA PHE B 369 -38.14 -27.09 -13.42
C PHE B 369 -37.92 -27.97 -12.20
N THR B 370 -38.02 -27.35 -11.02
CA THR B 370 -37.77 -28.00 -9.73
C THR B 370 -39.04 -28.69 -9.23
N LEU B 435 -33.51 -29.90 -3.17
CA LEU B 435 -32.39 -30.18 -4.05
C LEU B 435 -31.11 -30.40 -3.25
N ILE B 436 -30.36 -31.44 -3.60
CA ILE B 436 -29.04 -31.73 -2.99
C ILE B 436 -27.94 -31.51 -4.03
N PRO B 437 -27.12 -30.45 -3.87
CA PRO B 437 -26.11 -30.16 -4.88
C PRO B 437 -24.95 -31.15 -4.90
N MET B 438 -24.37 -31.37 -6.08
CA MET B 438 -23.13 -32.15 -6.22
C MET B 438 -22.03 -31.40 -5.46
N ALA B 439 -21.30 -32.14 -4.64
CA ALA B 439 -20.17 -31.57 -3.89
C ALA B 439 -18.89 -32.06 -4.57
N THR B 440 -17.89 -31.19 -4.60
CA THR B 440 -16.56 -31.55 -5.07
C THR B 440 -15.55 -30.86 -4.13
N LYS B 441 -14.27 -30.95 -4.49
CA LYS B 441 -13.22 -30.22 -3.77
C LYS B 441 -12.42 -29.33 -4.69
N ASN B 442 -12.08 -28.14 -4.18
CA ASN B 442 -11.28 -27.19 -4.94
C ASN B 442 -10.53 -26.23 -4.01
N TYR B 443 -9.58 -25.50 -4.58
CA TYR B 443 -8.83 -24.45 -3.90
C TYR B 443 -9.36 -23.10 -4.39
N PHE B 444 -9.57 -22.17 -3.46
CA PHE B 444 -9.93 -20.80 -3.78
C PHE B 444 -8.69 -19.91 -3.73
N LEU B 445 -8.55 -19.06 -4.75
CA LEU B 445 -7.58 -18.00 -4.78
C LEU B 445 -8.31 -16.68 -4.50
N ARG B 446 -7.98 -16.07 -3.35
CA ARG B 446 -8.46 -14.75 -2.99
C ARG B 446 -7.26 -13.91 -2.54
N PRO B 447 -7.24 -12.61 -2.89
CA PRO B 447 -6.10 -11.75 -2.53
C PRO B 447 -5.73 -11.83 -1.04
N PHE B 448 -4.46 -12.11 -0.77
CA PHE B 448 -3.90 -12.21 0.58
C PHE B 448 -4.46 -13.32 1.49
N HIS B 449 -5.11 -14.33 0.90
CA HIS B 449 -5.57 -15.52 1.65
C HIS B 449 -4.74 -16.69 1.17
N GLU B 450 -4.22 -17.48 2.10
CA GLU B 450 -3.56 -18.72 1.74
C GLU B 450 -4.62 -19.68 1.17
N PRO B 451 -4.33 -20.31 0.02
CA PRO B 451 -5.29 -21.25 -0.56
C PRO B 451 -5.40 -22.53 0.27
N LYS B 452 -6.62 -23.01 0.48
CA LYS B 452 -6.90 -24.23 1.24
C LYS B 452 -7.87 -25.12 0.47
N LEU B 453 -7.75 -26.43 0.66
CA LEU B 453 -8.68 -27.39 0.07
C LEU B 453 -9.98 -27.39 0.87
N ASN B 454 -11.10 -27.17 0.19
CA ASN B 454 -12.42 -27.18 0.83
C ASN B 454 -13.40 -27.99 0.01
N VAL B 455 -14.43 -28.48 0.70
CA VAL B 455 -15.58 -29.07 0.04
C VAL B 455 -16.41 -27.92 -0.50
N VAL B 456 -16.76 -27.97 -1.78
CA VAL B 456 -17.45 -26.87 -2.44
C VAL B 456 -18.64 -27.35 -3.26
N VAL B 457 -19.57 -26.41 -3.47
CA VAL B 457 -20.72 -26.62 -4.36
C VAL B 457 -20.83 -25.39 -5.25
N GLY B 458 -21.46 -25.58 -6.41
CA GLY B 458 -21.59 -24.51 -7.39
C GLY B 458 -22.95 -24.38 -8.04
N GLU B 459 -23.07 -23.30 -8.82
CA GLU B 459 -24.19 -23.11 -9.72
C GLU B 459 -23.62 -22.78 -11.08
N LEU B 460 -24.26 -23.28 -12.13
CA LEU B 460 -23.90 -22.97 -13.51
C LEU B 460 -24.72 -21.79 -13.97
N GLY B 461 -24.05 -20.77 -14.52
CA GLY B 461 -24.68 -19.65 -15.17
C GLY B 461 -24.55 -19.79 -16.68
N VAL B 462 -25.65 -19.61 -17.40
CA VAL B 462 -25.64 -19.60 -18.87
C VAL B 462 -26.13 -18.22 -19.33
N ASN B 463 -25.35 -17.59 -20.22
CA ASN B 463 -25.61 -16.21 -20.67
C ASN B 463 -26.07 -16.14 -22.12
N GLY B 464 -26.70 -15.04 -22.44
CA GLY B 464 -27.08 -14.73 -23.82
C GLY B 464 -27.72 -13.39 -23.93
N THR B 465 -28.03 -13.01 -25.17
CA THR B 465 -28.74 -11.77 -25.46
C THR B 465 -29.84 -11.99 -26.49
N LEU B 466 -30.83 -11.11 -26.44
CA LEU B 466 -31.92 -11.11 -27.40
C LEU B 466 -32.28 -9.66 -27.71
N LEU B 467 -32.25 -9.31 -28.99
CA LEU B 467 -32.63 -7.99 -29.46
C LEU B 467 -33.97 -8.13 -30.17
N GLY B 468 -34.99 -7.44 -29.65
CA GLY B 468 -36.37 -7.59 -30.10
C GLY B 468 -37.14 -6.30 -30.15
N ASN B 469 -38.35 -6.39 -30.70
CA ASN B 469 -39.26 -5.28 -30.86
C ASN B 469 -40.47 -5.48 -29.95
N LEU B 470 -40.64 -4.57 -28.98
CA LEU B 470 -41.73 -4.64 -28.00
C LEU B 470 -43.14 -4.46 -28.57
N ARG B 471 -43.26 -3.78 -29.72
CA ARG B 471 -44.58 -3.51 -30.34
C ARG B 471 -45.17 -4.77 -31.00
N ASP B 472 -44.41 -5.42 -31.89
CA ASP B 472 -44.89 -6.59 -32.63
C ASP B 472 -44.29 -7.94 -32.18
N GLN B 473 -43.45 -7.92 -31.15
CA GLN B 473 -42.83 -9.12 -30.57
C GLN B 473 -41.90 -9.89 -31.52
N SER B 474 -41.39 -9.21 -32.55
CA SER B 474 -40.43 -9.81 -33.47
C SER B 474 -39.03 -9.80 -32.85
N VAL B 475 -38.19 -10.73 -33.31
CA VAL B 475 -36.89 -10.98 -32.74
C VAL B 475 -35.82 -10.96 -33.85
N ARG B 476 -34.91 -10.01 -33.76
CA ARG B 476 -33.80 -9.83 -34.72
C ARG B 476 -32.57 -10.68 -34.36
N HIS B 477 -32.36 -10.94 -33.08
CA HIS B 477 -31.15 -11.60 -32.59
C HIS B 477 -31.50 -12.36 -31.31
N ASN B 478 -31.20 -13.66 -31.28
CA ASN B 478 -31.42 -14.49 -30.08
C ASN B 478 -30.31 -15.53 -29.99
N VAL B 479 -29.30 -15.26 -29.16
CA VAL B 479 -28.09 -16.06 -29.10
C VAL B 479 -27.72 -16.41 -27.67
N GLN B 480 -27.42 -17.67 -27.43
CA GLN B 480 -26.73 -18.11 -26.22
C GLN B 480 -25.26 -17.91 -26.49
N SER B 481 -24.58 -17.25 -25.55
CA SER B 481 -23.12 -17.16 -25.59
C SER B 481 -22.60 -16.82 -24.22
N GLY B 482 -21.66 -17.63 -23.73
CA GLY B 482 -21.05 -17.41 -22.44
C GLY B 482 -21.67 -18.23 -21.35
N HIS B 483 -20.81 -18.58 -20.38
CA HIS B 483 -21.24 -19.30 -19.19
C HIS B 483 -20.26 -19.02 -18.06
N LEU B 484 -20.58 -19.55 -16.88
CA LEU B 484 -19.69 -19.48 -15.73
C LEU B 484 -20.11 -20.51 -14.71
N LEU B 485 -19.22 -20.82 -13.78
CA LEU B 485 -19.57 -21.45 -12.53
C LEU B 485 -19.33 -20.40 -11.45
N ARG B 486 -20.24 -20.36 -10.47
CA ARG B 486 -20.06 -19.62 -9.24
C ARG B 486 -20.01 -20.67 -8.13
N THR B 487 -18.89 -20.72 -7.41
CA THR B 487 -18.60 -21.82 -6.48
C THR B 487 -18.39 -21.31 -5.06
N LYS B 488 -18.95 -22.04 -4.08
CA LYS B 488 -18.95 -21.64 -2.68
C LYS B 488 -18.56 -22.80 -1.78
N LEU B 489 -18.13 -22.50 -0.56
CA LEU B 489 -18.00 -23.48 0.52
C LEU B 489 -19.37 -24.09 0.81
N ARG B 490 -19.42 -25.40 1.05
CA ARG B 490 -20.68 -26.08 1.39
C ARG B 490 -21.24 -25.64 2.74
N GLY B 502 -19.00 -16.36 -2.96
CA GLY B 502 -18.18 -17.44 -3.53
C GLY B 502 -17.13 -16.90 -4.48
N VAL B 503 -16.59 -17.78 -5.34
CA VAL B 503 -15.58 -17.38 -6.31
C VAL B 503 -16.03 -17.70 -7.74
N GLY B 504 -15.36 -17.05 -8.71
CA GLY B 504 -15.54 -17.40 -10.11
C GLY B 504 -14.88 -18.72 -10.43
N ASP B 505 -15.45 -19.45 -11.39
CA ASP B 505 -15.05 -20.82 -11.69
C ASP B 505 -15.51 -21.12 -13.12
N SER B 506 -15.07 -22.24 -13.69
CA SER B 506 -15.54 -22.68 -15.00
C SER B 506 -15.59 -24.21 -15.04
N PRO B 507 -16.43 -24.80 -15.91
CA PRO B 507 -16.65 -26.23 -15.84
C PRO B 507 -15.56 -27.07 -16.52
N TYR B 508 -15.25 -28.21 -15.91
CA TYR B 508 -14.47 -29.26 -16.55
C TYR B 508 -15.43 -30.41 -16.85
N LEU B 509 -15.76 -30.57 -18.13
CA LEU B 509 -16.85 -31.48 -18.53
C LEU B 509 -16.43 -32.96 -18.49
N PHE B 510 -17.29 -33.80 -17.91
CA PHE B 510 -17.08 -35.27 -17.88
C PHE B 510 -18.34 -36.02 -18.27
N TYR C 31 -22.47 27.54 12.96
CA TYR C 31 -21.10 27.97 13.40
C TYR C 31 -19.95 27.30 12.61
N VAL C 32 -20.18 26.08 12.11
CA VAL C 32 -19.12 25.33 11.44
C VAL C 32 -18.70 26.03 10.13
N GLU C 33 -19.69 26.41 9.34
CA GLU C 33 -19.46 27.14 8.10
C GLU C 33 -18.83 28.50 8.33
N LYS C 34 -19.29 29.23 9.36
CA LYS C 34 -18.72 30.54 9.72
C LYS C 34 -17.27 30.42 10.18
N SER C 35 -16.95 29.34 10.91
CA SER C 35 -15.61 29.15 11.47
C SER C 35 -14.54 28.88 10.41
N VAL C 36 -14.90 28.16 9.35
CA VAL C 36 -13.95 27.73 8.33
C VAL C 36 -14.08 28.63 7.08
N ASN C 37 -13.35 29.74 7.06
CA ASN C 37 -13.54 30.73 5.99
C ASN C 37 -12.62 30.61 4.75
N SER C 38 -11.91 29.49 4.58
CA SER C 38 -11.16 29.24 3.34
C SER C 38 -10.76 27.77 3.19
N GLU C 39 -10.47 27.34 1.96
CA GLU C 39 -9.95 25.98 1.71
C GLU C 39 -8.58 25.77 2.34
N THR C 40 -7.75 26.80 2.38
CA THR C 40 -6.44 26.72 3.04
C THR C 40 -6.58 26.40 4.53
N LYS C 41 -7.47 27.12 5.20
CA LYS C 41 -7.72 26.89 6.63
C LYS C 41 -8.32 25.51 6.86
N LEU C 42 -9.31 25.15 6.03
CA LEU C 42 -9.93 23.82 6.11
C LEU C 42 -8.89 22.68 6.11
N HIS C 43 -7.95 22.75 5.18
CA HIS C 43 -6.94 21.70 5.03
C HIS C 43 -5.91 21.70 6.16
N LYS C 44 -5.52 22.87 6.65
CA LYS C 44 -4.64 22.96 7.83
C LYS C 44 -5.30 22.37 9.08
N LEU C 45 -6.58 22.64 9.26
CA LEU C 45 -7.37 22.06 10.36
C LEU C 45 -7.51 20.54 10.23
N ALA C 46 -7.88 20.09 9.02
CA ALA C 46 -8.05 18.65 8.77
C ALA C 46 -6.74 17.88 8.96
N ASP C 47 -5.64 18.45 8.49
CA ASP C 47 -4.32 17.83 8.59
C ASP C 47 -3.90 17.71 10.06
N PHE C 48 -4.14 18.76 10.85
CA PHE C 48 -3.94 18.72 12.30
C PHE C 48 -4.79 17.60 12.93
N ALA C 49 -6.07 17.54 12.55
CA ALA C 49 -6.99 16.57 13.14
C ALA C 49 -6.59 15.11 12.86
N ILE C 50 -6.18 14.85 11.64
CA ILE C 50 -5.79 13.50 11.20
C ILE C 50 -4.52 13.02 11.94
N ASP C 51 -3.53 13.90 12.05
CA ASP C 51 -2.33 13.61 12.84
C ASP C 51 -2.67 13.39 14.31
N TRP C 52 -3.51 14.26 14.87
CA TRP C 52 -3.94 14.09 16.26
C TRP C 52 -4.62 12.74 16.46
N ALA C 53 -5.48 12.35 15.52
CA ALA C 53 -6.19 11.09 15.60
C ALA C 53 -5.23 9.90 15.69
N HIS C 54 -4.24 9.86 14.80
CA HIS C 54 -3.23 8.80 14.84
C HIS C 54 -2.37 8.83 16.11
N ASN C 55 -2.00 10.01 16.56
CA ASN C 55 -1.19 10.16 17.78
C ASN C 55 -1.92 9.78 19.05
N ASN C 56 -3.25 9.79 19.01
CA ASN C 56 -4.06 9.55 20.20
C ASN C 56 -4.96 8.33 20.14
N GLY C 57 -4.71 7.44 19.19
CA GLY C 57 -5.45 6.16 19.13
C GLY C 57 -6.85 6.21 18.53
N LEU C 58 -7.18 7.29 17.83
CA LEU C 58 -8.49 7.43 17.18
C LEU C 58 -8.40 6.78 15.80
N ILE C 59 -8.33 5.46 15.82
CA ILE C 59 -7.92 4.68 14.65
C ILE C 59 -8.71 3.38 14.49
N LEU C 60 -8.68 2.86 13.27
CA LEU C 60 -9.30 1.58 12.92
C LEU C 60 -8.33 0.82 12.03
N ARG C 61 -8.51 -0.50 11.98
CA ARG C 61 -7.86 -1.32 10.94
C ARG C 61 -8.38 -0.88 9.57
N THR C 62 -7.55 -1.06 8.55
CA THR C 62 -7.90 -0.65 7.20
C THR C 62 -8.86 -1.63 6.57
N LYS C 63 -9.61 -1.17 5.57
CA LYS C 63 -10.57 -1.99 4.85
C LYS C 63 -9.85 -3.14 4.11
N GLN C 64 -8.64 -2.88 3.60
CA GLN C 64 -7.86 -3.92 2.92
C GLN C 64 -7.41 -5.03 3.86
N PHE C 65 -7.10 -4.69 5.10
CA PHE C 65 -6.55 -5.65 6.06
C PHE C 65 -7.26 -5.59 7.40
N LEU C 66 -8.52 -6.04 7.41
CA LEU C 66 -9.32 -6.10 8.64
C LEU C 66 -8.82 -7.17 9.61
N ASN C 67 -7.97 -8.08 9.14
CA ASN C 67 -7.34 -9.10 9.97
C ASN C 67 -5.93 -8.75 10.47
N LYS C 68 -5.42 -7.57 10.15
CA LYS C 68 -4.04 -7.18 10.48
C LYS C 68 -3.94 -5.75 11.02
N SER C 69 -3.07 -5.58 12.01
CA SER C 69 -2.87 -4.28 12.62
C SER C 69 -1.61 -3.56 12.13
N ASP C 70 -0.95 -4.06 11.09
CA ASP C 70 0.33 -3.47 10.63
C ASP C 70 0.15 -2.02 10.19
N VAL C 71 -0.96 -1.76 9.49
CA VAL C 71 -1.37 -0.41 9.13
C VAL C 71 -2.72 -0.10 9.74
N ALA C 72 -2.93 1.18 10.00
CA ALA C 72 -4.17 1.69 10.54
C ALA C 72 -4.55 2.96 9.78
N GLU C 73 -5.85 3.24 9.77
CA GLU C 73 -6.37 4.51 9.26
C GLU C 73 -7.05 5.22 10.42
N PHE C 74 -7.19 6.53 10.31
CA PHE C 74 -7.94 7.28 11.32
C PHE C 74 -9.42 6.93 11.22
N ALA C 75 -10.11 6.94 12.36
CA ALA C 75 -11.55 6.68 12.42
C ALA C 75 -12.30 7.84 11.77
N PRO C 76 -13.33 7.53 10.95
CA PRO C 76 -14.03 8.63 10.29
C PRO C 76 -14.81 9.50 11.29
N VAL C 77 -14.57 10.81 11.25
CA VAL C 77 -15.16 11.76 12.21
C VAL C 77 -15.55 13.06 11.54
N SER C 78 -16.44 13.80 12.18
CA SER C 78 -16.69 15.18 11.79
C SER C 78 -15.50 16.03 12.22
N LEU C 79 -15.26 17.12 11.49
CA LEU C 79 -14.15 18.04 11.82
C LEU C 79 -14.41 18.76 13.14
N LEU C 80 -15.66 19.17 13.34
CA LEU C 80 -16.09 19.88 14.53
C LEU C 80 -17.32 19.20 15.12
N PRO C 81 -17.58 19.42 16.42
CA PRO C 81 -18.75 18.83 17.06
C PRO C 81 -20.05 19.48 16.55
N SER C 82 -21.01 18.65 16.15
CA SER C 82 -22.28 19.13 15.61
C SER C 82 -23.13 19.76 16.72
N PRO C 83 -23.79 20.90 16.43
CA PRO C 83 -24.77 21.48 17.35
C PRO C 83 -25.84 20.47 17.77
N PHE C 84 -26.15 20.45 19.07
CA PHE C 84 -27.17 19.56 19.61
C PHE C 84 -27.83 20.25 20.81
N PRO C 85 -29.17 20.24 20.90
CA PRO C 85 -29.78 20.98 22.02
C PRO C 85 -29.53 20.33 23.39
N ARG C 86 -29.16 21.16 24.35
CA ARG C 86 -28.83 20.72 25.71
C ARG C 86 -29.97 19.97 26.37
N HIS C 87 -31.19 20.48 26.25
CA HIS C 87 -32.38 19.88 26.87
C HIS C 87 -32.58 18.42 26.44
N ALA C 88 -32.49 18.15 25.13
CA ALA C 88 -32.65 16.81 24.59
C ALA C 88 -31.54 15.88 25.09
N PHE C 89 -30.30 16.39 25.10
CA PHE C 89 -29.15 15.64 25.59
C PHE C 89 -29.31 15.24 27.05
N GLU C 90 -29.63 16.21 27.91
CA GLU C 90 -29.76 15.97 29.36
C GLU C 90 -30.88 14.97 29.65
N LYS C 91 -31.96 15.02 28.86
CA LYS C 91 -33.08 14.09 28.98
C LYS C 91 -32.67 12.64 28.64
N ALA C 92 -31.92 12.49 27.55
CA ALA C 92 -31.41 11.17 27.13
C ALA C 92 -30.46 10.56 28.16
N VAL C 93 -29.60 11.39 28.72
CA VAL C 93 -28.67 10.96 29.78
C VAL C 93 -29.42 10.58 31.06
N ALA C 94 -30.38 11.42 31.46
CA ALA C 94 -31.11 11.26 32.72
C ALA C 94 -31.97 10.01 32.80
N VAL C 95 -32.54 9.59 31.67
CA VAL C 95 -33.40 8.40 31.63
C VAL C 95 -32.60 7.08 31.55
N HIS C 96 -31.30 7.15 31.30
CA HIS C 96 -30.54 5.97 30.91
C HIS C 96 -30.49 4.86 31.96
N GLU C 97 -30.22 5.23 33.22
CA GLU C 97 -30.13 4.23 34.30
C GLU C 97 -31.47 3.52 34.52
N ALA C 98 -32.58 4.26 34.42
CA ALA C 98 -33.92 3.66 34.46
C ALA C 98 -34.12 2.66 33.31
N LEU C 99 -33.65 3.04 32.12
CA LEU C 99 -33.75 2.18 30.93
C LEU C 99 -32.94 0.90 31.08
N GLN C 100 -31.76 0.98 31.69
CA GLN C 100 -30.92 -0.21 31.95
C GLN C 100 -31.57 -1.15 32.96
N LEU C 101 -32.16 -0.57 34.01
CA LEU C 101 -32.90 -1.32 35.01
C LEU C 101 -34.09 -2.04 34.38
N LEU C 102 -34.82 -1.35 33.49
CA LEU C 102 -35.94 -1.96 32.76
C LEU C 102 -35.51 -3.21 31.99
N TYR C 103 -34.49 -3.09 31.16
CA TYR C 103 -34.06 -4.20 30.31
C TYR C 103 -33.43 -5.34 31.11
N PHE C 104 -32.76 -5.00 32.22
CA PHE C 104 -32.27 -6.01 33.15
C PHE C 104 -33.44 -6.84 33.72
N ARG C 105 -34.50 -6.17 34.16
CA ARG C 105 -35.68 -6.86 34.68
C ARG C 105 -36.43 -7.68 33.62
N VAL C 106 -36.46 -7.19 32.38
CA VAL C 106 -37.00 -7.96 31.26
C VAL C 106 -36.20 -9.25 31.07
N ALA C 107 -34.86 -9.11 31.05
CA ALA C 107 -33.96 -10.27 30.91
C ALA C 107 -34.11 -11.30 32.03
N CYS C 108 -34.41 -10.85 33.26
CA CYS C 108 -34.67 -11.74 34.39
C CYS C 108 -36.02 -12.44 34.35
N ASP C 109 -36.96 -11.87 33.60
CA ASP C 109 -38.32 -12.41 33.51
C ASP C 109 -38.41 -13.44 32.39
N TYR C 110 -38.04 -14.67 32.72
CA TYR C 110 -38.04 -15.80 31.76
C TYR C 110 -39.40 -15.97 31.07
N GLU C 111 -40.47 -15.94 31.86
CA GLU C 111 -41.82 -16.12 31.33
C GLU C 111 -42.25 -15.04 30.34
N PHE C 112 -41.93 -13.77 30.65
CA PHE C 112 -42.20 -12.66 29.73
C PHE C 112 -41.47 -12.82 28.40
N MET C 113 -40.20 -13.21 28.45
CA MET C 113 -39.40 -13.35 27.23
C MET C 113 -39.88 -14.50 26.36
N MET C 114 -40.16 -15.67 26.96
CA MET C 114 -40.70 -16.81 26.22
C MET C 114 -42.08 -16.49 25.60
N ASP C 115 -42.91 -15.77 26.36
CA ASP C 115 -44.20 -15.28 25.85
C ASP C 115 -44.01 -14.35 24.64
N ALA C 116 -43.08 -13.41 24.74
CA ALA C 116 -42.82 -12.45 23.69
C ALA C 116 -42.30 -13.07 22.39
N TYR C 117 -41.58 -14.19 22.51
CA TYR C 117 -40.99 -14.89 21.35
C TYR C 117 -41.80 -16.10 20.83
N LYS C 118 -42.94 -16.43 21.45
CA LYS C 118 -43.77 -17.61 21.06
C LYS C 118 -44.02 -17.76 19.55
N ASP C 119 -44.32 -16.65 18.88
CA ASP C 119 -44.68 -16.66 17.46
C ASP C 119 -43.47 -16.47 16.53
N VAL C 120 -42.64 -15.48 16.83
CA VAL C 120 -41.51 -15.09 15.96
C VAL C 120 -40.45 -16.20 15.82
N VAL C 121 -40.31 -17.06 16.82
CA VAL C 121 -39.46 -18.26 16.73
C VAL C 121 -39.84 -19.21 15.58
N ASN C 122 -41.13 -19.28 15.24
CA ASN C 122 -41.60 -20.13 14.14
C ASN C 122 -41.33 -19.58 12.71
N THR C 123 -40.93 -18.30 12.58
CA THR C 123 -40.59 -17.71 11.27
C THR C 123 -39.25 -16.93 11.32
N ASP C 124 -38.30 -17.42 12.08
CA ASP C 124 -36.97 -16.82 12.22
C ASP C 124 -36.07 -17.86 12.89
N ASN C 125 -35.36 -18.64 12.08
CA ASN C 125 -34.56 -19.77 12.57
C ASN C 125 -33.40 -19.32 13.47
N HIS C 126 -32.86 -18.13 13.16
CA HIS C 126 -31.74 -17.60 13.92
C HIS C 126 -32.15 -17.29 15.37
N LEU C 127 -33.25 -16.54 15.51
CA LEU C 127 -33.87 -16.28 16.83
C LEU C 127 -34.30 -17.53 17.57
N ARG C 128 -34.84 -18.51 16.84
CA ARG C 128 -35.25 -19.80 17.42
C ARG C 128 -34.11 -20.51 18.13
N GLN C 129 -32.97 -20.58 17.46
CA GLN C 129 -31.75 -21.18 18.04
C GLN C 129 -31.25 -20.46 19.28
N LEU C 130 -31.29 -19.12 19.26
CA LEU C 130 -30.89 -18.33 20.43
C LEU C 130 -31.81 -18.58 21.62
N VAL C 131 -33.12 -18.61 21.35
CA VAL C 131 -34.12 -18.87 22.38
C VAL C 131 -33.96 -20.29 22.97
N ASN C 132 -33.65 -21.26 22.11
CA ASN C 132 -33.41 -22.64 22.56
C ASN C 132 -32.19 -22.77 23.48
N ILE C 133 -31.16 -21.96 23.24
CA ILE C 133 -30.01 -21.91 24.14
C ILE C 133 -30.41 -21.39 25.53
N ILE C 134 -31.23 -20.34 25.56
CA ILE C 134 -31.75 -19.79 26.83
C ILE C 134 -32.63 -20.82 27.54
N LYS C 135 -33.46 -21.54 26.79
CA LYS C 135 -34.24 -22.65 27.33
C LYS C 135 -33.36 -23.73 27.97
N ASP C 136 -32.32 -24.15 27.25
CA ASP C 136 -31.38 -25.15 27.78
C ASP C 136 -30.67 -24.66 29.06
N ALA C 137 -30.24 -23.39 29.06
CA ALA C 137 -29.61 -22.79 30.24
C ALA C 137 -30.55 -22.74 31.46
N HIS C 138 -31.79 -22.33 31.21
CA HIS C 138 -32.82 -22.27 32.27
C HIS C 138 -33.20 -23.66 32.81
N LYS C 139 -33.30 -24.66 31.94
CA LYS C 139 -33.65 -26.03 32.35
C LYS C 139 -32.64 -26.63 33.34
N GLN C 140 -31.36 -26.38 33.08
CA GLN C 140 -30.27 -26.90 33.92
C GLN C 140 -30.03 -26.10 35.21
N GLY C 141 -30.72 -24.98 35.38
CA GLY C 141 -30.51 -24.09 36.53
C GLY C 141 -29.41 -23.12 36.21
N ILE C 142 -29.53 -21.87 36.67
CA ILE C 142 -28.54 -20.85 36.35
C ILE C 142 -27.25 -21.09 37.16
N LYS C 143 -26.17 -21.43 36.47
CA LYS C 143 -24.89 -21.69 37.09
C LYS C 143 -24.16 -20.43 37.55
N GLN C 144 -24.35 -19.31 36.84
CA GLN C 144 -23.71 -18.04 37.21
C GLN C 144 -24.76 -16.91 37.31
N PRO C 145 -25.06 -16.46 38.54
CA PRO C 145 -26.03 -15.38 38.72
C PRO C 145 -25.53 -13.99 38.30
N THR C 146 -24.24 -13.72 38.46
CA THR C 146 -23.69 -12.41 38.14
C THR C 146 -23.54 -12.22 36.63
N THR C 147 -24.04 -11.09 36.13
CA THR C 147 -23.97 -10.76 34.71
C THR C 147 -23.77 -9.26 34.55
N LEU C 148 -23.16 -8.87 33.44
CA LEU C 148 -22.95 -7.46 33.12
C LEU C 148 -23.73 -7.08 31.88
N LEU C 149 -24.73 -6.22 32.08
CA LEU C 149 -25.45 -5.58 30.99
C LEU C 149 -24.66 -4.36 30.52
N ILE C 150 -24.54 -4.22 29.20
CA ILE C 150 -23.93 -3.06 28.57
C ILE C 150 -24.94 -2.52 27.58
N MET C 151 -25.28 -1.24 27.65
CA MET C 151 -26.35 -0.69 26.80
C MET C 151 -25.93 0.57 26.07
N ARG C 152 -26.25 0.62 24.78
CA ARG C 152 -26.33 1.87 24.04
C ARG C 152 -27.79 2.08 23.64
N ALA C 153 -28.37 3.21 24.07
CA ALA C 153 -29.69 3.65 23.62
C ALA C 153 -29.52 4.74 22.55
N ASP C 154 -30.18 4.58 21.41
CA ASP C 154 -30.09 5.54 20.31
C ASP C 154 -31.33 6.44 20.24
N TYR C 155 -31.10 7.72 20.00
CA TYR C 155 -32.16 8.72 19.92
C TYR C 155 -32.00 9.60 18.70
N MET C 156 -33.13 10.14 18.21
CA MET C 156 -33.10 11.17 17.19
C MET C 156 -33.94 12.36 17.64
N LEU C 157 -33.66 13.51 17.06
CA LEU C 157 -34.37 14.75 17.34
C LEU C 157 -35.43 15.01 16.31
N ASN C 158 -36.70 14.79 16.69
CA ASN C 158 -37.83 15.06 15.79
C ASN C 158 -38.23 16.54 15.80
N THR C 159 -38.27 17.16 14.62
CA THR C 159 -38.70 18.57 14.48
C THR C 159 -40.19 18.76 14.22
N TYR C 169 -37.91 20.93 19.23
CA TYR C 169 -37.40 19.57 18.99
C TYR C 169 -37.92 18.65 20.09
N GLU C 170 -38.18 17.39 19.77
CA GLU C 170 -38.47 16.38 20.80
C GLU C 170 -37.56 15.15 20.64
N LEU C 171 -37.14 14.62 21.78
CA LEU C 171 -36.26 13.46 21.84
C LEU C 171 -37.06 12.19 21.65
N LYS C 172 -36.67 11.39 20.67
CA LYS C 172 -37.35 10.12 20.37
C LYS C 172 -36.36 8.95 20.38
N GLN C 173 -36.65 7.93 21.20
CA GLN C 173 -35.87 6.69 21.24
C GLN C 173 -36.14 5.90 19.97
N VAL C 174 -35.07 5.52 19.27
CA VAL C 174 -35.18 4.74 18.02
C VAL C 174 -34.59 3.34 18.08
N GLU C 175 -33.66 3.08 19.02
CA GLU C 175 -33.07 1.75 19.16
C GLU C 175 -32.46 1.55 20.55
N VAL C 176 -32.51 0.31 21.03
CA VAL C 176 -31.80 -0.09 22.25
C VAL C 176 -30.93 -1.29 21.88
N ASN C 177 -29.67 -1.22 22.28
CA ASN C 177 -28.66 -2.23 21.95
C ASN C 177 -28.07 -2.75 23.26
N THR C 178 -28.33 -4.02 23.57
CA THR C 178 -27.76 -4.67 24.75
C THR C 178 -26.85 -5.85 24.38
N GLY C 179 -26.45 -5.93 23.11
CA GLY C 179 -25.62 -7.03 22.61
C GLY C 179 -24.15 -6.63 22.59
N ALA C 180 -23.61 -6.48 21.39
CA ALA C 180 -22.19 -6.16 21.18
C ALA C 180 -22.02 -4.66 21.06
N ILE C 181 -21.38 -4.06 22.06
CA ILE C 181 -21.20 -2.58 22.05
C ILE C 181 -19.87 -1.93 21.57
N GLY C 182 -18.76 -2.00 22.30
CA GLY C 182 -17.50 -1.42 21.86
C GLY C 182 -17.46 0.02 21.34
N GLY C 183 -16.24 0.48 21.10
CA GLY C 183 -15.97 1.80 20.60
C GLY C 183 -16.05 2.95 21.58
N LEU C 184 -16.13 2.68 22.88
CA LEU C 184 -16.26 3.75 23.88
C LEU C 184 -14.99 4.62 24.00
N GLY C 185 -13.82 4.00 23.85
CA GLY C 185 -12.55 4.73 23.71
C GLY C 185 -12.49 5.63 22.50
N ILE C 186 -13.02 5.16 21.37
CA ILE C 186 -13.15 5.95 20.15
C ILE C 186 -14.07 7.17 20.36
N ASP C 187 -15.17 6.97 21.08
CA ASP C 187 -16.13 8.06 21.37
C ASP C 187 -15.43 9.13 22.22
N ARG C 188 -14.74 8.72 23.28
CA ARG C 188 -13.99 9.66 24.13
C ARG C 188 -12.96 10.46 23.34
N ARG C 189 -12.17 9.76 22.52
CA ARG C 189 -11.15 10.42 21.69
C ARG C 189 -11.74 11.39 20.67
N THR C 190 -12.95 11.08 20.19
CA THR C 190 -13.67 11.99 19.29
C THR C 190 -14.05 13.28 20.01
N THR C 191 -14.57 13.16 21.24
CA THR C 191 -14.82 14.32 22.07
C THR C 191 -13.53 15.15 22.29
N GLU C 192 -12.43 14.47 22.62
CA GLU C 192 -11.14 15.14 22.85
C GLU C 192 -10.61 15.83 21.59
N LEU C 193 -10.69 15.16 20.44
CA LEU C 193 -10.35 15.80 19.16
C LEU C 193 -11.18 17.08 18.95
N HIS C 194 -12.48 16.97 19.19
CA HIS C 194 -13.38 18.10 18.97
C HIS C 194 -13.08 19.31 19.85
N ARG C 195 -12.62 19.08 21.08
CA ARG C 195 -12.16 20.17 21.93
C ARG C 195 -10.91 20.85 21.37
N GLN C 196 -9.96 20.06 20.86
CA GLN C 196 -8.78 20.62 20.17
C GLN C 196 -9.19 21.50 18.99
N MET C 197 -10.13 21.01 18.19
CA MET C 197 -10.58 21.73 16.99
C MET C 197 -11.37 22.97 17.34
N LEU C 198 -12.22 22.89 18.38
CA LEU C 198 -12.91 24.08 18.90
C LEU C 198 -11.91 25.19 19.28
N ARG C 199 -10.83 24.83 19.98
CA ARG C 199 -9.77 25.80 20.32
C ARG C 199 -9.10 26.40 19.08
N LYS C 200 -8.86 25.56 18.08
CA LYS C 200 -8.27 26.02 16.81
C LYS C 200 -9.10 27.07 16.07
N VAL C 201 -10.43 27.04 16.22
CA VAL C 201 -11.31 28.07 15.62
C VAL C 201 -11.84 29.08 16.64
N GLY C 202 -11.23 29.16 17.82
CA GLY C 202 -11.58 30.13 18.85
C GLY C 202 -12.95 29.99 19.48
N MET C 203 -13.48 28.77 19.54
CA MET C 203 -14.78 28.50 20.16
C MET C 203 -14.59 27.99 21.59
N ASP C 204 -15.61 28.22 22.41
CA ASP C 204 -15.60 27.80 23.81
C ASP C 204 -15.81 26.28 23.93
N THR C 205 -14.93 25.58 24.63
CA THR C 205 -15.03 24.13 24.82
C THR C 205 -15.97 23.67 25.94
N SER C 206 -16.49 24.60 26.75
CA SER C 206 -17.34 24.25 27.89
C SER C 206 -18.70 23.66 27.49
N ASN C 207 -19.14 23.91 26.24
CA ASN C 207 -20.36 23.28 25.71
C ASN C 207 -20.17 21.86 25.14
N SER C 208 -18.93 21.37 25.15
CA SER C 208 -18.60 19.99 24.82
C SER C 208 -18.62 19.14 26.10
N PRO C 209 -19.64 18.29 26.29
CA PRO C 209 -19.73 17.57 27.57
C PRO C 209 -18.71 16.44 27.74
N ALA C 210 -18.37 16.17 29.00
CA ALA C 210 -17.42 15.12 29.38
C ALA C 210 -17.90 13.77 28.83
N ASN C 211 -16.96 12.97 28.34
CA ASN C 211 -17.27 11.70 27.68
C ASN C 211 -16.29 10.63 28.14
N ASN C 212 -16.61 9.96 29.25
CA ASN C 212 -15.71 9.00 29.90
C ASN C 212 -16.29 7.60 30.01
N GLY C 213 -17.04 7.19 28.99
CA GLY C 213 -17.69 5.88 28.98
C GLY C 213 -16.73 4.70 29.07
N ASP C 214 -15.56 4.85 28.46
CA ASP C 214 -14.52 3.82 28.50
C ASP C 214 -14.00 3.52 29.91
N SER C 215 -13.85 4.54 30.76
CA SER C 215 -13.45 4.33 32.16
C SER C 215 -14.48 3.48 32.92
N ASN C 216 -15.77 3.84 32.79
CA ASN C 216 -16.84 3.03 33.40
C ASN C 216 -16.86 1.58 32.88
N MET C 217 -16.67 1.42 31.57
CA MET C 217 -16.63 0.09 30.96
C MET C 217 -15.52 -0.78 31.55
N ILE C 218 -14.32 -0.21 31.61
CA ILE C 218 -13.16 -0.90 32.15
C ILE C 218 -13.34 -1.27 33.62
N GLU C 219 -13.81 -0.32 34.43
CA GLU C 219 -14.13 -0.59 35.83
C GLU C 219 -15.19 -1.67 35.99
N SER C 220 -16.21 -1.64 35.14
CA SER C 220 -17.29 -2.60 35.20
C SER C 220 -16.84 -4.01 34.84
N LEU C 221 -16.01 -4.10 33.80
CA LEU C 221 -15.44 -5.39 33.38
C LEU C 221 -14.48 -5.93 34.44
N PHE C 222 -13.69 -5.06 35.06
CA PHE C 222 -12.79 -5.45 36.15
C PHE C 222 -13.57 -5.96 37.37
N MET C 223 -14.63 -5.24 37.73
CA MET C 223 -15.53 -5.65 38.82
C MET C 223 -16.16 -7.02 38.53
N ALA C 224 -16.58 -7.24 37.30
CA ALA C 224 -17.12 -8.53 36.88
C ALA C 224 -16.08 -9.65 37.06
N TRP C 225 -14.84 -9.39 36.65
CA TRP C 225 -13.75 -10.36 36.80
C TRP C 225 -13.43 -10.64 38.28
N GLU C 226 -13.38 -9.61 39.12
CA GLU C 226 -13.17 -9.81 40.57
C GLU C 226 -14.29 -10.65 41.19
N ALA C 227 -15.53 -10.42 40.77
CA ALA C 227 -16.68 -11.16 41.26
C ALA C 227 -16.65 -12.68 40.96
N PHE C 228 -15.96 -13.09 39.91
CA PHE C 228 -15.83 -14.51 39.60
C PHE C 228 -15.05 -15.25 40.69
N GLY C 229 -14.06 -14.60 41.29
CA GLY C 229 -13.39 -15.11 42.51
C GLY C 229 -12.23 -16.06 42.26
N ASN C 230 -11.53 -15.86 41.14
CA ASN C 230 -10.37 -16.69 40.79
C ASN C 230 -9.38 -15.84 40.00
N LYS C 231 -8.29 -15.45 40.66
CA LYS C 231 -7.29 -14.58 40.02
C LYS C 231 -6.52 -15.23 38.85
N ASN C 232 -6.60 -16.55 38.67
CA ASN C 232 -6.04 -17.22 37.50
C ASN C 232 -7.04 -17.43 36.35
N ALA C 233 -8.30 -17.03 36.55
CA ALA C 233 -9.33 -17.21 35.55
C ALA C 233 -9.13 -16.20 34.43
N LEU C 234 -9.34 -16.66 33.19
CA LEU C 234 -9.11 -15.82 32.02
C LEU C 234 -10.22 -14.77 31.85
N PHE C 235 -9.83 -13.62 31.31
CA PHE C 235 -10.75 -12.67 30.71
C PHE C 235 -10.71 -12.86 29.21
N VAL C 236 -11.86 -13.17 28.60
CA VAL C 236 -11.93 -13.49 27.17
C VAL C 236 -12.74 -12.45 26.39
N PHE C 237 -12.09 -11.85 25.39
CA PHE C 237 -12.78 -11.07 24.36
C PHE C 237 -13.34 -12.04 23.32
N LEU C 238 -14.64 -12.25 23.32
CA LEU C 238 -15.30 -13.00 22.25
C LEU C 238 -15.45 -12.03 21.07
N SER C 239 -14.68 -12.26 20.00
CA SER C 239 -14.52 -11.30 18.93
C SER C 239 -14.15 -11.92 17.59
N HIS C 240 -14.53 -11.24 16.51
CA HIS C 240 -14.22 -11.69 15.14
C HIS C 240 -12.73 -11.53 14.87
N GLU C 241 -12.21 -12.39 13.99
CA GLU C 241 -10.84 -12.25 13.48
C GLU C 241 -10.71 -11.00 12.57
N ARG C 242 -11.78 -10.70 11.81
CA ARG C 242 -11.91 -9.49 11.02
C ARG C 242 -12.73 -8.44 11.75
N LEU C 243 -12.09 -7.38 12.23
CA LEU C 243 -12.76 -6.33 13.00
C LEU C 243 -11.98 -5.00 12.95
N GLN C 244 -12.68 -3.93 12.65
CA GLN C 244 -12.08 -2.59 12.56
C GLN C 244 -11.57 -2.10 13.92
N TYR C 245 -12.25 -2.51 14.99
CA TYR C 245 -12.07 -2.00 16.34
C TYR C 245 -11.04 -2.77 17.20
N LYS C 246 -10.15 -3.54 16.58
CA LYS C 246 -9.17 -4.30 17.37
C LYS C 246 -8.30 -3.44 18.29
N PHE C 247 -7.91 -2.25 17.80
CA PHE C 247 -7.10 -1.33 18.60
C PHE C 247 -7.79 -0.91 19.91
N GLU C 248 -9.09 -0.66 19.82
CA GLU C 248 -9.93 -0.36 20.99
C GLU C 248 -9.89 -1.50 22.01
N LEU C 249 -10.06 -2.74 21.55
CA LEU C 249 -10.02 -3.90 22.46
C LEU C 249 -8.67 -4.05 23.14
N ARG C 250 -7.58 -3.80 22.40
CA ARG C 250 -6.26 -3.90 22.99
C ARG C 250 -6.04 -2.87 24.09
N ASN C 251 -6.60 -1.68 23.88
CA ASN C 251 -6.60 -0.65 24.89
C ASN C 251 -7.31 -1.09 26.19
N ILE C 252 -8.45 -1.75 26.02
CA ILE C 252 -9.18 -2.32 27.17
C ILE C 252 -8.31 -3.37 27.88
N GLN C 253 -7.70 -4.28 27.11
CA GLN C 253 -6.78 -5.27 27.66
C GLN C 253 -5.70 -4.62 28.54
N CYS C 254 -5.01 -3.60 28.00
CA CYS C 254 -3.91 -2.96 28.74
C CYS C 254 -4.37 -2.32 30.05
N GLN C 255 -5.52 -1.65 30.02
CA GLN C 255 -6.10 -1.06 31.21
C GLN C 255 -6.53 -2.09 32.26
N LEU C 256 -7.16 -3.18 31.81
CA LEU C 256 -7.51 -4.28 32.69
C LEU C 256 -6.29 -4.95 33.32
N GLU C 257 -5.23 -5.14 32.53
CA GLU C 257 -3.96 -5.67 33.05
C GLU C 257 -3.35 -4.74 34.12
N GLU C 258 -3.40 -3.42 33.88
CA GLU C 258 -2.94 -2.43 34.85
C GLU C 258 -3.75 -2.48 36.16
N LEU C 259 -5.08 -2.45 36.04
CA LEU C 259 -5.98 -2.52 37.21
C LEU C 259 -5.78 -3.76 38.07
N SER C 260 -5.49 -4.89 37.43
CA SER C 260 -5.28 -6.15 38.14
C SER C 260 -3.84 -6.34 38.63
N ASN C 261 -2.96 -5.36 38.40
CA ASN C 261 -1.53 -5.43 38.75
C ASN C 261 -0.85 -6.63 38.07
N GLY C 262 -1.16 -6.82 36.79
CA GLY C 262 -0.62 -7.92 35.99
C GLY C 262 -1.18 -9.32 36.23
N GLN C 263 -2.18 -9.46 37.11
CA GLN C 263 -2.72 -10.79 37.45
C GLN C 263 -3.73 -11.33 36.41
N MET C 264 -4.45 -10.44 35.72
CA MET C 264 -5.49 -10.88 34.79
C MET C 264 -4.89 -11.34 33.46
N LYS C 265 -5.11 -12.61 33.12
CA LYS C 265 -4.69 -13.15 31.83
C LYS C 265 -5.80 -12.95 30.80
N VAL C 266 -5.48 -12.23 29.72
CA VAL C 266 -6.43 -11.86 28.67
C VAL C 266 -6.25 -12.72 27.41
N GLU C 267 -7.35 -13.22 26.86
CA GLU C 267 -7.33 -13.97 25.58
C GLU C 267 -8.43 -13.50 24.64
N TYR C 268 -8.24 -13.79 23.36
CA TYR C 268 -9.19 -13.47 22.29
C TYR C 268 -9.58 -14.77 21.61
N VAL C 269 -10.86 -14.93 21.32
CA VAL C 269 -11.34 -16.08 20.58
C VAL C 269 -12.62 -15.70 19.84
N SER C 270 -12.79 -16.25 18.64
CA SER C 270 -14.03 -16.14 17.91
C SER C 270 -14.94 -17.30 18.26
N LEU C 271 -16.21 -17.21 17.87
CA LEU C 271 -17.13 -18.35 17.98
C LEU C 271 -16.71 -19.52 17.08
N LYS C 272 -16.15 -19.24 15.92
CA LYS C 272 -15.68 -20.30 14.99
C LYS C 272 -14.52 -21.09 15.62
N ALA C 273 -13.47 -20.39 16.02
CA ALA C 273 -12.35 -21.02 16.75
C ALA C 273 -12.81 -21.62 18.09
N GLY C 274 -13.76 -20.95 18.73
CA GLY C 274 -14.36 -21.42 19.97
C GLY C 274 -15.01 -22.79 19.91
N TYR C 275 -15.57 -23.14 18.77
CA TYR C 275 -16.15 -24.48 18.58
C TYR C 275 -15.16 -25.61 18.90
N GLU C 276 -13.90 -25.44 18.48
CA GLU C 276 -12.84 -26.42 18.77
C GLU C 276 -12.21 -26.22 20.16
N GLN C 277 -12.02 -24.97 20.55
CA GLN C 277 -11.18 -24.63 21.71
C GLN C 277 -11.93 -24.41 23.03
N LEU C 278 -13.25 -24.25 22.99
CA LEU C 278 -14.06 -24.07 24.20
C LEU C 278 -14.78 -25.35 24.57
N LYS C 279 -14.73 -25.71 25.86
CA LYS C 279 -15.47 -26.84 26.39
C LYS C 279 -16.06 -26.54 27.76
N LEU C 280 -17.11 -27.27 28.08
CA LEU C 280 -17.75 -27.23 29.37
C LEU C 280 -17.07 -28.27 30.27
N GLY C 281 -16.49 -27.81 31.38
CA GLY C 281 -15.87 -28.71 32.35
C GLY C 281 -16.91 -29.47 33.13
N GLU C 282 -16.50 -30.53 33.82
CA GLU C 282 -17.44 -31.33 34.64
C GLU C 282 -18.06 -30.55 35.83
N ASP C 283 -17.36 -29.51 36.27
CA ASP C 283 -17.90 -28.54 37.25
C ASP C 283 -18.61 -27.31 36.60
N TYR C 284 -18.95 -27.40 35.32
CA TYR C 284 -19.53 -26.31 34.53
C TYR C 284 -18.65 -25.07 34.31
N SER C 285 -17.33 -25.20 34.54
CA SER C 285 -16.38 -24.17 34.15
C SER C 285 -16.34 -24.08 32.63
N LEU C 286 -16.16 -22.86 32.12
CA LEU C 286 -15.83 -22.65 30.73
C LEU C 286 -14.32 -22.80 30.61
N LEU C 287 -13.90 -23.73 29.76
CA LEU C 287 -12.48 -24.00 29.54
C LEU C 287 -12.09 -23.58 28.13
N LEU C 288 -11.09 -22.70 28.03
CA LEU C 288 -10.50 -22.32 26.76
C LEU C 288 -9.14 -22.99 26.68
N ASN C 289 -9.04 -24.03 25.84
CA ASN C 289 -7.84 -24.88 25.78
C ASN C 289 -7.42 -25.38 27.17
N GLY C 290 -8.39 -25.83 27.95
CA GLY C 290 -8.16 -26.34 29.30
C GLY C 290 -8.05 -25.35 30.46
N GLU C 291 -8.07 -24.04 30.18
CA GLU C 291 -7.94 -23.01 31.24
C GLU C 291 -9.30 -22.37 31.55
N ILE C 292 -9.56 -22.18 32.85
CA ILE C 292 -10.85 -21.64 33.31
C ILE C 292 -11.04 -20.21 32.81
N VAL C 293 -12.25 -19.91 32.30
CA VAL C 293 -12.60 -18.57 31.83
C VAL C 293 -13.56 -17.93 32.86
N GLY C 294 -13.17 -16.77 33.39
CA GLY C 294 -13.96 -16.05 34.39
C GLY C 294 -14.98 -15.10 33.80
N VAL C 295 -14.59 -14.40 32.73
CA VAL C 295 -15.46 -13.44 32.04
C VAL C 295 -15.35 -13.61 30.52
N VAL C 296 -16.50 -13.59 29.85
CA VAL C 296 -16.60 -13.53 28.40
C VAL C 296 -17.26 -12.20 28.04
N TYR C 297 -16.46 -11.30 27.47
CA TYR C 297 -16.95 -10.01 26.99
C TYR C 297 -17.15 -10.12 25.47
N SER C 298 -18.40 -9.98 25.03
CA SER C 298 -18.76 -10.20 23.64
C SER C 298 -18.82 -8.90 22.82
N THR C 299 -18.10 -8.90 21.70
CA THR C 299 -18.31 -7.94 20.61
C THR C 299 -18.86 -8.61 19.33
N ILE C 300 -19.41 -9.81 19.48
CA ILE C 300 -20.10 -10.51 18.39
C ILE C 300 -21.60 -10.45 18.70
N SER C 301 -22.31 -9.63 17.94
CA SER C 301 -23.74 -9.36 18.15
C SER C 301 -24.58 -10.64 18.08
N ALA C 302 -25.40 -10.88 19.11
CA ALA C 302 -26.26 -12.06 19.15
C ALA C 302 -27.33 -11.98 18.05
N LEU C 303 -28.01 -10.84 17.95
CA LEU C 303 -29.03 -10.60 16.93
C LEU C 303 -28.46 -10.24 15.55
N GLY C 304 -27.34 -9.52 15.51
CA GLY C 304 -26.75 -9.04 14.23
C GLY C 304 -25.95 -10.05 13.42
N HIS C 305 -25.20 -10.93 14.08
CA HIS C 305 -24.30 -11.87 13.40
C HIS C 305 -25.04 -13.16 13.05
N GLN C 306 -25.19 -13.42 11.75
CA GLN C 306 -25.75 -14.68 11.25
C GLN C 306 -24.76 -15.84 11.44
N ALA C 307 -24.90 -16.52 12.58
CA ALA C 307 -23.93 -17.56 12.98
C ALA C 307 -24.26 -18.90 12.32
N ASN C 308 -23.23 -19.64 11.91
CA ASN C 308 -23.39 -21.04 11.44
C ASN C 308 -23.59 -21.99 12.62
N ALA C 309 -23.83 -23.27 12.33
CA ALA C 309 -24.12 -24.27 13.38
C ALA C 309 -23.03 -24.41 14.44
N ARG C 310 -21.77 -24.37 14.00
CA ARG C 310 -20.62 -24.48 14.90
C ARG C 310 -20.50 -23.28 15.85
N GLU C 311 -20.66 -22.08 15.28
CA GLU C 311 -20.70 -20.85 16.06
C GLU C 311 -21.81 -20.85 17.10
N MET C 312 -22.98 -21.35 16.72
CA MET C 312 -24.13 -21.48 17.63
C MET C 312 -23.84 -22.44 18.80
N GLU C 313 -23.17 -23.56 18.52
CA GLU C 313 -22.77 -24.50 19.57
C GLU C 313 -21.75 -23.90 20.54
N ALA C 314 -20.80 -23.13 20.04
CA ALA C 314 -19.84 -22.41 20.89
C ALA C 314 -20.56 -21.43 21.81
N ARG C 315 -21.57 -20.73 21.28
CA ARG C 315 -22.40 -19.81 22.07
C ARG C 315 -23.14 -20.55 23.19
N ARG C 316 -23.69 -21.70 22.85
CA ARG C 316 -24.38 -22.57 23.82
C ARG C 316 -23.44 -23.00 24.95
N THR C 317 -22.24 -23.44 24.59
CA THR C 317 -21.22 -23.84 25.57
C THR C 317 -20.93 -22.70 26.57
N ILE C 318 -20.78 -21.48 26.05
CA ILE C 318 -20.56 -20.30 26.89
C ILE C 318 -21.75 -20.07 27.83
N GLU C 319 -22.96 -20.11 27.29
CA GLU C 319 -24.18 -19.84 28.09
C GLU C 319 -24.47 -20.86 29.18
N LEU C 320 -24.13 -22.12 28.96
CA LEU C 320 -24.31 -23.18 29.98
C LEU C 320 -23.22 -23.18 31.06
N SER C 321 -22.12 -22.45 30.84
CA SER C 321 -21.01 -22.41 31.78
C SER C 321 -21.25 -21.46 32.94
N ASN C 322 -20.33 -21.49 33.92
CA ASN C 322 -20.39 -20.58 35.07
C ASN C 322 -19.57 -19.30 34.89
N ALA C 323 -19.11 -19.03 33.68
CA ALA C 323 -18.41 -17.78 33.37
C ALA C 323 -19.39 -16.63 33.49
N ILE C 324 -18.91 -15.49 33.95
CA ILE C 324 -19.70 -14.27 33.97
C ILE C 324 -19.74 -13.74 32.54
N LYS C 325 -20.94 -13.53 32.02
CA LYS C 325 -21.15 -13.12 30.64
C LYS C 325 -21.42 -11.62 30.56
N ALA C 326 -20.70 -10.95 29.68
CA ALA C 326 -20.81 -9.51 29.46
C ALA C 326 -21.10 -9.24 27.98
N PRO C 327 -22.35 -9.35 27.52
CA PRO C 327 -23.53 -9.73 28.31
C PRO C 327 -23.92 -11.17 28.12
N SER C 328 -24.86 -11.64 28.93
CA SER C 328 -25.50 -12.93 28.69
C SER C 328 -26.42 -12.83 27.49
N LEU C 329 -26.81 -13.98 26.96
CA LEU C 329 -27.62 -14.06 25.76
C LEU C 329 -29.04 -13.52 26.03
N ALA C 330 -29.59 -13.82 27.21
CA ALA C 330 -30.89 -13.30 27.62
C ALA C 330 -30.90 -11.76 27.64
N ILE C 331 -29.84 -11.16 28.18
CA ILE C 331 -29.69 -9.71 28.17
C ILE C 331 -29.63 -9.19 26.75
N ALA C 332 -28.85 -9.87 25.89
CA ALA C 332 -28.69 -9.49 24.49
C ALA C 332 -30.01 -9.49 23.72
N ILE C 333 -30.83 -10.53 23.86
CA ILE C 333 -32.11 -10.60 23.14
C ILE C 333 -33.29 -9.95 23.89
N SER C 334 -33.04 -9.40 25.08
CA SER C 334 -34.05 -8.61 25.77
C SER C 334 -34.41 -7.31 25.02
N SER C 335 -33.52 -6.83 24.13
CA SER C 335 -33.74 -5.59 23.40
C SER C 335 -33.93 -5.77 21.89
N SER C 336 -34.52 -6.89 21.47
CA SER C 336 -34.96 -7.01 20.08
C SER C 336 -36.06 -5.99 19.78
N LYS C 337 -36.27 -5.73 18.49
CA LYS C 337 -37.33 -4.83 18.05
C LYS C 337 -38.69 -5.22 18.58
N LYS C 338 -38.95 -6.54 18.64
CA LYS C 338 -40.21 -7.08 19.14
C LYS C 338 -40.47 -6.68 20.59
N ILE C 339 -39.48 -6.83 21.45
CA ILE C 339 -39.61 -6.48 22.86
C ILE C 339 -39.70 -4.95 23.04
N GLN C 340 -38.90 -4.19 22.30
CA GLN C 340 -39.01 -2.72 22.28
C GLN C 340 -40.46 -2.28 22.00
N GLN C 341 -41.09 -2.91 21.01
CA GLN C 341 -42.50 -2.64 20.67
C GLN C 341 -43.47 -3.05 21.78
N LEU C 342 -43.28 -4.25 22.33
CA LEU C 342 -44.11 -4.74 23.44
C LEU C 342 -44.06 -3.86 24.69
N LEU C 343 -42.89 -3.30 24.98
CA LEU C 343 -42.73 -2.39 26.13
C LEU C 343 -43.48 -1.04 25.98
N THR C 344 -43.91 -0.68 24.78
CA THR C 344 -44.72 0.52 24.54
C THR C 344 -46.23 0.32 24.73
N THR C 345 -46.68 -0.94 24.86
CA THR C 345 -48.12 -1.22 24.96
C THR C 345 -48.63 -0.83 26.36
N PRO C 346 -49.92 -0.46 26.49
CA PRO C 346 -50.45 0.06 27.76
C PRO C 346 -50.25 -0.86 28.96
N GLY C 347 -49.70 -0.30 30.05
CA GLY C 347 -49.49 -1.05 31.30
C GLY C 347 -48.24 -1.90 31.39
N THR C 348 -47.49 -2.04 30.31
CA THR C 348 -46.38 -2.99 30.24
C THR C 348 -45.12 -2.47 30.96
N LEU C 349 -44.80 -1.19 30.83
CA LEU C 349 -43.73 -0.58 31.64
C LEU C 349 -43.99 -0.76 33.14
N GLU C 350 -45.25 -0.61 33.54
CA GLU C 350 -45.67 -0.69 34.94
C GLU C 350 -45.50 -2.10 35.55
N ARG C 351 -45.56 -3.14 34.71
CA ARG C 351 -45.23 -4.51 35.15
C ARG C 351 -43.78 -4.62 35.68
N PHE C 352 -42.85 -3.90 35.04
CA PHE C 352 -41.44 -3.92 35.43
C PHE C 352 -41.05 -2.83 36.44
N PHE C 353 -41.89 -1.81 36.56
CA PHE C 353 -41.79 -0.79 37.61
C PHE C 353 -43.09 -0.76 38.44
N PRO C 354 -43.38 -1.84 39.20
CA PRO C 354 -44.67 -1.96 39.91
C PRO C 354 -44.89 -0.94 41.04
N SER C 355 -43.81 -0.53 41.70
CA SER C 355 -43.87 0.40 42.82
C SER C 355 -44.18 1.84 42.39
N ALA C 356 -44.95 2.56 43.21
CA ALA C 356 -45.27 3.98 42.98
C ALA C 356 -44.05 4.90 43.10
N THR C 357 -43.06 4.47 43.88
CA THR C 357 -41.79 5.19 44.02
C THR C 357 -41.01 5.26 42.69
N GLU C 358 -41.28 4.35 41.75
CA GLU C 358 -40.65 4.33 40.43
C GLU C 358 -41.54 4.93 39.31
N ALA C 359 -42.60 5.66 39.67
CA ALA C 359 -43.48 6.28 38.67
C ALA C 359 -42.78 7.33 37.79
N ASP C 360 -41.80 8.04 38.37
CA ASP C 360 -40.96 8.99 37.62
C ASP C 360 -40.15 8.31 36.49
N LYS C 361 -39.65 7.10 36.75
CA LYS C 361 -38.91 6.31 35.76
C LYS C 361 -39.80 5.90 34.59
N VAL C 362 -41.01 5.46 34.90
CA VAL C 362 -42.01 5.08 33.90
C VAL C 362 -42.32 6.27 32.98
N ALA C 363 -42.64 7.42 33.57
CA ALA C 363 -42.98 8.63 32.82
C ALA C 363 -41.84 9.14 31.94
N ALA C 364 -40.62 9.12 32.47
CA ALA C 364 -39.43 9.58 31.73
C ALA C 364 -39.13 8.69 30.51
N ILE C 365 -39.26 7.37 30.67
CA ILE C 365 -39.07 6.44 29.56
C ILE C 365 -40.18 6.62 28.51
N ARG C 366 -41.43 6.61 28.96
CA ARG C 366 -42.60 6.70 28.07
C ARG C 366 -42.62 7.97 27.21
N GLU C 367 -42.13 9.07 27.77
CA GLU C 367 -41.95 10.35 27.06
C GLU C 367 -41.04 10.25 25.81
N THR C 368 -40.13 9.28 25.75
CA THR C 368 -39.23 9.13 24.64
C THR C 368 -39.81 8.25 23.50
N PHE C 369 -40.92 7.55 23.75
CA PHE C 369 -41.55 6.71 22.70
C PHE C 369 -42.09 7.51 21.53
N THR C 370 -42.16 6.87 20.36
CA THR C 370 -42.67 7.49 19.13
C THR C 370 -44.20 7.41 19.06
N LYS C 434 -43.89 9.32 11.83
CA LYS C 434 -42.80 9.71 10.93
C LYS C 434 -41.94 10.78 11.60
N LEU C 435 -40.64 10.55 11.61
CA LEU C 435 -39.70 11.43 12.31
C LEU C 435 -38.86 12.23 11.33
N ILE C 436 -38.76 13.55 11.54
CA ILE C 436 -37.94 14.45 10.72
C ILE C 436 -36.76 14.97 11.54
N PRO C 437 -35.52 14.51 11.22
CA PRO C 437 -34.37 14.91 12.06
C PRO C 437 -33.96 16.37 11.88
N MET C 438 -33.44 16.98 12.93
CA MET C 438 -32.80 18.31 12.86
C MET C 438 -31.61 18.23 11.90
N ALA C 439 -31.53 19.18 10.98
CA ALA C 439 -30.43 19.28 10.04
C ALA C 439 -29.47 20.36 10.48
N THR C 440 -28.17 20.12 10.26
CA THR C 440 -27.13 21.14 10.47
C THR C 440 -26.10 20.98 9.35
N LYS C 441 -24.96 21.66 9.45
CA LYS C 441 -23.88 21.53 8.48
C LYS C 441 -22.56 21.17 9.15
N ASN C 442 -21.78 20.31 8.50
CA ASN C 442 -20.47 19.93 9.00
C ASN C 442 -19.56 19.39 7.89
N TYR C 443 -18.28 19.26 8.22
CA TYR C 443 -17.28 18.64 7.35
C TYR C 443 -16.97 17.24 7.86
N PHE C 444 -16.91 16.27 6.95
CA PHE C 444 -16.49 14.91 7.30
C PHE C 444 -15.03 14.68 6.96
N LEU C 445 -14.30 14.07 7.89
CA LEU C 445 -12.97 13.54 7.64
C LEU C 445 -13.06 12.03 7.50
N ARG C 446 -12.78 11.54 6.29
CA ARG C 446 -12.70 10.11 5.99
C ARG C 446 -11.39 9.86 5.24
N PRO C 447 -10.70 8.74 5.53
CA PRO C 447 -9.41 8.46 4.86
C PRO C 447 -9.50 8.60 3.34
N PHE C 448 -8.59 9.39 2.77
CA PHE C 448 -8.48 9.63 1.32
C PHE C 448 -9.67 10.35 0.65
N HIS C 449 -10.54 11.00 1.42
CA HIS C 449 -11.65 11.80 0.88
C HIS C 449 -11.36 13.25 1.23
N GLU C 450 -11.49 14.14 0.26
CA GLU C 450 -11.39 15.57 0.54
C GLU C 450 -12.59 15.98 1.39
N PRO C 451 -12.36 16.73 2.47
CA PRO C 451 -13.47 17.26 3.25
C PRO C 451 -14.31 18.29 2.51
N LYS C 452 -15.64 18.16 2.59
CA LYS C 452 -16.60 19.06 1.95
C LYS C 452 -17.69 19.44 2.95
N LEU C 453 -18.26 20.62 2.78
CA LEU C 453 -19.38 21.06 3.62
C LEU C 453 -20.67 20.41 3.12
N ASN C 454 -21.38 19.72 4.00
CA ASN C 454 -22.64 19.06 3.65
C ASN C 454 -23.71 19.32 4.69
N VAL C 455 -24.96 19.22 4.26
CA VAL C 455 -26.09 19.20 5.17
C VAL C 455 -26.12 17.81 5.80
N VAL C 456 -26.20 17.76 7.12
CA VAL C 456 -26.09 16.50 7.86
C VAL C 456 -27.15 16.35 8.94
N VAL C 457 -27.43 15.10 9.29
CA VAL C 457 -28.36 14.73 10.36
C VAL C 457 -27.71 13.64 11.19
N GLY C 458 -28.16 13.47 12.43
CA GLY C 458 -27.53 12.52 13.34
C GLY C 458 -28.46 11.74 14.24
N GLU C 459 -27.85 10.83 15.01
CA GLU C 459 -28.49 10.15 16.11
C GLU C 459 -27.57 10.28 17.32
N LEU C 460 -28.16 10.43 18.49
CA LEU C 460 -27.42 10.45 19.75
C LEU C 460 -27.41 9.04 20.33
N GLY C 461 -26.22 8.56 20.69
CA GLY C 461 -26.06 7.30 21.43
C GLY C 461 -25.71 7.61 22.88
N VAL C 462 -26.36 6.94 23.82
CA VAL C 462 -26.05 7.07 25.26
C VAL C 462 -25.67 5.71 25.81
N ASN C 463 -24.53 5.63 26.49
CA ASN C 463 -23.97 4.35 26.97
C ASN C 463 -24.01 4.21 28.49
N GLY C 464 -23.91 2.97 28.94
CA GLY C 464 -23.79 2.67 30.35
C GLY C 464 -23.61 1.19 30.61
N THR C 465 -23.44 0.84 31.87
CA THR C 465 -23.36 -0.55 32.30
C THR C 465 -24.19 -0.80 33.56
N LEU C 466 -24.57 -2.06 33.73
CA LEU C 466 -25.28 -2.50 34.91
C LEU C 466 -24.79 -3.89 35.28
N LEU C 467 -24.32 -4.04 36.52
CA LEU C 467 -23.87 -5.33 37.05
C LEU C 467 -24.91 -5.80 38.06
N GLY C 468 -25.51 -6.96 37.77
CA GLY C 468 -26.64 -7.46 38.54
C GLY C 468 -26.63 -8.96 38.74
N ASN C 469 -27.59 -9.43 39.53
CA ASN C 469 -27.74 -10.83 39.88
C ASN C 469 -29.05 -11.33 39.27
N LEU C 470 -28.94 -12.29 38.35
CA LEU C 470 -30.09 -12.87 37.64
C LEU C 470 -31.07 -13.66 38.53
N ARG C 471 -30.60 -14.20 39.66
CA ARG C 471 -31.44 -15.02 40.55
C ARG C 471 -32.42 -14.15 41.36
N ASP C 472 -31.92 -13.15 42.07
CA ASP C 472 -32.75 -12.29 42.94
C ASP C 472 -33.03 -10.88 42.39
N GLN C 473 -32.52 -10.58 41.18
CA GLN C 473 -32.75 -9.30 40.50
C GLN C 473 -32.15 -8.08 41.23
N SER C 474 -31.16 -8.31 42.10
CA SER C 474 -30.46 -7.23 42.78
C SER C 474 -29.43 -6.59 41.84
N VAL C 475 -29.11 -5.34 42.12
CA VAL C 475 -28.27 -4.54 41.25
C VAL C 475 -27.17 -3.88 42.08
N ARG C 476 -25.92 -4.26 41.78
CA ARG C 476 -24.72 -3.77 42.47
C ARG C 476 -24.19 -2.45 41.85
N HIS C 477 -24.43 -2.25 40.55
CA HIS C 477 -23.84 -1.14 39.81
C HIS C 477 -24.78 -0.80 38.65
N ASN C 478 -25.19 0.46 38.54
CA ASN C 478 -26.03 0.93 37.43
C ASN C 478 -25.65 2.38 37.11
N VAL C 479 -24.85 2.56 36.06
CA VAL C 479 -24.24 3.86 35.75
C VAL C 479 -24.40 4.18 34.28
N GLN C 480 -24.85 5.41 33.99
CA GLN C 480 -24.75 5.98 32.65
C GLN C 480 -23.36 6.58 32.58
N SER C 481 -22.64 6.27 31.51
CA SER C 481 -21.36 6.91 31.23
C SER C 481 -21.02 6.73 29.76
N GLY C 482 -20.73 7.84 29.09
CA GLY C 482 -20.37 7.82 27.69
C GLY C 482 -21.54 8.12 26.78
N HIS C 483 -21.23 8.81 25.68
CA HIS C 483 -22.18 9.08 24.62
C HIS C 483 -21.44 9.25 23.30
N LEU C 484 -22.22 9.44 22.24
CA LEU C 484 -21.67 9.74 20.92
C LEU C 484 -22.75 10.35 20.05
N LEU C 485 -22.31 11.02 18.99
CA LEU C 485 -23.18 11.30 17.86
C LEU C 485 -22.68 10.46 16.70
N ARG C 486 -23.62 9.92 15.94
CA ARG C 486 -23.37 9.27 14.65
C ARG C 486 -24.08 10.15 13.62
N THR C 487 -23.33 10.70 12.67
CA THR C 487 -23.81 11.75 11.77
C THR C 487 -23.66 11.32 10.30
N LYS C 488 -24.68 11.63 9.49
CA LYS C 488 -24.77 11.21 8.09
C LYS C 488 -25.20 12.38 7.20
N LEU C 489 -24.94 12.26 5.89
CA LEU C 489 -25.59 13.12 4.90
C LEU C 489 -27.12 12.97 4.97
N ARG C 490 -27.82 14.10 4.85
CA ARG C 490 -29.31 14.08 4.85
C ARG C 490 -29.86 13.37 3.61
N GLY C 502 -22.20 6.53 8.19
CA GLY C 502 -21.95 7.90 8.66
C GLY C 502 -20.57 8.03 9.30
N VAL C 503 -20.36 9.12 10.05
CA VAL C 503 -19.12 9.34 10.77
C VAL C 503 -19.37 9.50 12.28
N GLY C 504 -18.31 9.32 13.06
CA GLY C 504 -18.33 9.60 14.49
C GLY C 504 -18.32 11.11 14.72
N ASP C 505 -18.95 11.52 15.81
CA ASP C 505 -19.21 12.93 16.07
C ASP C 505 -19.47 13.08 17.58
N SER C 506 -19.50 14.30 18.08
CA SER C 506 -19.84 14.57 19.48
C SER C 506 -20.62 15.88 19.55
N PRO C 507 -21.44 16.04 20.61
CA PRO C 507 -22.36 17.18 20.62
C PRO C 507 -21.73 18.49 21.07
N TYR C 508 -22.14 19.59 20.44
CA TYR C 508 -21.86 20.94 20.93
C TYR C 508 -23.20 21.48 21.43
N LEU C 509 -23.35 21.54 22.75
CA LEU C 509 -24.65 21.78 23.38
C LEU C 509 -25.08 23.26 23.32
N PHE C 510 -26.34 23.50 22.94
CA PHE C 510 -26.91 24.85 22.92
C PHE C 510 -28.29 24.90 23.56
N TYR D 31 3.06 20.13 -28.81
CA TYR D 31 1.70 19.57 -29.07
C TYR D 31 0.95 19.09 -27.82
N VAL D 32 1.71 18.65 -26.79
CA VAL D 32 1.10 17.99 -25.63
C VAL D 32 0.16 18.92 -24.87
N GLU D 33 0.64 20.12 -24.58
CA GLU D 33 -0.17 21.08 -23.83
C GLU D 33 -1.40 21.54 -24.63
N LYS D 34 -1.21 21.76 -25.94
CA LYS D 34 -2.34 22.13 -26.82
C LYS D 34 -3.39 21.02 -26.92
N SER D 35 -2.92 19.77 -26.97
CA SER D 35 -3.82 18.60 -27.09
C SER D 35 -4.71 18.35 -25.87
N VAL D 36 -4.19 18.62 -24.70
CA VAL D 36 -4.90 18.54 -23.42
C VAL D 36 -5.72 19.75 -22.99
N ASN D 37 -5.33 21.04 -23.11
CA ASN D 37 -6.28 22.16 -23.09
C ASN D 37 -6.89 22.56 -21.70
N SER D 38 -7.20 21.54 -20.91
CA SER D 38 -7.88 21.77 -19.62
C SER D 38 -7.66 20.64 -18.61
N GLU D 39 -7.86 20.98 -17.34
CA GLU D 39 -7.81 19.99 -16.25
C GLU D 39 -8.94 18.95 -16.39
N THR D 40 -10.10 19.35 -16.89
CA THR D 40 -11.21 18.42 -17.10
C THR D 40 -10.82 17.33 -18.11
N LYS D 41 -10.25 17.76 -19.23
CA LYS D 41 -9.83 16.83 -20.27
C LYS D 41 -8.69 15.93 -19.77
N LEU D 42 -7.72 16.54 -19.09
CA LEU D 42 -6.59 15.81 -18.52
C LEU D 42 -7.03 14.64 -17.66
N HIS D 43 -8.01 14.86 -16.77
CA HIS D 43 -8.47 13.81 -15.87
C HIS D 43 -9.27 12.71 -16.56
N LYS D 44 -10.09 13.10 -17.54
CA LYS D 44 -10.79 12.11 -18.35
C LYS D 44 -9.81 11.18 -19.13
N LEU D 45 -8.77 11.80 -19.70
CA LEU D 45 -7.73 11.07 -20.39
C LEU D 45 -6.91 10.16 -19.46
N ALA D 46 -6.51 10.70 -18.32
CA ALA D 46 -5.72 9.94 -17.35
C ALA D 46 -6.48 8.74 -16.80
N ASP D 47 -7.78 8.94 -16.52
CA ASP D 47 -8.62 7.88 -16.00
C ASP D 47 -8.76 6.73 -17.03
N PHE D 48 -8.97 7.11 -18.29
CA PHE D 48 -8.96 6.12 -19.38
C PHE D 48 -7.62 5.37 -19.45
N ALA D 49 -6.53 6.11 -19.39
CA ALA D 49 -5.17 5.54 -19.52
C ALA D 49 -4.86 4.53 -18.42
N ILE D 50 -5.23 4.86 -17.18
CA ILE D 50 -4.95 4.00 -16.03
C ILE D 50 -5.71 2.68 -16.11
N ASP D 51 -7.00 2.76 -16.49
CA ASP D 51 -7.80 1.57 -16.71
C ASP D 51 -7.23 0.72 -17.87
N TRP D 52 -6.87 1.38 -18.97
CA TRP D 52 -6.27 0.68 -20.08
C TRP D 52 -4.99 -0.06 -19.67
N ALA D 53 -4.16 0.61 -18.88
CA ALA D 53 -2.90 0.04 -18.42
C ALA D 53 -3.15 -1.27 -17.65
N HIS D 54 -4.07 -1.25 -16.69
CA HIS D 54 -4.40 -2.46 -15.96
C HIS D 54 -5.03 -3.56 -16.81
N ASN D 55 -5.90 -3.19 -17.75
CA ASN D 55 -6.53 -4.16 -18.64
C ASN D 55 -5.56 -4.81 -19.64
N ASN D 56 -4.42 -4.16 -19.87
CA ASN D 56 -3.49 -4.61 -20.89
C ASN D 56 -2.10 -5.01 -20.38
N GLY D 57 -1.97 -5.20 -19.07
CA GLY D 57 -0.73 -5.69 -18.48
C GLY D 57 0.39 -4.69 -18.32
N LEU D 58 0.07 -3.39 -18.39
CA LEU D 58 1.06 -2.34 -18.22
C LEU D 58 1.15 -2.04 -16.72
N ILE D 59 1.77 -2.98 -16.00
CA ILE D 59 1.69 -3.04 -14.55
C ILE D 59 3.02 -3.45 -13.90
N LEU D 60 3.13 -3.14 -12.61
CA LEU D 60 4.24 -3.56 -11.77
C LEU D 60 3.68 -4.01 -10.43
N ARG D 61 4.48 -4.81 -9.71
CA ARG D 61 4.21 -5.06 -8.28
C ARG D 61 4.32 -3.74 -7.52
N THR D 62 3.60 -3.63 -6.42
CA THR D 62 3.56 -2.41 -5.62
C THR D 62 4.83 -2.33 -4.78
N LYS D 63 5.18 -1.12 -4.37
CA LYS D 63 6.34 -0.93 -3.49
C LYS D 63 6.14 -1.57 -2.12
N GLN D 64 4.92 -1.59 -1.64
CA GLN D 64 4.58 -2.25 -0.36
C GLN D 64 4.80 -3.77 -0.40
N PHE D 65 4.53 -4.39 -1.56
CA PHE D 65 4.61 -5.84 -1.68
C PHE D 65 5.38 -6.26 -2.93
N LEU D 66 6.68 -6.00 -2.93
CA LEU D 66 7.57 -6.39 -4.04
C LEU D 66 7.77 -7.91 -4.15
N ASN D 67 7.39 -8.64 -3.11
CA ASN D 67 7.45 -10.11 -3.10
C ASN D 67 6.11 -10.79 -3.42
N LYS D 68 5.05 -10.01 -3.71
CA LYS D 68 3.70 -10.57 -3.91
C LYS D 68 3.00 -9.94 -5.10
N SER D 69 2.26 -10.77 -5.83
CA SER D 69 1.52 -10.35 -6.98
C SER D 69 0.02 -10.13 -6.72
N ASP D 70 -0.42 -10.19 -5.46
CA ASP D 70 -1.86 -10.08 -5.15
C ASP D 70 -2.45 -8.75 -5.61
N VAL D 71 -1.68 -7.68 -5.40
CA VAL D 71 -2.01 -6.37 -5.92
C VAL D 71 -0.94 -5.90 -6.89
N ALA D 72 -1.37 -5.09 -7.85
CA ALA D 72 -0.49 -4.49 -8.84
C ALA D 72 -0.89 -3.03 -9.01
N GLU D 73 0.09 -2.22 -9.41
CA GLU D 73 -0.14 -0.82 -9.76
C GLU D 73 0.21 -0.67 -11.23
N PHE D 74 -0.33 0.37 -11.87
CA PHE D 74 0.06 0.65 -13.26
C PHE D 74 1.51 1.15 -13.29
N ALA D 75 2.21 0.81 -14.37
CA ALA D 75 3.60 1.23 -14.57
C ALA D 75 3.62 2.75 -14.84
N PRO D 76 4.58 3.47 -14.24
CA PRO D 76 4.58 4.92 -14.45
C PRO D 76 4.94 5.29 -15.90
N VAL D 77 4.09 6.11 -16.51
CA VAL D 77 4.22 6.47 -17.93
C VAL D 77 3.85 7.93 -18.16
N SER D 78 4.32 8.48 -19.27
CA SER D 78 3.82 9.75 -19.75
C SER D 78 2.40 9.54 -20.30
N LEU D 79 1.59 10.60 -20.24
CA LEU D 79 0.21 10.55 -20.74
C LEU D 79 0.20 10.39 -22.27
N LEU D 80 1.08 11.13 -22.93
CA LEU D 80 1.19 11.13 -24.37
C LEU D 80 2.66 10.89 -24.76
N PRO D 81 2.88 10.40 -25.99
CA PRO D 81 4.26 10.18 -26.45
C PRO D 81 5.00 11.51 -26.66
N SER D 82 6.21 11.61 -26.10
CA SER D 82 7.02 12.82 -26.21
C SER D 82 7.50 13.03 -27.64
N PRO D 83 7.48 14.28 -28.13
CA PRO D 83 8.10 14.61 -29.43
C PRO D 83 9.56 14.18 -29.49
N PHE D 84 9.94 13.58 -30.62
CA PHE D 84 11.32 13.13 -30.83
C PHE D 84 11.62 13.22 -32.33
N PRO D 85 12.78 13.80 -32.71
CA PRO D 85 13.03 13.95 -34.16
C PRO D 85 13.25 12.62 -34.88
N ARG D 86 12.58 12.48 -36.03
CA ARG D 86 12.64 11.27 -36.84
C ARG D 86 14.07 10.91 -37.24
N HIS D 87 14.85 11.90 -37.67
CA HIS D 87 16.22 11.68 -38.14
C HIS D 87 17.10 11.02 -37.06
N ALA D 88 17.04 11.53 -35.83
CA ALA D 88 17.81 10.98 -34.72
C ALA D 88 17.38 9.55 -34.39
N PHE D 89 16.06 9.32 -34.38
CA PHE D 89 15.48 8.01 -34.12
C PHE D 89 15.95 6.98 -35.15
N GLU D 90 15.79 7.31 -36.44
CA GLU D 90 16.16 6.39 -37.52
C GLU D 90 17.65 6.06 -37.50
N LYS D 91 18.47 7.04 -37.14
CA LYS D 91 19.93 6.84 -37.02
C LYS D 91 20.28 5.86 -35.88
N ALA D 92 19.63 6.03 -34.72
CA ALA D 92 19.85 5.15 -33.57
C ALA D 92 19.42 3.70 -33.87
N VAL D 93 18.30 3.55 -34.56
CA VAL D 93 17.81 2.23 -35.00
C VAL D 93 18.73 1.59 -36.02
N ALA D 94 19.14 2.38 -37.01
CA ALA D 94 19.93 1.88 -38.16
C ALA D 94 21.32 1.37 -37.77
N VAL D 95 21.94 1.99 -36.76
CA VAL D 95 23.27 1.58 -36.30
C VAL D 95 23.27 0.34 -35.37
N HIS D 96 22.10 -0.06 -34.90
CA HIS D 96 22.02 -0.99 -33.77
C HIS D 96 22.62 -2.37 -34.03
N GLU D 97 22.30 -2.96 -35.18
CA GLU D 97 22.82 -4.32 -35.51
C GLU D 97 24.35 -4.31 -35.65
N ALA D 98 24.91 -3.25 -36.22
CA ALA D 98 26.37 -3.05 -36.25
C ALA D 98 26.96 -2.96 -34.83
N LEU D 99 26.27 -2.24 -33.95
CA LEU D 99 26.70 -2.07 -32.55
C LEU D 99 26.68 -3.42 -31.79
N GLN D 100 25.67 -4.26 -32.06
CA GLN D 100 25.60 -5.59 -31.44
C GLN D 100 26.71 -6.51 -31.92
N LEU D 101 27.00 -6.44 -33.21
CA LEU D 101 28.10 -7.19 -33.81
C LEU D 101 29.44 -6.77 -33.21
N LEU D 102 29.62 -5.46 -33.03
CA LEU D 102 30.82 -4.93 -32.36
C LEU D 102 31.05 -5.54 -30.97
N TYR D 103 30.03 -5.45 -30.11
CA TYR D 103 30.17 -5.92 -28.74
C TYR D 103 30.28 -7.45 -28.64
N PHE D 104 29.64 -8.16 -29.57
CA PHE D 104 29.83 -9.61 -29.68
C PHE D 104 31.29 -9.95 -29.98
N ARG D 105 31.89 -9.25 -30.94
CA ARG D 105 33.31 -9.46 -31.28
C ARG D 105 34.27 -9.07 -30.15
N VAL D 106 33.93 -8.02 -29.40
CA VAL D 106 34.69 -7.63 -28.22
C VAL D 106 34.64 -8.77 -27.18
N ALA D 107 33.44 -9.30 -26.93
CA ALA D 107 33.26 -10.40 -25.98
C ALA D 107 34.00 -11.68 -26.38
N CYS D 108 34.13 -11.93 -27.70
CA CYS D 108 34.91 -13.06 -28.21
C CYS D 108 36.43 -12.86 -28.13
N ASP D 109 36.88 -11.61 -28.03
CA ASP D 109 38.30 -11.29 -27.99
C ASP D 109 38.80 -11.31 -26.55
N TYR D 110 39.16 -12.50 -26.07
CA TYR D 110 39.65 -12.71 -24.70
C TYR D 110 40.83 -11.80 -24.36
N GLU D 111 41.79 -11.71 -25.27
CA GLU D 111 42.99 -10.90 -25.03
C GLU D 111 42.70 -9.40 -24.90
N PHE D 112 41.80 -8.87 -25.74
CA PHE D 112 41.36 -7.47 -25.63
C PHE D 112 40.71 -7.17 -24.28
N MET D 113 39.83 -8.07 -23.84
CA MET D 113 39.11 -7.87 -22.58
C MET D 113 40.03 -7.92 -21.37
N MET D 114 40.92 -8.92 -21.32
CA MET D 114 41.91 -9.01 -20.23
C MET D 114 42.86 -7.81 -20.20
N ASP D 115 43.25 -7.34 -21.39
CA ASP D 115 44.06 -6.12 -21.52
C ASP D 115 43.31 -4.90 -20.96
N ALA D 116 42.04 -4.77 -21.33
CA ALA D 116 41.21 -3.64 -20.88
C ALA D 116 40.99 -3.59 -19.37
N TYR D 117 40.98 -4.74 -18.72
CA TYR D 117 40.73 -4.85 -17.27
C TYR D 117 41.99 -5.00 -16.40
N LYS D 118 43.19 -5.03 -17.01
CA LYS D 118 44.47 -5.23 -16.27
C LYS D 118 44.65 -4.39 -15.00
N ASP D 119 44.26 -3.12 -15.07
CA ASP D 119 44.45 -2.16 -13.96
C ASP D 119 43.26 -2.09 -13.02
N VAL D 120 42.05 -1.97 -13.58
CA VAL D 120 40.84 -1.75 -12.77
C VAL D 120 40.50 -2.94 -11.85
N VAL D 121 40.92 -4.15 -12.21
CA VAL D 121 40.81 -5.33 -11.33
C VAL D 121 41.54 -5.17 -9.97
N ASN D 122 42.64 -4.41 -9.97
CA ASN D 122 43.40 -4.18 -8.73
C ASN D 122 42.78 -3.14 -7.77
N THR D 123 41.78 -2.36 -8.21
CA THR D 123 41.07 -1.40 -7.33
C THR D 123 39.53 -1.49 -7.46
N ASP D 124 39.03 -2.71 -7.62
CA ASP D 124 37.58 -2.98 -7.74
C ASP D 124 37.42 -4.49 -7.55
N ASN D 125 37.13 -4.90 -6.31
CA ASN D 125 37.07 -6.33 -5.97
C ASN D 125 35.92 -7.06 -6.68
N HIS D 126 34.83 -6.35 -6.92
CA HIS D 126 33.66 -6.92 -7.59
C HIS D 126 34.01 -7.31 -9.03
N LEU D 127 34.58 -6.38 -9.78
CA LEU D 127 35.08 -6.62 -11.14
C LEU D 127 36.15 -7.71 -11.20
N ARG D 128 37.05 -7.72 -10.20
CA ARG D 128 38.12 -8.72 -10.11
C ARG D 128 37.56 -10.14 -10.07
N GLN D 129 36.55 -10.36 -9.23
CA GLN D 129 35.89 -11.65 -9.11
C GLN D 129 35.20 -12.08 -10.41
N LEU D 130 34.54 -11.14 -11.10
CA LEU D 130 33.89 -11.43 -12.37
C LEU D 130 34.90 -11.83 -13.43
N VAL D 131 36.02 -11.10 -13.50
CA VAL D 131 37.10 -11.38 -14.45
C VAL D 131 37.72 -12.76 -14.17
N ASN D 132 37.91 -13.09 -12.88
CA ASN D 132 38.44 -14.40 -12.48
C ASN D 132 37.55 -15.57 -12.90
N ILE D 133 36.23 -15.36 -12.88
CA ILE D 133 35.28 -16.37 -13.39
C ILE D 133 35.49 -16.60 -14.89
N ILE D 134 35.65 -15.51 -15.65
CA ILE D 134 35.91 -15.60 -17.09
C ILE D 134 37.25 -16.29 -17.36
N LYS D 135 38.26 -15.97 -16.56
CA LYS D 135 39.56 -16.68 -16.62
C LYS D 135 39.41 -18.18 -16.39
N ASP D 136 38.68 -18.56 -15.34
CA ASP D 136 38.43 -19.97 -15.04
C ASP D 136 37.68 -20.67 -16.18
N ALA D 137 36.66 -20.01 -16.73
CA ALA D 137 35.90 -20.57 -17.87
C ALA D 137 36.79 -20.77 -19.11
N HIS D 138 37.62 -19.77 -19.42
CA HIS D 138 38.55 -19.86 -20.56
C HIS D 138 39.63 -20.93 -20.37
N LYS D 139 40.16 -21.08 -19.15
CA LYS D 139 41.21 -22.08 -18.85
C LYS D 139 40.74 -23.51 -19.11
N GLN D 140 39.49 -23.80 -18.73
CA GLN D 140 38.90 -25.14 -18.87
C GLN D 140 38.39 -25.45 -20.29
N GLY D 141 38.42 -24.46 -21.19
CA GLY D 141 37.89 -24.62 -22.53
C GLY D 141 36.41 -24.30 -22.53
N ILE D 142 35.92 -23.74 -23.64
CA ILE D 142 34.51 -23.32 -23.69
C ILE D 142 33.62 -24.56 -23.87
N LYS D 143 32.81 -24.83 -22.84
CA LYS D 143 31.89 -25.97 -22.87
C LYS D 143 30.66 -25.72 -23.75
N GLN D 144 30.20 -24.46 -23.81
CA GLN D 144 29.03 -24.11 -24.61
C GLN D 144 29.35 -22.92 -25.55
N PRO D 145 29.45 -23.17 -26.87
CA PRO D 145 29.74 -22.10 -27.82
C PRO D 145 28.57 -21.15 -28.08
N THR D 146 27.33 -21.64 -28.02
CA THR D 146 26.17 -20.80 -28.32
C THR D 146 25.84 -19.88 -27.15
N THR D 147 25.67 -18.60 -27.45
CA THR D 147 25.32 -17.60 -26.45
C THR D 147 24.37 -16.57 -27.05
N LEU D 148 23.56 -15.95 -26.20
CA LEU D 148 22.63 -14.92 -26.64
C LEU D 148 23.01 -13.58 -26.01
N LEU D 149 23.43 -12.64 -26.87
CA LEU D 149 23.61 -11.25 -26.50
C LEU D 149 22.27 -10.53 -26.55
N ILE D 150 21.99 -9.73 -25.54
CA ILE D 150 20.81 -8.87 -25.49
C ILE D 150 21.32 -7.46 -25.20
N MET D 151 20.96 -6.48 -26.03
CA MET D 151 21.51 -5.12 -25.88
C MET D 151 20.43 -4.06 -25.85
N ARG D 152 20.57 -3.14 -24.89
CA ARG D 152 19.94 -1.82 -24.96
C ARG D 152 21.05 -0.77 -25.11
N ALA D 153 21.01 0.01 -26.18
CA ALA D 153 21.87 1.17 -26.36
C ALA D 153 21.07 2.43 -26.04
N ASP D 154 21.62 3.29 -25.17
CA ASP D 154 20.96 4.52 -24.75
C ASP D 154 21.56 5.73 -25.47
N TYR D 155 20.67 6.63 -25.89
CA TYR D 155 21.02 7.84 -26.61
C TYR D 155 20.36 9.06 -25.99
N MET D 156 21.03 10.20 -26.13
CA MET D 156 20.40 11.47 -25.80
C MET D 156 20.59 12.43 -26.93
N LEU D 157 19.72 13.46 -26.95
CA LEU D 157 19.75 14.52 -27.96
C LEU D 157 20.51 15.72 -27.36
N ASN D 158 21.75 15.91 -27.76
CA ASN D 158 22.61 16.97 -27.25
C ASN D 158 22.36 18.27 -28.01
N THR D 159 22.04 19.35 -27.27
CA THR D 159 21.84 20.69 -27.83
C THR D 159 23.13 21.52 -27.78
N LEU D 160 23.98 21.23 -26.80
CA LEU D 160 25.33 21.80 -26.70
C LEU D 160 26.27 21.11 -27.68
N GLU D 168 20.57 21.93 -34.63
CA GLU D 168 19.97 22.19 -33.33
C GLU D 168 20.20 21.03 -32.35
N TYR D 169 20.20 19.77 -32.83
CA TYR D 169 20.47 18.65 -31.98
C TYR D 169 21.50 17.71 -32.64
N GLU D 170 22.25 16.97 -31.83
CA GLU D 170 22.99 15.80 -32.32
C GLU D 170 22.68 14.57 -31.48
N LEU D 171 22.59 13.42 -32.14
CA LEU D 171 22.38 12.11 -31.49
C LEU D 171 23.71 11.66 -30.87
N LYS D 172 23.69 11.38 -29.57
CA LYS D 172 24.85 10.91 -28.84
C LYS D 172 24.55 9.61 -28.11
N GLN D 173 25.38 8.59 -28.36
CA GLN D 173 25.36 7.37 -27.55
C GLN D 173 25.94 7.68 -26.16
N VAL D 174 25.16 7.35 -25.12
CA VAL D 174 25.56 7.61 -23.73
C VAL D 174 25.75 6.37 -22.86
N GLU D 175 25.16 5.24 -23.25
CA GLU D 175 25.33 3.99 -22.52
C GLU D 175 25.04 2.78 -23.41
N VAL D 176 25.75 1.68 -23.15
CA VAL D 176 25.46 0.38 -23.76
C VAL D 176 25.29 -0.62 -22.61
N ASN D 177 24.21 -1.39 -22.67
CA ASN D 177 23.84 -2.35 -21.64
C ASN D 177 23.72 -3.71 -22.30
N THR D 178 24.61 -4.63 -21.94
CA THR D 178 24.56 -6.01 -22.43
C THR D 178 24.35 -7.02 -21.31
N GLY D 179 23.92 -6.54 -20.14
CA GLY D 179 23.76 -7.38 -18.94
C GLY D 179 22.29 -7.78 -18.78
N ALA D 180 21.64 -7.24 -17.75
CA ALA D 180 20.27 -7.62 -17.39
C ALA D 180 19.29 -6.67 -18.05
N ILE D 181 18.58 -7.13 -19.07
CA ILE D 181 17.64 -6.32 -19.83
C ILE D 181 16.32 -7.07 -19.82
N GLY D 183 12.29 -5.06 -19.56
CA GLY D 183 10.88 -4.61 -19.61
C GLY D 183 10.37 -4.34 -21.02
N LEU D 184 10.70 -5.25 -21.95
CA LEU D 184 10.34 -5.05 -23.37
C LEU D 184 8.82 -5.12 -23.64
N GLY D 185 8.12 -6.00 -22.92
CA GLY D 185 6.66 -6.04 -22.91
C GLY D 185 6.02 -4.73 -22.41
N ILE D 186 6.60 -4.15 -21.36
CA ILE D 186 6.18 -2.86 -20.83
C ILE D 186 6.38 -1.73 -21.86
N ASP D 187 7.49 -1.77 -22.59
CA ASP D 187 7.78 -0.77 -23.62
C ASP D 187 6.74 -0.85 -24.75
N ARG D 188 6.46 -2.07 -25.23
CA ARG D 188 5.44 -2.26 -26.26
C ARG D 188 4.06 -1.75 -25.82
N ARG D 189 3.66 -2.11 -24.60
CA ARG D 189 2.37 -1.66 -24.06
C ARG D 189 2.28 -0.15 -23.88
N THR D 190 3.42 0.48 -23.60
CA THR D 190 3.49 1.94 -23.51
C THR D 190 3.25 2.57 -24.88
N THR D 191 3.87 2.02 -25.93
CA THR D 191 3.60 2.45 -27.30
C THR D 191 2.10 2.29 -27.63
N GLU D 192 1.52 1.14 -27.29
CA GLU D 192 0.10 0.87 -27.55
C GLU D 192 -0.82 1.82 -26.79
N LEU D 193 -0.53 2.07 -25.52
CA LEU D 193 -1.27 3.08 -24.73
C LEU D 193 -1.21 4.44 -25.42
N HIS D 194 -0.02 4.83 -25.85
CA HIS D 194 0.18 6.13 -26.48
C HIS D 194 -0.60 6.32 -27.78
N ARG D 195 -0.75 5.25 -28.55
CA ARG D 195 -1.62 5.29 -29.73
C ARG D 195 -3.09 5.50 -29.37
N GLN D 196 -3.56 4.82 -28.33
CA GLN D 196 -4.92 5.05 -27.81
C GLN D 196 -5.13 6.52 -27.41
N MET D 197 -4.15 7.08 -26.69
CA MET D 197 -4.23 8.45 -26.21
C MET D 197 -4.14 9.47 -27.36
N LEU D 198 -3.27 9.20 -28.33
CA LEU D 198 -3.22 10.01 -29.55
C LEU D 198 -4.58 10.09 -30.26
N ARG D 199 -5.27 8.95 -30.38
CA ARG D 199 -6.63 8.93 -30.97
C ARG D 199 -7.61 9.74 -30.14
N LYS D 200 -7.51 9.65 -28.81
CA LYS D 200 -8.37 10.43 -27.91
C LYS D 200 -8.24 11.95 -28.07
N VAL D 201 -7.07 12.44 -28.47
CA VAL D 201 -6.87 13.88 -28.74
C VAL D 201 -6.82 14.22 -30.23
N GLY D 202 -7.28 13.30 -31.09
CA GLY D 202 -7.35 13.53 -32.53
C GLY D 202 -6.04 13.70 -33.26
N MET D 203 -4.96 13.08 -32.76
CA MET D 203 -3.65 13.14 -33.41
C MET D 203 -3.43 11.89 -34.25
N ASP D 204 -2.61 12.03 -35.28
CA ASP D 204 -2.27 10.94 -36.19
C ASP D 204 -1.34 9.94 -35.51
N THR D 205 -1.70 8.65 -35.52
CA THR D 205 -0.89 7.60 -34.88
C THR D 205 0.26 7.07 -35.76
N SER D 206 0.33 7.45 -37.03
CA SER D 206 1.38 6.95 -37.94
C SER D 206 2.79 7.41 -37.56
N ASN D 207 2.90 8.51 -36.80
CA ASN D 207 4.18 8.98 -36.27
C ASN D 207 4.66 8.28 -34.97
N SER D 208 3.84 7.36 -34.45
CA SER D 208 4.24 6.46 -33.36
C SER D 208 4.79 5.16 -33.97
N PRO D 209 6.12 4.96 -33.90
CA PRO D 209 6.69 3.79 -34.58
C PRO D 209 6.42 2.45 -33.89
N ALA D 210 6.39 1.39 -34.71
CA ALA D 210 6.16 0.01 -34.25
C ALA D 210 7.17 -0.37 -33.18
N ASN D 211 6.72 -1.07 -32.16
CA ASN D 211 7.55 -1.41 -31.00
C ASN D 211 7.29 -2.86 -30.59
N ASN D 212 8.00 -3.80 -31.19
CA ASN D 212 7.77 -5.26 -30.99
C ASN D 212 8.96 -5.99 -30.44
N GLY D 213 9.72 -5.33 -29.57
CA GLY D 213 10.96 -5.90 -29.02
C GLY D 213 10.75 -7.17 -28.23
N ASP D 214 9.62 -7.26 -27.53
CA ASP D 214 9.27 -8.47 -26.77
C ASP D 214 9.11 -9.72 -27.63
N SER D 215 8.52 -9.60 -28.83
CA SER D 215 8.42 -10.74 -29.74
C SER D 215 9.78 -11.26 -30.16
N ASN D 216 10.69 -10.36 -30.56
CA ASN D 216 12.06 -10.75 -30.89
C ASN D 216 12.79 -11.42 -29.71
N MET D 217 12.61 -10.86 -28.52
CA MET D 217 13.22 -11.41 -27.31
C MET D 217 12.79 -12.85 -27.06
N ILE D 218 11.47 -13.06 -27.12
CA ILE D 218 10.88 -14.37 -26.88
C ILE D 218 11.34 -15.39 -27.94
N GLU D 219 11.30 -14.99 -29.21
CA GLU D 219 11.81 -15.84 -30.28
C GLU D 219 13.29 -16.17 -30.11
N SER D 220 14.08 -15.19 -29.69
CA SER D 220 15.51 -15.37 -29.51
C SER D 220 15.83 -16.32 -28.36
N LEU D 221 15.09 -16.17 -27.25
CA LEU D 221 15.24 -17.05 -26.11
C LEU D 221 14.80 -18.48 -26.44
N PHE D 222 13.73 -18.61 -27.22
CA PHE D 222 13.25 -19.92 -27.68
C PHE D 222 14.28 -20.60 -28.60
N MET D 223 14.84 -19.83 -29.53
CA MET D 223 15.90 -20.30 -30.41
C MET D 223 17.12 -20.79 -29.61
N ALA D 224 17.50 -20.02 -28.57
CA ALA D 224 18.57 -20.43 -27.69
C ALA D 224 18.28 -21.76 -27.01
N TRP D 225 17.05 -21.92 -26.52
CA TRP D 225 16.63 -23.17 -25.88
C TRP D 225 16.63 -24.36 -26.86
N GLU D 226 16.12 -24.16 -28.07
CA GLU D 226 16.16 -25.22 -29.11
C GLU D 226 17.60 -25.63 -29.44
N ALA D 227 18.50 -24.65 -29.50
CA ALA D 227 19.92 -24.92 -29.79
C ALA D 227 20.63 -25.79 -28.75
N PHE D 228 20.16 -25.81 -27.51
CA PHE D 228 20.74 -26.69 -26.49
C PHE D 228 20.55 -28.16 -26.83
N GLY D 229 19.42 -28.50 -27.45
CA GLY D 229 19.21 -29.83 -28.03
C GLY D 229 18.63 -30.86 -27.07
N ASN D 230 17.84 -30.40 -26.09
CA ASN D 230 17.21 -31.27 -25.12
C ASN D 230 15.91 -30.66 -24.66
N LYS D 231 14.79 -31.21 -25.17
CA LYS D 231 13.46 -30.71 -24.82
C LYS D 231 13.03 -30.89 -23.37
N ASN D 232 13.74 -31.71 -22.60
CA ASN D 232 13.52 -31.82 -21.13
C ASN D 232 14.42 -30.92 -20.29
N ALA D 233 15.34 -30.19 -20.92
CA ALA D 233 16.24 -29.27 -20.22
C ALA D 233 15.45 -28.02 -19.83
N LEU D 234 15.73 -27.54 -18.62
CA LEU D 234 15.01 -26.40 -18.07
C LEU D 234 15.41 -25.08 -18.72
N PHE D 235 14.45 -24.16 -18.80
CA PHE D 235 14.71 -22.74 -19.03
C PHE D 235 14.64 -22.04 -17.67
N VAL D 236 15.73 -21.39 -17.26
CA VAL D 236 15.82 -20.75 -15.96
C VAL D 236 15.92 -19.21 -16.06
N PHE D 237 14.95 -18.54 -15.43
CA PHE D 237 15.05 -17.11 -15.15
C PHE D 237 15.93 -16.91 -13.91
N LEU D 238 17.15 -16.44 -14.11
CA LEU D 238 17.98 -16.00 -12.98
C LEU D 238 17.48 -14.61 -12.57
N SER D 239 16.84 -14.52 -11.40
CA SER D 239 16.09 -13.32 -11.02
C SER D 239 15.94 -13.14 -9.50
N HIS D 240 15.80 -11.88 -9.08
CA HIS D 240 15.58 -11.54 -7.67
C HIS D 240 14.18 -11.98 -7.21
N GLU D 241 14.07 -12.33 -5.93
CA GLU D 241 12.79 -12.66 -5.32
C GLU D 241 11.90 -11.43 -5.15
N ARG D 242 12.51 -10.28 -4.86
CA ARG D 242 11.76 -8.99 -4.75
C ARG D 242 12.03 -8.20 -6.02
N LEU D 243 11.00 -8.04 -6.85
CA LEU D 243 11.13 -7.39 -8.16
C LEU D 243 9.80 -6.82 -8.67
N GLN D 244 9.84 -5.58 -9.12
CA GLN D 244 8.65 -4.91 -9.68
C GLN D 244 8.15 -5.56 -10.96
N TYR D 245 9.09 -6.12 -11.73
CA TYR D 245 8.87 -6.62 -13.08
C TYR D 245 8.48 -8.11 -13.16
N LYS D 246 7.98 -8.70 -12.08
CA LYS D 246 7.59 -10.11 -12.11
C LYS D 246 6.54 -10.42 -13.15
N PHE D 247 5.57 -9.53 -13.32
CA PHE D 247 4.51 -9.73 -14.32
C PHE D 247 5.07 -9.86 -15.75
N GLU D 248 6.05 -9.02 -16.06
CA GLU D 248 6.77 -9.07 -17.34
C GLU D 248 7.43 -10.44 -17.56
N LEU D 249 8.14 -10.94 -16.55
CA LEU D 249 8.80 -12.25 -16.65
C LEU D 249 7.81 -13.38 -16.87
N ARG D 250 6.68 -13.31 -16.16
CA ARG D 250 5.65 -14.35 -16.32
C ARG D 250 5.08 -14.36 -17.72
N ASN D 251 4.92 -13.17 -18.29
CA ASN D 251 4.51 -13.05 -19.68
C ASN D 251 5.48 -13.74 -20.65
N ILE D 252 6.78 -13.56 -20.41
CA ILE D 252 7.80 -14.25 -21.19
C ILE D 252 7.68 -15.76 -21.04
N GLN D 253 7.53 -16.23 -19.79
CA GLN D 253 7.31 -17.65 -19.52
C GLN D 253 6.14 -18.21 -20.33
N CYS D 254 4.98 -17.55 -20.27
CA CYS D 254 3.76 -18.04 -20.97
C CYS D 254 3.94 -18.11 -22.48
N GLN D 255 4.58 -17.11 -23.06
CA GLN D 255 4.86 -17.10 -24.50
C GLN D 255 5.86 -18.19 -24.91
N LEU D 256 6.91 -18.38 -24.11
CA LEU D 256 7.86 -19.48 -24.33
C LEU D 256 7.20 -20.86 -24.22
N GLU D 257 6.33 -21.02 -23.24
CA GLU D 257 5.54 -22.26 -23.10
C GLU D 257 4.62 -22.50 -24.30
N GLU D 258 4.00 -21.44 -24.82
CA GLU D 258 3.18 -21.53 -26.05
C GLU D 258 4.01 -21.93 -27.26
N LEU D 259 5.13 -21.24 -27.48
CA LEU D 259 6.04 -21.55 -28.60
C LEU D 259 6.55 -22.99 -28.60
N SER D 260 6.81 -23.52 -27.41
CA SER D 260 7.30 -24.90 -27.26
C SER D 260 6.18 -25.96 -27.23
N ASN D 261 4.92 -25.54 -27.38
CA ASN D 261 3.74 -26.42 -27.29
C ASN D 261 3.69 -27.15 -25.95
N GLY D 262 3.96 -26.42 -24.87
CA GLY D 262 3.96 -26.97 -23.52
C GLY D 262 5.16 -27.81 -23.09
N GLN D 263 6.16 -27.96 -23.96
CA GLN D 263 7.31 -28.83 -23.67
C GLN D 263 8.37 -28.17 -22.76
N MET D 264 8.50 -26.84 -22.82
CA MET D 264 9.54 -26.15 -22.08
C MET D 264 9.17 -26.02 -20.60
N LYS D 265 10.00 -26.60 -19.73
CA LYS D 265 9.83 -26.48 -18.28
C LYS D 265 10.60 -25.25 -17.79
N VAL D 266 9.88 -24.30 -17.19
CA VAL D 266 10.41 -23.01 -16.75
C VAL D 266 10.59 -22.98 -15.23
N GLU D 267 11.74 -22.51 -14.76
CA GLU D 267 11.99 -22.27 -13.33
C GLU D 267 12.60 -20.90 -13.07
N TYR D 268 12.46 -20.44 -11.84
CA TYR D 268 13.02 -19.19 -11.36
C TYR D 268 13.95 -19.49 -10.20
N VAL D 269 15.11 -18.84 -10.19
CA VAL D 269 16.05 -18.96 -9.07
C VAL D 269 16.87 -17.68 -8.96
N SER D 270 17.20 -17.29 -7.73
CA SER D 270 18.14 -16.19 -7.50
C SER D 270 19.54 -16.77 -7.37
N LEU D 271 20.55 -15.91 -7.40
CA LEU D 271 21.92 -16.34 -7.11
C LEU D 271 22.10 -16.80 -5.64
N LYS D 272 21.36 -16.18 -4.71
CA LYS D 272 21.42 -16.60 -3.29
C LYS D 272 20.89 -18.02 -3.11
N ALA D 273 19.67 -18.27 -3.57
CA ALA D 273 19.09 -19.62 -3.58
C ALA D 273 19.90 -20.57 -4.45
N GLY D 274 20.45 -20.05 -5.55
CA GLY D 274 21.31 -20.82 -6.46
C GLY D 274 22.54 -21.41 -5.82
N TYR D 275 23.10 -20.74 -4.82
CA TYR D 275 24.26 -21.28 -4.08
C TYR D 275 24.00 -22.68 -3.52
N GLU D 276 22.80 -22.91 -2.98
CA GLU D 276 22.40 -24.24 -2.48
C GLU D 276 21.88 -25.17 -3.58
N GLN D 277 21.13 -24.62 -4.52
CA GLN D 277 20.37 -25.42 -5.48
C GLN D 277 21.03 -25.70 -6.84
N LEU D 278 22.10 -24.96 -7.18
CA LEU D 278 22.79 -25.15 -8.46
C LEU D 278 24.10 -25.89 -8.27
N LYS D 279 24.35 -26.87 -9.13
CA LYS D 279 25.59 -27.66 -9.08
C LYS D 279 26.06 -27.99 -10.50
N LEU D 280 27.36 -28.19 -10.61
CA LEU D 280 28.01 -28.59 -11.85
C LEU D 280 28.03 -30.11 -11.88
N GLY D 281 27.39 -30.71 -12.90
CA GLY D 281 27.43 -32.16 -13.08
C GLY D 281 28.79 -32.63 -13.57
N GLU D 282 29.04 -33.93 -13.47
CA GLU D 282 30.34 -34.50 -13.92
C GLU D 282 30.58 -34.36 -15.44
N ASP D 283 29.50 -34.23 -16.21
CA ASP D 283 29.55 -33.89 -17.64
C ASP D 283 29.47 -32.37 -17.93
N TYR D 284 29.69 -31.53 -16.91
CA TYR D 284 29.54 -30.07 -16.99
C TYR D 284 28.11 -29.53 -17.25
N SER D 285 27.10 -30.37 -17.06
CA SER D 285 25.71 -29.90 -17.06
C SER D 285 25.48 -28.99 -15.86
N LEU D 286 24.65 -27.96 -16.06
CA LEU D 286 24.15 -27.16 -14.96
C LEU D 286 22.92 -27.89 -14.41
N LEU D 287 22.97 -28.24 -13.13
CA LEU D 287 21.88 -28.95 -12.47
C LEU D 287 21.20 -28.02 -11.46
N LEU D 288 19.89 -27.83 -11.61
CA LEU D 288 19.08 -27.10 -10.64
C LEU D 288 18.25 -28.14 -9.89
N ASN D 289 18.63 -28.40 -8.63
CA ASN D 289 18.04 -29.48 -7.82
C ASN D 289 18.08 -30.82 -8.58
N GLY D 290 19.22 -31.12 -9.20
CA GLY D 290 19.41 -32.36 -9.94
C GLY D 290 18.90 -32.43 -11.39
N GLU D 291 18.21 -31.39 -11.87
CA GLU D 291 17.67 -31.39 -13.26
C GLU D 291 18.48 -30.49 -14.19
N ILE D 292 18.73 -30.98 -15.41
CA ILE D 292 19.58 -30.29 -16.39
C ILE D 292 18.96 -28.94 -16.78
N VAL D 293 19.80 -27.90 -16.82
CA VAL D 293 19.38 -26.57 -17.25
C VAL D 293 19.95 -26.28 -18.63
N GLY D 294 19.08 -25.97 -19.59
CA GLY D 294 19.48 -25.69 -20.98
C GLY D 294 19.81 -24.22 -21.24
N VAL D 295 19.04 -23.31 -20.63
CA VAL D 295 19.24 -21.88 -20.76
C VAL D 295 19.10 -21.17 -19.43
N VAL D 296 20.03 -20.25 -19.16
CA VAL D 296 19.95 -19.31 -18.03
C VAL D 296 19.79 -17.91 -18.60
N TYR D 297 18.59 -17.34 -18.45
CA TYR D 297 18.31 -15.96 -18.83
C TYR D 297 18.41 -15.08 -17.59
N SER D 298 19.38 -14.16 -17.59
CA SER D 298 19.66 -13.33 -16.41
C SER D 298 18.96 -11.97 -16.45
N THR D 299 18.23 -11.65 -15.38
CA THR D 299 17.83 -10.28 -15.06
C THR D 299 18.51 -9.74 -13.78
N ILE D 300 19.61 -10.39 -13.38
CA ILE D 300 20.45 -9.91 -12.26
C ILE D 300 21.73 -9.36 -12.89
N SER D 301 21.86 -8.04 -12.89
CA SER D 301 22.96 -7.33 -13.54
C SER D 301 24.33 -7.76 -13.02
N ALA D 302 25.22 -8.14 -13.94
CA ALA D 302 26.58 -8.54 -13.58
C ALA D 302 27.36 -7.40 -12.95
N LEU D 303 27.35 -6.25 -13.62
CA LEU D 303 28.02 -5.03 -13.13
C LEU D 303 27.24 -4.28 -12.03
N GLY D 304 25.90 -4.28 -12.12
CA GLY D 304 25.05 -3.50 -11.22
C GLY D 304 24.78 -4.07 -9.83
N HIS D 305 24.64 -5.40 -9.73
CA HIS D 305 24.30 -6.07 -8.47
C HIS D 305 25.56 -6.42 -7.69
N GLN D 306 25.72 -5.78 -6.52
CA GLN D 306 26.86 -6.08 -5.62
C GLN D 306 26.63 -7.43 -4.92
N ALA D 307 27.17 -8.49 -5.52
CA ALA D 307 26.94 -9.86 -5.06
C ALA D 307 27.86 -10.24 -3.90
N ASN D 308 27.33 -10.96 -2.92
CA ASN D 308 28.16 -11.55 -1.85
C ASN D 308 28.90 -12.80 -2.35
N ALA D 309 29.74 -13.38 -1.50
CA ALA D 309 30.57 -14.53 -1.88
C ALA D 309 29.79 -15.74 -2.40
N ARG D 310 28.66 -16.04 -1.76
CA ARG D 310 27.80 -17.16 -2.15
C ARG D 310 27.16 -16.94 -3.54
N GLU D 311 26.64 -15.74 -3.75
CA GLU D 311 26.11 -15.32 -5.05
C GLU D 311 27.15 -15.43 -6.16
N MET D 312 28.38 -15.01 -5.86
CA MET D 312 29.50 -15.11 -6.80
C MET D 312 29.84 -16.55 -7.18
N GLU D 313 29.81 -17.46 -6.20
CA GLU D 313 30.03 -18.89 -6.46
C GLU D 313 28.94 -19.51 -7.35
N ALA D 314 27.68 -19.11 -7.11
CA ALA D 314 26.57 -19.55 -7.97
C ALA D 314 26.77 -19.08 -9.42
N ARG D 315 27.24 -17.83 -9.58
CA ARG D 315 27.55 -17.30 -10.90
C ARG D 315 28.66 -18.08 -11.59
N ARG D 316 29.70 -18.43 -10.84
CA ARG D 316 30.82 -19.24 -11.34
C ARG D 316 30.33 -20.62 -11.82
N THR D 317 29.48 -21.26 -11.02
CA THR D 317 28.90 -22.56 -11.40
C THR D 317 28.15 -22.48 -12.74
N ILE D 318 27.36 -21.43 -12.92
CA ILE D 318 26.65 -21.20 -14.17
C ILE D 318 27.62 -21.02 -15.35
N GLU D 319 28.64 -20.18 -15.17
CA GLU D 319 29.60 -19.87 -16.23
C GLU D 319 30.47 -21.06 -16.66
N LEU D 320 30.80 -21.95 -15.74
CA LEU D 320 31.59 -23.15 -16.08
C LEU D 320 30.76 -24.28 -16.69
N SER D 321 29.43 -24.18 -16.63
CA SER D 321 28.53 -25.21 -17.17
C SER D 321 28.36 -25.12 -18.68
N ASN D 322 27.68 -26.12 -19.25
CA ASN D 322 27.37 -26.14 -20.69
C ASN D 322 25.99 -25.55 -21.04
N ALA D 323 25.36 -24.89 -20.06
CA ALA D 323 24.10 -24.21 -20.30
C ALA D 323 24.34 -23.03 -21.23
N ILE D 324 23.38 -22.75 -22.11
CA ILE D 324 23.44 -21.55 -22.93
C ILE D 324 23.08 -20.37 -22.03
N LYS D 325 23.95 -19.37 -22.03
CA LYS D 325 23.80 -18.19 -21.17
C LYS D 325 23.26 -17.02 -21.98
N ALA D 326 22.21 -16.40 -21.44
CA ALA D 326 21.56 -15.25 -22.05
C ALA D 326 21.53 -14.09 -21.04
N PRO D 327 22.62 -13.32 -20.92
CA PRO D 327 23.87 -13.47 -21.64
C PRO D 327 24.94 -14.16 -20.82
N SER D 328 26.05 -14.51 -21.46
CA SER D 328 27.24 -14.95 -20.75
C SER D 328 27.87 -13.76 -20.03
N LEU D 329 28.75 -14.06 -19.08
CA LEU D 329 29.37 -13.04 -18.25
C LEU D 329 30.32 -12.17 -19.08
N ALA D 330 31.04 -12.78 -20.02
CA ALA D 330 31.92 -12.04 -20.94
C ALA D 330 31.13 -11.01 -21.76
N ILE D 331 29.96 -11.42 -22.28
CA ILE D 331 29.08 -10.52 -23.01
C ILE D 331 28.64 -9.37 -22.09
N ALA D 332 28.25 -9.72 -20.86
CA ALA D 332 27.78 -8.74 -19.89
C ALA D 332 28.83 -7.68 -19.55
N ILE D 333 30.07 -8.08 -19.32
CA ILE D 333 31.14 -7.11 -18.98
C ILE D 333 31.86 -6.54 -20.20
N SER D 334 31.48 -6.95 -21.42
CA SER D 334 32.02 -6.34 -22.63
C SER D 334 31.58 -4.88 -22.80
N SER D 335 30.51 -4.46 -22.12
CA SER D 335 30.00 -3.09 -22.23
C SER D 335 30.12 -2.26 -20.94
N SER D 336 31.16 -2.49 -20.14
CA SER D 336 31.47 -1.58 -19.04
C SER D 336 31.87 -0.22 -19.61
N LYS D 337 31.82 0.80 -18.76
CA LYS D 337 32.22 2.16 -19.14
C LYS D 337 33.64 2.21 -19.68
N LYS D 338 34.52 1.42 -19.09
CA LYS D 338 35.93 1.34 -19.51
C LYS D 338 36.07 0.91 -20.96
N ILE D 339 35.36 -0.16 -21.34
CA ILE D 339 35.41 -0.66 -22.73
C ILE D 339 34.72 0.30 -23.69
N GLN D 340 33.59 0.88 -23.30
CA GLN D 340 32.93 1.95 -24.08
C GLN D 340 33.93 3.07 -24.43
N GLN D 341 34.71 3.49 -23.44
CA GLN D 341 35.74 4.52 -23.63
C GLN D 341 36.87 4.04 -24.55
N LEU D 342 37.37 2.83 -24.33
CA LEU D 342 38.42 2.24 -25.18
C LEU D 342 38.02 2.11 -26.65
N LEU D 343 36.76 1.78 -26.91
CA LEU D 343 36.25 1.67 -28.28
C LEU D 343 36.18 3.02 -29.05
N THR D 344 36.26 4.14 -28.35
CA THR D 344 36.32 5.47 -28.99
C THR D 344 37.73 5.92 -29.39
N THR D 345 38.77 5.22 -28.94
CA THR D 345 40.14 5.64 -29.21
C THR D 345 40.50 5.35 -30.68
N PRO D 346 41.43 6.15 -31.28
CA PRO D 346 41.75 6.02 -32.71
C PRO D 346 42.15 4.62 -33.17
N GLY D 347 41.51 4.13 -34.22
CA GLY D 347 41.83 2.82 -34.80
C GLY D 347 41.19 1.60 -34.15
N THR D 348 40.52 1.78 -33.01
CA THR D 348 40.04 0.65 -32.21
C THR D 348 38.78 0.01 -32.78
N LEU D 349 37.83 0.81 -33.28
CA LEU D 349 36.69 0.26 -34.04
C LEU D 349 37.14 -0.59 -35.22
N GLU D 350 38.18 -0.12 -35.92
CA GLU D 350 38.70 -0.79 -37.11
C GLU D 350 39.32 -2.17 -36.83
N ARG D 351 39.83 -2.37 -35.61
CA ARG D 351 40.29 -3.71 -35.16
C ARG D 351 39.15 -4.75 -35.21
N PHE D 352 37.94 -4.33 -34.84
CA PHE D 352 36.77 -5.23 -34.82
C PHE D 352 35.97 -5.23 -36.12
N PHE D 353 36.17 -4.22 -36.96
CA PHE D 353 35.65 -4.17 -38.33
C PHE D 353 36.82 -4.02 -39.33
N PRO D 354 37.67 -5.06 -39.45
CA PRO D 354 38.90 -4.95 -40.28
C PRO D 354 38.66 -4.82 -41.79
N SER D 355 37.56 -5.41 -42.30
CA SER D 355 37.25 -5.40 -43.72
C SER D 355 36.75 -4.03 -44.21
N ALA D 356 37.11 -3.68 -45.45
CA ALA D 356 36.65 -2.43 -46.09
C ALA D 356 35.15 -2.42 -46.38
N THR D 357 34.56 -3.61 -46.55
CA THR D 357 33.13 -3.77 -46.75
C THR D 357 32.31 -3.30 -45.52
N GLU D 358 32.94 -3.27 -44.34
CA GLU D 358 32.30 -2.80 -43.10
C GLU D 358 32.67 -1.34 -42.73
N ALA D 359 33.24 -0.57 -43.66
CA ALA D 359 33.61 0.83 -43.39
C ALA D 359 32.40 1.73 -43.06
N ASP D 360 31.26 1.45 -43.69
CA ASP D 360 29.99 2.13 -43.38
C ASP D 360 29.54 1.94 -41.92
N LYS D 361 29.74 0.74 -41.37
CA LYS D 361 29.40 0.42 -39.98
C LYS D 361 30.27 1.21 -39.00
N VAL D 362 31.57 1.29 -39.31
CA VAL D 362 32.53 2.06 -38.51
C VAL D 362 32.12 3.53 -38.44
N ALA D 363 31.87 4.13 -39.60
CA ALA D 363 31.49 5.55 -39.70
C ALA D 363 30.16 5.86 -38.98
N ALA D 364 29.17 4.98 -39.13
CA ALA D 364 27.87 5.16 -38.51
C ALA D 364 27.93 5.09 -36.97
N ILE D 365 28.72 4.16 -36.44
CA ILE D 365 28.93 4.05 -34.99
C ILE D 365 29.69 5.28 -34.47
N ARG D 366 30.82 5.60 -35.11
CA ARG D 366 31.68 6.70 -34.67
C ARG D 366 30.99 8.05 -34.63
N GLU D 367 30.11 8.34 -35.58
CA GLU D 367 29.41 9.62 -35.60
C GLU D 367 28.40 9.77 -34.43
N THR D 368 28.04 8.68 -33.75
CA THR D 368 27.21 8.76 -32.53
C THR D 368 28.01 8.90 -31.23
N PHE D 369 29.35 8.79 -31.28
CA PHE D 369 30.17 8.80 -30.06
C PHE D 369 30.12 10.10 -29.24
N THR D 370 29.90 9.96 -27.94
CA THR D 370 30.17 11.02 -26.97
C THR D 370 31.68 11.01 -26.68
N GLY D 371 32.27 12.18 -26.49
CA GLY D 371 33.66 12.31 -26.04
C GLY D 371 33.85 11.65 -24.68
N LEU D 372 34.80 10.72 -24.58
CA LEU D 372 35.00 9.91 -23.37
C LEU D 372 36.49 9.59 -23.27
N TRP D 373 37.12 9.85 -22.12
CA TRP D 373 38.56 9.69 -21.97
C TRP D 373 38.95 9.14 -20.59
N GLY D 374 39.62 7.99 -20.63
CA GLY D 374 40.26 7.42 -19.46
C GLY D 374 41.53 8.19 -19.14
N LEU D 375 41.73 8.48 -17.86
CA LEU D 375 42.84 9.31 -17.39
C LEU D 375 44.12 8.54 -17.01
N GLU D 376 44.18 7.26 -17.36
CA GLU D 376 45.21 6.34 -16.77
C GLU D 376 46.58 6.54 -17.40
N LYS D 377 46.63 6.84 -18.71
CA LYS D 377 47.90 7.07 -19.41
C LYS D 377 48.39 8.51 -19.25
N SER D 378 49.67 8.71 -19.52
CA SER D 378 50.27 10.05 -19.55
C SER D 378 50.83 10.39 -20.94
N ASP D 379 50.21 9.84 -21.99
CA ASP D 379 50.56 10.22 -23.36
C ASP D 379 50.03 11.63 -23.69
N ASP D 380 50.53 12.22 -24.78
CA ASP D 380 50.23 13.60 -25.16
C ASP D 380 48.73 13.88 -25.34
N GLN D 381 48.00 12.96 -25.97
CA GLN D 381 46.60 13.17 -26.25
C GLN D 381 45.78 13.24 -24.97
N THR D 382 46.09 12.36 -24.01
CA THR D 382 45.44 12.43 -22.68
C THR D 382 45.78 13.68 -21.89
N GLU D 383 47.04 14.10 -21.94
CA GLU D 383 47.50 15.26 -21.16
C GLU D 383 46.88 16.55 -21.66
N ARG D 384 46.89 16.77 -22.98
CA ARG D 384 46.28 17.97 -23.56
C ARG D 384 44.76 17.98 -23.35
N ARG D 385 44.18 16.79 -23.27
CA ARG D 385 42.75 16.66 -22.93
C ARG D 385 42.45 17.12 -21.49
N ILE D 386 43.31 16.70 -20.56
CA ILE D 386 43.17 17.11 -19.16
C ILE D 386 43.30 18.62 -19.04
N LYS D 387 44.28 19.19 -19.74
CA LYS D 387 44.50 20.63 -19.74
C LYS D 387 43.32 21.42 -20.30
N ASP D 388 42.73 20.96 -21.41
CA ASP D 388 41.55 21.61 -21.99
C ASP D 388 40.38 21.61 -20.99
N ALA D 389 40.19 20.49 -20.28
CA ALA D 389 39.15 20.38 -19.26
C ALA D 389 39.40 21.32 -18.05
N ILE D 390 40.67 21.53 -17.71
CA ILE D 390 41.02 22.48 -16.64
C ILE D 390 40.71 23.92 -17.05
N GLU D 391 41.04 24.27 -18.29
CA GLU D 391 40.80 25.63 -18.83
C GLU D 391 39.35 25.88 -19.28
N ASN D 392 38.62 24.83 -19.66
CA ASN D 392 37.23 24.98 -20.16
C ASN D 392 36.29 23.98 -19.47
N PRO D 393 36.23 24.01 -18.13
CA PRO D 393 35.54 22.97 -17.36
C PRO D 393 34.01 22.88 -17.57
N ALA D 394 33.40 23.98 -18.04
CA ALA D 394 31.97 23.99 -18.40
C ALA D 394 31.60 23.00 -19.51
N ASN D 395 32.57 22.61 -20.33
CA ASN D 395 32.34 21.66 -21.43
C ASN D 395 32.45 20.18 -21.06
N TYR D 396 32.83 19.87 -19.82
CA TYR D 396 33.10 18.49 -19.40
C TYR D 396 32.34 18.08 -18.14
N VAL D 397 32.32 16.77 -17.90
CA VAL D 397 31.90 16.18 -16.62
C VAL D 397 32.94 15.15 -16.22
N LEU D 398 33.27 15.11 -14.92
CA LEU D 398 34.21 14.12 -14.37
C LEU D 398 33.47 13.24 -13.37
N LYS D 399 33.57 11.91 -13.54
CA LYS D 399 32.86 10.93 -12.70
C LYS D 399 33.82 10.00 -11.96
N ASN D 408 30.03 13.04 -9.31
CA ASN D 408 29.97 13.97 -10.42
C ASN D 408 30.55 15.33 -10.06
N PHE D 409 31.59 15.74 -10.78
CA PHE D 409 32.21 17.06 -10.60
C PHE D 409 31.92 17.95 -11.80
N TYR D 410 31.65 19.23 -11.53
CA TYR D 410 31.30 20.21 -12.55
C TYR D 410 32.09 21.50 -12.35
N ASP D 411 32.22 22.26 -13.44
CA ASP D 411 32.81 23.60 -13.45
C ASP D 411 34.11 23.71 -12.61
N GLU D 412 34.16 24.61 -11.63
CA GLU D 412 35.40 24.87 -10.91
C GLU D 412 35.87 23.66 -10.08
N ALA D 413 34.92 22.88 -9.55
CA ALA D 413 35.25 21.67 -8.80
C ALA D 413 35.90 20.58 -9.66
N LEU D 414 35.45 20.46 -10.91
CA LEU D 414 36.05 19.53 -11.88
C LEU D 414 37.50 19.92 -12.18
N ALA D 415 37.71 21.21 -12.45
CA ALA D 415 39.03 21.74 -12.75
C ALA D 415 39.99 21.55 -11.56
N GLU D 416 39.50 21.84 -10.36
CA GLU D 416 40.28 21.64 -9.14
C GLU D 416 40.62 20.16 -8.89
N LYS D 417 39.66 19.28 -9.16
CA LYS D 417 39.87 17.83 -8.96
C LYS D 417 40.93 17.30 -9.94
N LEU D 418 40.88 17.75 -11.19
CA LEU D 418 41.89 17.36 -12.20
C LEU D 418 43.29 17.86 -11.85
N ARG D 419 43.41 19.06 -11.28
CA ARG D 419 44.69 19.62 -10.86
C ARG D 419 45.41 18.80 -9.76
N THR D 420 44.63 18.25 -8.83
CA THR D 420 45.16 17.61 -7.61
C THR D 420 44.54 16.20 -7.55
N MET D 421 45.24 15.24 -8.16
CA MET D 421 44.76 13.85 -8.22
C MET D 421 45.93 12.90 -8.51
N PRO D 422 46.19 11.91 -7.64
CA PRO D 422 47.22 10.90 -7.96
C PRO D 422 46.81 9.93 -9.07
N HIS D 429 38.78 7.35 -12.22
CA HIS D 429 37.97 8.44 -12.75
C HIS D 429 37.89 8.41 -14.29
N ILE D 430 36.78 8.94 -14.82
CA ILE D 430 36.54 9.02 -16.25
C ILE D 430 36.07 10.44 -16.61
N LEU D 431 36.71 11.03 -17.62
CA LEU D 431 36.35 12.37 -18.11
C LEU D 431 35.43 12.21 -19.31
N MET D 432 34.36 13.01 -19.37
CA MET D 432 33.46 12.98 -20.52
C MET D 432 33.02 14.37 -20.97
N GLN D 433 32.65 14.44 -22.24
CA GLN D 433 31.96 15.58 -22.82
C GLN D 433 30.61 15.82 -22.09
N LYS D 434 30.34 17.05 -21.70
CA LYS D 434 29.05 17.40 -21.09
C LYS D 434 27.97 17.47 -22.15
N LEU D 435 26.87 16.76 -21.91
CA LEU D 435 25.72 16.74 -22.81
C LEU D 435 24.54 17.50 -22.17
N ILE D 436 23.87 18.34 -22.97
CA ILE D 436 22.67 19.07 -22.55
C ILE D 436 21.44 18.53 -23.32
N PRO D 437 20.53 17.81 -22.64
CA PRO D 437 19.40 17.21 -23.35
C PRO D 437 18.34 18.23 -23.82
N MET D 438 17.72 17.94 -24.95
CA MET D 438 16.60 18.68 -25.47
C MET D 438 15.44 18.58 -24.48
N ALA D 439 14.82 19.71 -24.20
CA ALA D 439 13.67 19.79 -23.32
C ALA D 439 12.37 19.85 -24.09
N THR D 440 11.34 19.22 -23.54
CA THR D 440 9.96 19.31 -24.06
C THR D 440 9.02 19.36 -22.85
N LYS D 441 7.72 19.23 -23.08
CA LYS D 441 6.74 19.22 -21.98
C LYS D 441 5.84 17.97 -22.06
N ASN D 442 5.50 17.42 -20.91
CA ASN D 442 4.56 16.29 -20.84
C ASN D 442 3.96 16.15 -19.44
N TYR D 443 2.94 15.30 -19.35
CA TYR D 443 2.26 14.93 -18.11
C TYR D 443 2.70 13.53 -17.70
N PHE D 444 3.01 13.35 -16.42
CA PHE D 444 3.34 12.02 -15.88
C PHE D 444 2.13 11.41 -15.18
N LEU D 445 1.90 10.13 -15.46
CA LEU D 445 0.97 9.31 -14.70
C LEU D 445 1.78 8.39 -13.78
N ARG D 446 1.64 8.63 -12.47
CA ARG D 446 2.21 7.78 -11.43
C ARG D 446 1.10 7.47 -10.43
N PRO D 447 1.05 6.22 -9.90
CA PRO D 447 -0.01 5.86 -8.95
C PRO D 447 -0.18 6.87 -7.81
N PHE D 448 -1.40 7.35 -7.62
CA PHE D 448 -1.76 8.31 -6.54
C PHE D 448 -1.10 9.71 -6.62
N HIS D 449 -0.56 10.08 -7.79
CA HIS D 449 -0.01 11.44 -8.00
C HIS D 449 -0.90 12.13 -9.01
N GLU D 450 -1.33 13.35 -8.68
CA GLU D 450 -2.10 14.15 -9.63
C GLU D 450 -1.18 14.50 -10.81
N PRO D 451 -1.66 14.31 -12.05
CA PRO D 451 -0.83 14.65 -13.21
C PRO D 451 -0.68 16.17 -13.37
N LYS D 452 0.53 16.61 -13.67
CA LYS D 452 0.87 18.03 -13.85
C LYS D 452 1.75 18.18 -15.08
N LEU D 453 1.68 19.35 -15.72
CA LEU D 453 2.55 19.69 -16.84
C LEU D 453 3.93 20.06 -16.32
N ASN D 454 4.96 19.39 -16.81
CA ASN D 454 6.35 19.68 -16.42
C ASN D 454 7.24 19.77 -17.63
N VAL D 455 8.34 20.50 -17.47
CA VAL D 455 9.41 20.49 -18.45
C VAL D 455 10.18 19.20 -18.22
N VAL D 456 10.40 18.45 -19.29
CA VAL D 456 10.99 17.12 -19.19
C VAL D 456 12.11 16.90 -20.21
N VAL D 457 13.00 15.96 -19.89
CA VAL D 457 14.08 15.52 -20.76
C VAL D 457 14.10 14.00 -20.76
N GLY D 458 14.68 13.41 -21.80
CA GLY D 458 14.66 11.96 -21.95
C GLY D 458 15.94 11.33 -22.47
N GLU D 459 15.93 10.01 -22.48
CA GLU D 459 16.90 9.22 -23.23
C GLU D 459 16.13 8.23 -24.09
N LEU D 460 16.65 7.97 -25.28
CA LEU D 460 16.11 6.94 -26.17
C LEU D 460 16.88 5.63 -25.91
N GLY D 461 16.13 4.56 -25.69
CA GLY D 461 16.70 3.20 -25.62
C GLY D 461 16.36 2.44 -26.89
N VAL D 462 17.34 1.75 -27.47
CA VAL D 462 17.14 0.90 -28.66
C VAL D 462 17.57 -0.52 -28.29
N ASN D 463 16.70 -1.50 -28.54
CA ASN D 463 16.90 -2.90 -28.12
C ASN D 463 17.14 -3.84 -29.29
N GLY D 464 17.74 -4.97 -28.97
CA GLY D 464 17.90 -6.04 -29.94
C GLY D 464 18.53 -7.26 -29.32
N THR D 465 18.68 -8.31 -30.12
CA THR D 465 19.37 -9.53 -29.71
C THR D 465 20.30 -10.03 -30.80
N LEU D 466 21.29 -10.82 -30.36
CA LEU D 466 22.21 -11.47 -31.27
C LEU D 466 22.54 -12.86 -30.72
N LEU D 467 22.31 -13.88 -31.55
CA LEU D 467 22.63 -15.26 -31.19
C LEU D 467 23.85 -15.67 -32.01
N GLY D 468 24.93 -16.01 -31.32
CA GLY D 468 26.21 -16.28 -31.96
C GLY D 468 26.97 -17.43 -31.32
N ASN D 469 28.09 -17.76 -31.97
CA ASN D 469 28.95 -18.85 -31.56
C ASN D 469 30.29 -18.25 -31.11
N LEU D 470 30.63 -18.45 -29.83
CA LEU D 470 31.85 -17.91 -29.23
C LEU D 470 33.16 -18.52 -29.77
N ARG D 471 33.11 -19.74 -30.30
CA ARG D 471 34.31 -20.43 -30.81
C ARG D 471 34.78 -19.86 -32.16
N ASP D 472 33.88 -19.79 -33.14
CA ASP D 472 34.23 -19.31 -34.50
C ASP D 472 33.70 -17.90 -34.84
N GLN D 473 33.04 -17.24 -33.88
CA GLN D 473 32.52 -15.88 -34.06
C GLN D 473 31.45 -15.73 -35.14
N SER D 474 30.78 -16.84 -35.50
CA SER D 474 29.69 -16.80 -36.45
C SER D 474 28.41 -16.31 -35.78
N VAL D 475 27.51 -15.74 -36.58
CA VAL D 475 26.31 -15.09 -36.10
C VAL D 475 25.10 -15.65 -36.86
N ARG D 476 24.21 -16.30 -36.12
CA ARG D 476 22.99 -16.90 -36.64
C ARG D 476 21.81 -15.90 -36.71
N HIS D 477 21.81 -14.92 -35.80
CA HIS D 477 20.68 -14.01 -35.63
C HIS D 477 21.20 -12.69 -35.10
N ASN D 478 20.89 -11.58 -35.77
CA ASN D 478 21.28 -10.23 -35.33
C ASN D 478 20.18 -9.25 -35.74
N VAL D 479 19.32 -8.90 -34.79
CA VAL D 479 18.12 -8.11 -35.07
C VAL D 479 17.97 -6.96 -34.07
N GLN D 480 17.71 -5.76 -34.60
CA GLN D 480 17.20 -4.67 -33.80
C GLN D 480 15.71 -4.87 -33.72
N SER D 481 15.16 -4.80 -32.51
CA SER D 481 13.72 -4.80 -32.32
C SER D 481 13.40 -4.23 -30.94
N GLY D 482 12.52 -3.25 -30.91
CA GLY D 482 12.11 -2.61 -29.67
C GLY D 482 12.88 -1.35 -29.36
N HIS D 483 12.19 -0.41 -28.73
CA HIS D 483 12.78 0.81 -28.24
C HIS D 483 11.95 1.34 -27.07
N LEU D 484 12.41 2.44 -26.48
CA LEU D 484 11.67 3.14 -25.45
C LEU D 484 12.20 4.55 -25.30
N LEU D 485 11.40 5.40 -24.68
CA LEU D 485 11.90 6.63 -24.10
C LEU D 485 11.79 6.46 -22.59
N ARG D 486 12.80 6.94 -21.89
CA ARG D 486 12.78 7.09 -20.42
C ARG D 486 12.86 8.60 -20.20
N THR D 487 11.84 9.16 -19.54
CA THR D 487 11.65 10.62 -19.45
C THR D 487 11.61 11.07 -17.98
N LYS D 488 12.26 12.18 -17.69
CA LYS D 488 12.44 12.71 -16.33
C LYS D 488 12.15 14.22 -16.29
N LEU D 489 11.86 14.73 -15.10
CA LEU D 489 11.86 16.18 -14.84
C LEU D 489 13.25 16.74 -15.12
N ARG D 490 13.32 17.91 -15.75
CA ARG D 490 14.62 18.57 -16.01
C ARG D 490 15.30 19.02 -14.72
N THR D 501 14.28 8.40 -11.20
CA THR D 501 14.04 7.25 -12.08
C THR D 501 13.28 7.63 -13.35
N GLY D 502 12.34 8.56 -13.24
CA GLY D 502 11.55 9.00 -14.37
C GLY D 502 10.47 8.01 -14.74
N VAL D 503 9.83 8.21 -15.89
CA VAL D 503 8.70 7.38 -16.33
C VAL D 503 8.98 6.76 -17.69
N GLY D 504 8.23 5.71 -18.02
CA GLY D 504 8.23 5.12 -19.34
C GLY D 504 7.52 6.02 -20.33
N ASP D 505 7.95 5.97 -21.58
CA ASP D 505 7.49 6.92 -22.60
C ASP D 505 7.79 6.28 -23.97
N SER D 506 7.25 6.86 -25.03
CA SER D 506 7.54 6.40 -26.39
C SER D 506 7.57 7.62 -27.33
N PRO D 507 8.29 7.51 -28.46
CA PRO D 507 8.50 8.71 -29.28
C PRO D 507 7.33 9.04 -30.21
N TYR D 508 7.08 10.34 -30.37
CA TYR D 508 6.20 10.84 -31.42
C TYR D 508 7.11 11.55 -32.43
N LEU D 509 7.32 10.91 -33.59
CA LEU D 509 8.35 11.33 -34.52
C LEU D 509 7.95 12.57 -35.33
N PHE D 510 8.86 13.55 -35.43
CA PHE D 510 8.64 14.75 -36.24
C PHE D 510 9.86 15.07 -37.12
#